data_1E61
#
_entry.id   1E61
#
_cell.length_a   71.189
_cell.length_b   118.141
_cell.length_c   235.163
_cell.angle_alpha   90.00
_cell.angle_beta   90.00
_cell.angle_gamma   90.00
#
_symmetry.space_group_name_H-M   'P 21 21 21'
#
loop_
_entity.id
_entity.type
_entity.pdbx_description
1 polymer 'Dimethyl sulfoxide/trimethylamine N-oxide reductase'
2 non-polymer '2-AMINO-5,6-DIMERCAPTO-7-METHYL-3,7,8A,9-TETRAHYDRO-8-OXA-1,3,9,10-TETRAAZA-ANTHRACEN-4-ONE GUANOSINE DINUCLEOTIDE'
3 non-polymer 'MOLYBDENUM (IV)OXIDE'
4 non-polymer 'SULFATE ION'
5 water water
#
_entity_poly.entity_id   1
_entity_poly.type   'polypeptide(L)'
_entity_poly.pdbx_seq_one_letter_code
;MTKFSGNELRAELYRRAFLSYSVAPGALGMFGRSLLAKGARAEALANGTVMSGSHWGVFTATVENGRATAFTPWEKDPHP
SPMLAGVLDSIYSPTRIKYPMVRREFLEKGVNADRSTRGNGDFVRVSWDQALDLVAAEVKRVEETYGPEGVFGGSYGWKS
PGRLHNCTTLLRRMLTLAGGYVNGAGDYSTGAAQVIMPHVVGTLEVYEQQTAWPVLAENTEVMVFWAADPIKTSQIGWVI
PEHGAYPGLEALKAKGTKVIVIDPVRTKTVEFFGAEHITPKPQTDVAIMLGMAHTLVAEDLYDKDFIANYTSGFDKFLPY
LDGETDSTPKTAEWAEGISGVPAETIKELARLFESKRTMLAAGWSMQRMHHGEQAHWMLVTLASMLGQIGLPGGGFGLSY
HYSGGGTPSTSGPALAGITDGGAATKGPEWLAASGASVIPVARVVDMLENPGAEFDFNGTRSKFPDVKMAYWVGGNPFVH
HQDRNRMVKAWEKLETFVVHDFQWTPTARHADIVLPATTSYERNDIETIGDYSNTGILAMKKIVEPLYEARSDYDIFAAV
AERLGKGAEFTEGKDEMGWIKSFYDDAAKQGKAAGVEMPAFDAFWAEGIVEFPVTDGADFVRYASFREDPLLNPLGTPTG
LIEIYSKNIEKMGYDDCPAHPTWMEPLERLDGPGAKYPLHIAASHPFNRLHSQLNGTVLREGYAVQGHEPCLMHPDDAAA
RGIADGDVVRVHNDRGQILTGVKVTDAVMKGVIQIYEGGWYDPSDVTEPGTLDKYGDVNVLSADIGTSKLAQGNCGQTVL
AEVEKYTGPAVTLTGFVAPKAAE
;
_entity_poly.pdbx_strand_id   A,C
#
# COMPACT_ATOMS: atom_id res chain seq x y z
N ALA A 46 22.00 -23.31 -37.15
CA ALA A 46 21.16 -24.35 -36.62
C ALA A 46 20.41 -25.18 -37.66
N ASN A 47 20.39 -26.48 -37.43
CA ASN A 47 19.66 -27.48 -38.19
C ASN A 47 19.04 -28.44 -37.15
N GLY A 48 17.80 -28.88 -37.34
CA GLY A 48 17.19 -29.73 -36.31
C GLY A 48 15.75 -29.34 -36.00
N THR A 49 15.19 -29.89 -34.92
CA THR A 49 13.81 -29.61 -34.52
C THR A 49 13.71 -29.19 -33.06
N VAL A 50 12.84 -28.20 -32.78
CA VAL A 50 12.66 -27.67 -31.44
C VAL A 50 11.15 -27.60 -31.14
N MET A 51 10.69 -27.94 -29.94
CA MET A 51 9.29 -27.86 -29.58
C MET A 51 8.99 -26.56 -28.83
N SER A 52 7.90 -25.90 -29.19
CA SER A 52 7.51 -24.66 -28.49
C SER A 52 5.98 -24.55 -28.55
N GLY A 53 5.40 -23.38 -28.25
CA GLY A 53 3.92 -23.31 -28.32
C GLY A 53 3.48 -21.84 -28.54
N SER A 54 2.18 -21.63 -28.65
CA SER A 54 1.62 -20.32 -28.97
C SER A 54 0.15 -20.24 -28.59
N HIS A 55 -0.54 -19.16 -28.94
CA HIS A 55 -1.99 -19.09 -28.74
C HIS A 55 -2.72 -20.08 -29.61
N TRP A 56 -2.10 -20.70 -30.62
CA TRP A 56 -2.74 -21.66 -31.52
C TRP A 56 -2.41 -23.11 -31.24
N GLY A 57 -1.46 -23.37 -30.33
CA GLY A 57 -1.18 -24.74 -29.90
C GLY A 57 0.31 -25.05 -29.77
N VAL A 58 0.61 -26.29 -29.39
CA VAL A 58 1.97 -26.80 -29.25
C VAL A 58 2.40 -27.28 -30.64
N PHE A 59 3.65 -27.04 -31.04
CA PHE A 59 4.14 -27.44 -32.33
C PHE A 59 5.63 -27.77 -32.27
N THR A 60 6.09 -28.41 -33.36
CA THR A 60 7.52 -28.65 -33.53
C THR A 60 8.03 -27.92 -34.75
N ALA A 61 9.10 -27.16 -34.65
CA ALA A 61 9.67 -26.41 -35.76
C ALA A 61 10.90 -27.11 -36.40
N THR A 62 10.93 -27.08 -37.72
CA THR A 62 12.08 -27.53 -38.50
C THR A 62 12.99 -26.32 -38.74
N VAL A 63 14.24 -26.41 -38.36
CA VAL A 63 15.15 -25.27 -38.53
C VAL A 63 16.27 -25.64 -39.50
N GLU A 64 16.34 -24.95 -40.62
CA GLU A 64 17.36 -25.24 -41.63
C GLU A 64 18.28 -24.03 -41.77
N ASN A 65 19.55 -24.27 -41.41
CA ASN A 65 20.54 -23.21 -41.40
C ASN A 65 20.04 -21.93 -40.74
N GLY A 66 19.63 -21.95 -39.48
CA GLY A 66 19.18 -20.76 -38.81
C GLY A 66 17.91 -20.08 -39.30
N ARG A 67 17.13 -20.71 -40.15
CA ARG A 67 15.85 -20.22 -40.61
C ARG A 67 14.80 -21.30 -40.27
N ALA A 68 13.67 -20.89 -39.69
CA ALA A 68 12.61 -21.88 -39.40
C ALA A 68 11.90 -22.18 -40.69
N THR A 69 11.74 -23.44 -41.14
CA THR A 69 11.09 -23.69 -42.42
C THR A 69 9.74 -24.37 -42.35
N ALA A 70 9.33 -24.87 -41.20
CA ALA A 70 8.01 -25.50 -41.04
C ALA A 70 7.65 -25.65 -39.57
N PHE A 71 6.39 -25.53 -39.23
CA PHE A 71 5.83 -25.72 -37.90
C PHE A 71 4.88 -26.93 -38.01
N THR A 72 5.16 -28.01 -37.30
CA THR A 72 4.27 -29.19 -37.39
C THR A 72 3.55 -29.35 -36.06
N PRO A 73 2.26 -29.64 -36.04
CA PRO A 73 1.53 -29.80 -34.82
C PRO A 73 2.01 -30.91 -33.90
N TRP A 74 1.79 -30.74 -32.60
CA TRP A 74 2.06 -31.74 -31.56
C TRP A 74 1.30 -33.00 -31.95
N GLU A 75 1.92 -34.19 -31.76
CA GLU A 75 1.23 -35.42 -32.14
C GLU A 75 0.09 -35.75 -31.17
N LYS A 76 0.05 -35.18 -29.97
CA LYS A 76 -1.08 -35.40 -29.07
C LYS A 76 -2.16 -34.34 -29.21
N ASP A 77 -2.07 -33.46 -30.20
CA ASP A 77 -3.13 -32.42 -30.33
C ASP A 77 -4.25 -33.04 -31.12
N PRO A 78 -5.45 -33.17 -30.58
CA PRO A 78 -6.54 -33.82 -31.29
C PRO A 78 -7.09 -33.08 -32.48
N HIS A 79 -6.82 -31.79 -32.64
CA HIS A 79 -7.38 -31.02 -33.75
C HIS A 79 -6.64 -29.69 -33.94
N PRO A 80 -5.48 -29.73 -34.60
CA PRO A 80 -4.66 -28.57 -34.84
C PRO A 80 -5.30 -27.51 -35.71
N SER A 81 -4.87 -26.25 -35.52
CA SER A 81 -5.38 -25.17 -36.35
C SER A 81 -4.55 -24.93 -37.60
N PRO A 82 -5.17 -24.71 -38.76
CA PRO A 82 -4.57 -24.37 -40.03
C PRO A 82 -3.85 -23.03 -40.05
N MET A 83 -4.07 -22.16 -39.06
CA MET A 83 -3.37 -20.90 -38.90
C MET A 83 -1.89 -21.06 -38.58
N LEU A 84 -1.41 -22.20 -38.09
CA LEU A 84 -0.01 -22.41 -37.78
C LEU A 84 0.93 -21.93 -38.88
N ALA A 85 0.60 -22.14 -40.14
CA ALA A 85 1.43 -21.72 -41.27
C ALA A 85 1.61 -20.20 -41.35
N GLY A 86 0.62 -19.43 -40.92
CA GLY A 86 0.73 -17.98 -40.89
C GLY A 86 1.56 -17.54 -39.70
N VAL A 87 1.56 -18.32 -38.62
CA VAL A 87 2.34 -17.98 -37.44
C VAL A 87 3.82 -17.98 -37.85
N LEU A 88 4.21 -19.02 -38.59
CA LEU A 88 5.60 -19.09 -39.08
C LEU A 88 5.95 -17.91 -39.96
N ASP A 89 5.08 -17.59 -40.89
CA ASP A 89 5.23 -16.48 -41.81
C ASP A 89 5.34 -15.12 -41.15
N SER A 90 4.67 -14.95 -40.02
CA SER A 90 4.70 -13.65 -39.33
C SER A 90 6.08 -13.31 -38.81
N ILE A 91 6.99 -14.28 -38.64
CA ILE A 91 8.34 -14.01 -38.22
C ILE A 91 9.09 -13.22 -39.31
N TYR A 92 8.84 -13.53 -40.57
CA TYR A 92 9.57 -13.06 -41.74
C TYR A 92 8.83 -12.22 -42.74
N SER A 93 7.53 -11.96 -42.60
CA SER A 93 6.79 -11.24 -43.63
C SER A 93 7.27 -9.82 -43.82
N PRO A 94 6.84 -9.19 -44.91
CA PRO A 94 7.20 -7.84 -45.28
C PRO A 94 6.81 -6.78 -44.26
N THR A 95 5.84 -7.08 -43.38
CA THR A 95 5.47 -6.12 -42.34
C THR A 95 6.18 -6.37 -41.02
N ARG A 96 7.25 -7.14 -40.99
CA ARG A 96 8.06 -7.33 -39.79
C ARG A 96 8.80 -6.02 -39.50
N ILE A 97 8.75 -5.51 -38.27
CA ILE A 97 9.42 -4.25 -37.92
C ILE A 97 10.91 -4.51 -37.70
N LYS A 98 11.75 -3.83 -38.48
CA LYS A 98 13.19 -4.10 -38.37
C LYS A 98 13.97 -3.27 -37.37
N TYR A 99 13.75 -1.96 -37.32
CA TYR A 99 14.52 -1.05 -36.48
C TYR A 99 13.68 -0.08 -35.67
N PRO A 100 14.31 0.55 -34.69
CA PRO A 100 13.64 1.59 -33.90
C PRO A 100 13.39 2.81 -34.77
N MET A 101 12.21 3.42 -34.76
CA MET A 101 11.88 4.57 -35.58
C MET A 101 11.22 5.69 -34.75
N VAL A 102 11.35 6.96 -35.14
CA VAL A 102 10.71 8.06 -34.45
C VAL A 102 9.96 8.88 -35.51
N ARG A 103 8.70 9.23 -35.28
CA ARG A 103 7.91 10.03 -36.22
C ARG A 103 8.65 11.35 -36.45
N ARG A 104 8.88 11.74 -37.71
CA ARG A 104 9.66 12.94 -37.96
C ARG A 104 9.18 14.19 -37.26
N GLU A 105 7.89 14.50 -37.27
CA GLU A 105 7.42 15.71 -36.60
C GLU A 105 7.68 15.73 -35.11
N PHE A 106 7.61 14.57 -34.48
CA PHE A 106 7.87 14.46 -33.05
C PHE A 106 9.35 14.66 -32.73
N LEU A 107 10.22 14.09 -33.55
CA LEU A 107 11.66 14.22 -33.39
C LEU A 107 12.06 15.70 -33.49
N GLU A 108 11.53 16.37 -34.50
CA GLU A 108 11.83 17.77 -34.74
C GLU A 108 11.21 18.75 -33.75
N LYS A 109 9.94 18.61 -33.39
CA LYS A 109 9.30 19.57 -32.50
C LYS A 109 8.73 19.06 -31.19
N GLY A 110 8.86 17.79 -30.84
CA GLY A 110 8.34 17.30 -29.57
C GLY A 110 6.86 17.60 -29.30
N VAL A 111 6.56 18.16 -28.14
CA VAL A 111 5.20 18.49 -27.75
C VAL A 111 4.50 19.49 -28.68
N ASN A 112 5.26 20.26 -29.44
CA ASN A 112 4.69 21.20 -30.41
C ASN A 112 4.55 20.62 -31.81
N ALA A 113 4.69 19.29 -31.98
CA ALA A 113 4.53 18.75 -33.33
C ALA A 113 3.08 18.85 -33.81
N ASP A 114 2.85 18.82 -35.10
CA ASP A 114 1.48 18.79 -35.64
C ASP A 114 0.99 17.34 -35.43
N ARG A 115 0.02 17.10 -34.58
CA ARG A 115 -0.41 15.72 -34.29
C ARG A 115 -1.43 15.15 -35.27
N SER A 116 -1.82 15.92 -36.27
CA SER A 116 -2.81 15.49 -37.22
C SER A 116 -2.24 14.60 -38.30
N THR A 117 -0.91 14.58 -38.47
CA THR A 117 -0.27 13.70 -39.44
C THR A 117 0.14 12.34 -38.86
N ARG A 118 -0.19 11.97 -37.63
CA ARG A 118 0.13 10.63 -37.12
C ARG A 118 -0.53 9.62 -38.06
N GLY A 119 0.12 8.54 -38.44
CA GLY A 119 -0.39 7.54 -39.38
C GLY A 119 0.07 7.72 -40.81
N ASN A 120 0.75 8.83 -41.15
CA ASN A 120 1.19 9.02 -42.54
C ASN A 120 2.47 8.33 -42.95
N GLY A 121 3.18 7.63 -42.07
CA GLY A 121 4.38 6.90 -42.48
C GLY A 121 5.65 7.75 -42.57
N ASP A 122 5.66 9.01 -42.18
CA ASP A 122 6.92 9.77 -42.28
C ASP A 122 7.76 9.51 -41.04
N PHE A 123 8.54 8.43 -41.06
CA PHE A 123 9.36 8.03 -39.92
C PHE A 123 10.85 8.22 -40.20
N VAL A 124 11.65 8.29 -39.16
CA VAL A 124 13.10 8.45 -39.21
C VAL A 124 13.77 7.34 -38.42
N ARG A 125 14.67 6.58 -39.03
CA ARG A 125 15.35 5.48 -38.33
C ARG A 125 16.40 5.97 -37.35
N VAL A 126 16.42 5.51 -36.10
CA VAL A 126 17.36 5.90 -35.10
C VAL A 126 18.03 4.72 -34.40
N SER A 127 19.17 4.99 -33.71
CA SER A 127 19.84 3.93 -32.99
C SER A 127 19.06 3.59 -31.72
N TRP A 128 19.25 2.37 -31.20
CA TRP A 128 18.63 1.98 -29.94
C TRP A 128 18.97 2.91 -28.79
N ASP A 129 20.24 3.33 -28.66
CA ASP A 129 20.59 4.22 -27.55
C ASP A 129 19.83 5.54 -27.61
N GLN A 130 19.69 6.12 -28.79
CA GLN A 130 18.91 7.35 -28.92
C GLN A 130 17.42 7.11 -28.62
N ALA A 131 16.88 5.97 -29.04
CA ALA A 131 15.46 5.69 -28.77
C ALA A 131 15.17 5.47 -27.30
N LEU A 132 15.96 4.65 -26.63
CA LEU A 132 15.81 4.37 -25.20
C LEU A 132 15.97 5.63 -24.36
N ASP A 133 16.93 6.51 -24.69
CA ASP A 133 17.08 7.79 -23.99
C ASP A 133 15.80 8.63 -24.10
N LEU A 134 15.26 8.71 -25.31
CA LEU A 134 14.04 9.47 -25.57
C LEU A 134 12.85 8.91 -24.81
N VAL A 135 12.66 7.59 -24.85
CA VAL A 135 11.54 7.01 -24.09
C VAL A 135 11.71 7.27 -22.61
N ALA A 136 12.89 7.03 -22.02
CA ALA A 136 13.06 7.32 -20.59
C ALA A 136 12.82 8.78 -20.25
N ALA A 137 13.23 9.70 -21.12
CA ALA A 137 13.06 11.13 -20.85
C ALA A 137 11.60 11.55 -20.85
N GLU A 138 10.80 10.94 -21.73
CA GLU A 138 9.36 11.24 -21.80
C GLU A 138 8.62 10.61 -20.63
N VAL A 139 8.99 9.40 -20.22
CA VAL A 139 8.32 8.84 -19.02
C VAL A 139 8.55 9.76 -17.82
N LYS A 140 9.81 10.16 -17.61
CA LYS A 140 10.18 11.01 -16.50
C LYS A 140 9.47 12.36 -16.50
N ARG A 141 9.44 12.99 -17.66
CA ARG A 141 8.83 14.30 -17.82
C ARG A 141 7.32 14.29 -17.53
N VAL A 142 6.64 13.27 -18.06
CA VAL A 142 5.20 13.20 -17.78
C VAL A 142 4.95 12.89 -16.33
N GLU A 143 5.69 11.97 -15.71
CA GLU A 143 5.51 11.66 -14.29
C GLU A 143 5.79 12.87 -13.39
N GLU A 144 6.86 13.61 -13.68
CA GLU A 144 7.18 14.80 -12.88
C GLU A 144 6.23 15.97 -13.09
N THR A 145 5.82 16.24 -14.33
CA THR A 145 4.92 17.37 -14.58
C THR A 145 3.45 17.11 -14.27
N TYR A 146 2.95 15.92 -14.59
CA TYR A 146 1.54 15.60 -14.44
C TYR A 146 1.17 14.58 -13.39
N GLY A 147 2.10 13.79 -12.90
CA GLY A 147 1.78 12.78 -11.88
C GLY A 147 1.43 11.46 -12.56
N PRO A 148 1.09 10.47 -11.75
CA PRO A 148 0.72 9.14 -12.23
C PRO A 148 -0.57 9.14 -13.03
N GLU A 149 -1.45 10.11 -12.73
CA GLU A 149 -2.68 10.31 -13.48
C GLU A 149 -2.40 10.73 -14.92
N GLY A 150 -1.24 11.21 -15.31
CA GLY A 150 -0.91 11.60 -16.66
C GLY A 150 -0.50 10.43 -17.59
N VAL A 151 -0.22 9.25 -17.07
CA VAL A 151 0.23 8.14 -17.91
C VAL A 151 -0.84 7.04 -18.02
N PHE A 152 -1.26 6.68 -19.25
CA PHE A 152 -2.24 5.58 -19.33
C PHE A 152 -1.48 4.27 -19.59
N GLY A 153 -1.62 3.30 -18.71
CA GLY A 153 -0.94 2.03 -18.84
C GLY A 153 -1.81 0.80 -18.96
N GLY A 154 -3.09 0.92 -19.27
CA GLY A 154 -3.97 -0.24 -19.40
C GLY A 154 -3.46 -1.19 -20.48
N SER A 155 -3.03 -0.66 -21.61
CA SER A 155 -2.43 -1.44 -22.68
C SER A 155 -3.16 -2.74 -22.98
N TYR A 156 -4.48 -2.67 -23.20
CA TYR A 156 -5.23 -3.89 -23.52
C TYR A 156 -4.71 -4.67 -24.70
N GLY A 157 -4.55 -6.01 -24.57
CA GLY A 157 -4.20 -6.81 -25.74
C GLY A 157 -4.01 -8.29 -25.48
N TRP A 158 -4.16 -9.10 -26.54
CA TRP A 158 -3.90 -10.53 -26.49
C TRP A 158 -2.45 -10.97 -26.52
N LYS A 159 -1.49 -10.14 -26.85
CA LYS A 159 -0.06 -10.43 -26.77
C LYS A 159 0.22 -11.88 -27.19
N SER A 160 1.10 -12.57 -26.51
CA SER A 160 1.48 -13.97 -26.72
C SER A 160 1.54 -14.62 -25.33
N PRO A 161 1.36 -15.93 -25.19
CA PRO A 161 1.50 -16.60 -23.91
C PRO A 161 2.96 -16.59 -23.42
N GLY A 162 3.16 -16.93 -22.16
CA GLY A 162 4.49 -16.95 -21.55
C GLY A 162 4.49 -16.30 -20.17
N ARG A 163 5.03 -16.98 -19.16
CA ARG A 163 5.06 -16.42 -17.80
C ARG A 163 6.15 -15.37 -17.61
N LEU A 164 7.28 -15.45 -18.34
CA LEU A 164 8.32 -14.43 -18.13
C LEU A 164 8.11 -13.29 -19.11
N HIS A 165 8.03 -13.61 -20.41
CA HIS A 165 7.88 -12.57 -21.44
C HIS A 165 6.41 -12.15 -21.62
N ASN A 166 5.84 -11.57 -20.58
CA ASN A 166 4.43 -11.11 -20.55
C ASN A 166 4.47 -9.59 -20.74
N CYS A 167 4.49 -9.10 -21.97
CA CYS A 167 4.78 -7.69 -22.23
C CYS A 167 3.91 -6.71 -21.49
N THR A 168 2.61 -6.99 -21.30
CA THR A 168 1.77 -5.98 -20.62
C THR A 168 2.02 -5.94 -19.12
N THR A 169 2.39 -7.07 -18.51
CA THR A 169 2.73 -7.06 -17.07
C THR A 169 4.09 -6.39 -16.90
N LEU A 170 5.01 -6.64 -17.84
CA LEU A 170 6.33 -5.99 -17.76
C LEU A 170 6.18 -4.46 -17.91
N LEU A 171 5.26 -4.00 -18.75
CA LEU A 171 5.02 -2.56 -18.91
C LEU A 171 4.57 -1.95 -17.59
N ARG A 172 3.64 -2.61 -16.89
CA ARG A 172 3.16 -2.13 -15.61
C ARG A 172 4.23 -2.22 -14.53
N ARG A 173 5.11 -3.23 -14.61
CA ARG A 173 6.22 -3.34 -13.67
C ARG A 173 7.16 -2.15 -13.80
N MET A 174 7.49 -1.69 -14.99
CA MET A 174 8.33 -0.54 -15.26
C MET A 174 7.65 0.75 -14.82
N LEU A 175 6.38 0.93 -15.22
CA LEU A 175 5.65 2.16 -14.87
C LEU A 175 5.42 2.34 -13.38
N THR A 176 5.29 1.26 -12.64
CA THR A 176 5.11 1.31 -11.18
C THR A 176 6.38 1.90 -10.58
N LEU A 177 7.55 1.47 -11.05
CA LEU A 177 8.86 1.97 -10.61
C LEU A 177 9.08 3.42 -11.01
N ALA A 178 8.40 3.86 -12.07
CA ALA A 178 8.42 5.25 -12.52
C ALA A 178 7.52 6.17 -11.71
N GLY A 179 6.59 5.71 -10.89
CA GLY A 179 5.73 6.61 -10.14
C GLY A 179 4.24 6.24 -10.21
N GLY A 180 3.89 5.37 -11.15
CA GLY A 180 2.47 5.00 -11.26
C GLY A 180 1.88 5.29 -12.63
N TYR A 181 0.64 4.83 -12.79
CA TYR A 181 -0.09 4.95 -14.05
C TYR A 181 -1.57 4.75 -13.89
N VAL A 182 -2.37 5.09 -14.91
CA VAL A 182 -3.81 4.81 -14.90
C VAL A 182 -4.02 3.42 -15.55
N ASN A 183 -4.87 2.59 -14.99
CA ASN A 183 -5.04 1.22 -15.54
C ASN A 183 -6.45 1.00 -16.08
N GLY A 184 -6.69 -0.11 -16.77
CA GLY A 184 -8.03 -0.38 -17.32
C GLY A 184 -8.68 -1.49 -16.50
N ALA A 185 -10.00 -1.58 -16.40
CA ALA A 185 -10.72 -2.63 -15.69
C ALA A 185 -11.61 -3.40 -16.67
N GLY A 186 -11.75 -4.72 -16.51
CA GLY A 186 -12.64 -5.51 -17.37
C GLY A 186 -11.94 -5.81 -18.69
N ASP A 187 -12.71 -6.21 -19.71
CA ASP A 187 -12.14 -6.56 -21.01
C ASP A 187 -13.18 -6.34 -22.11
N TYR A 188 -12.80 -6.56 -23.37
CA TYR A 188 -13.72 -6.40 -24.51
C TYR A 188 -14.55 -7.65 -24.79
N SER A 189 -14.34 -8.77 -24.10
CA SER A 189 -15.01 -10.04 -24.34
C SER A 189 -16.34 -10.25 -23.62
N THR A 190 -16.34 -9.99 -22.32
CA THR A 190 -17.51 -10.20 -21.48
C THR A 190 -17.70 -8.96 -20.59
N GLY A 191 -17.43 -7.79 -21.16
CA GLY A 191 -17.56 -6.52 -20.40
C GLY A 191 -18.86 -6.41 -19.61
N ALA A 192 -20.00 -6.80 -20.19
CA ALA A 192 -21.29 -6.74 -19.50
C ALA A 192 -21.55 -8.00 -18.66
N ALA A 193 -21.42 -9.20 -19.22
CA ALA A 193 -21.68 -10.44 -18.49
C ALA A 193 -20.83 -10.55 -17.23
N GLN A 194 -19.55 -10.17 -17.19
CA GLN A 194 -18.72 -10.34 -16.01
C GLN A 194 -19.09 -9.40 -14.86
N VAL A 195 -19.90 -8.38 -15.11
CA VAL A 195 -20.39 -7.50 -14.04
C VAL A 195 -21.77 -7.93 -13.55
N ILE A 196 -22.64 -8.42 -14.43
CA ILE A 196 -23.99 -8.80 -14.04
C ILE A 196 -24.03 -10.16 -13.38
N MET A 197 -23.16 -11.13 -13.72
CA MET A 197 -23.20 -12.45 -13.09
C MET A 197 -23.00 -12.44 -11.59
N PRO A 198 -22.06 -11.68 -11.04
CA PRO A 198 -21.86 -11.59 -9.59
C PRO A 198 -23.10 -11.09 -8.86
N HIS A 199 -23.90 -10.22 -9.48
CA HIS A 199 -25.14 -9.76 -8.87
C HIS A 199 -26.24 -10.83 -8.97
N VAL A 200 -26.13 -11.80 -9.88
CA VAL A 200 -27.24 -12.75 -10.07
C VAL A 200 -26.90 -14.13 -9.49
N VAL A 201 -25.69 -14.67 -9.73
CA VAL A 201 -25.37 -15.99 -9.21
C VAL A 201 -24.21 -15.90 -8.21
N GLY A 202 -23.73 -14.72 -7.90
CA GLY A 202 -22.70 -14.55 -6.89
C GLY A 202 -21.27 -14.85 -7.29
N THR A 203 -20.97 -15.15 -8.54
CA THR A 203 -19.62 -15.42 -8.99
C THR A 203 -19.44 -14.84 -10.41
N LEU A 204 -18.19 -14.79 -10.84
CA LEU A 204 -17.81 -14.32 -12.15
C LEU A 204 -18.53 -15.15 -13.23
N GLU A 205 -18.48 -16.44 -13.12
CA GLU A 205 -19.17 -17.41 -13.99
C GLU A 205 -18.63 -17.57 -15.40
N VAL A 206 -18.30 -16.48 -16.11
CA VAL A 206 -17.84 -16.57 -17.49
C VAL A 206 -16.48 -17.25 -17.64
N TYR A 207 -15.57 -17.15 -16.65
CA TYR A 207 -14.25 -17.76 -16.85
C TYR A 207 -14.02 -18.83 -15.78
N GLU A 208 -15.02 -19.70 -15.56
CA GLU A 208 -14.97 -20.74 -14.56
C GLU A 208 -15.26 -22.09 -15.24
N GLN A 209 -14.75 -23.15 -14.67
CA GLN A 209 -14.86 -24.49 -15.26
C GLN A 209 -16.32 -24.93 -15.37
N GLN A 210 -16.59 -25.58 -16.50
CA GLN A 210 -17.90 -26.07 -16.84
C GLN A 210 -18.12 -27.55 -16.48
N THR A 211 -19.39 -27.94 -16.44
CA THR A 211 -19.70 -29.36 -16.24
C THR A 211 -18.91 -30.09 -17.32
N ALA A 212 -18.20 -31.15 -16.96
CA ALA A 212 -17.33 -31.87 -17.88
C ALA A 212 -17.99 -32.47 -19.12
N TRP A 213 -17.24 -32.44 -20.21
CA TRP A 213 -17.69 -32.98 -21.50
C TRP A 213 -18.16 -34.43 -21.39
N PRO A 214 -17.46 -35.36 -20.79
CA PRO A 214 -17.94 -36.73 -20.63
C PRO A 214 -19.25 -36.83 -19.85
N VAL A 215 -19.54 -35.93 -18.89
CA VAL A 215 -20.82 -35.90 -18.19
C VAL A 215 -21.95 -35.53 -19.15
N LEU A 216 -21.73 -34.56 -20.04
CA LEU A 216 -22.72 -34.22 -21.05
C LEU A 216 -23.03 -35.40 -21.97
N ALA A 217 -21.99 -36.09 -22.45
CA ALA A 217 -22.20 -37.25 -23.33
C ALA A 217 -23.08 -38.33 -22.74
N GLU A 218 -23.00 -38.59 -21.45
CA GLU A 218 -23.81 -39.58 -20.79
C GLU A 218 -25.23 -39.14 -20.42
N ASN A 219 -25.39 -37.86 -20.10
CA ASN A 219 -26.67 -37.40 -19.56
C ASN A 219 -27.46 -36.38 -20.36
N THR A 220 -26.83 -35.56 -21.19
CA THR A 220 -27.59 -34.52 -21.90
C THR A 220 -28.41 -35.11 -23.06
N GLU A 221 -29.64 -34.65 -23.22
CA GLU A 221 -30.48 -35.08 -24.34
C GLU A 221 -30.60 -34.04 -25.45
N VAL A 222 -30.55 -32.76 -25.10
CA VAL A 222 -30.65 -31.61 -25.99
C VAL A 222 -29.54 -30.59 -25.64
N MET A 223 -28.63 -30.34 -26.55
CA MET A 223 -27.52 -29.41 -26.45
C MET A 223 -27.83 -28.17 -27.28
N VAL A 224 -27.92 -26.99 -26.67
CA VAL A 224 -28.25 -25.75 -27.35
C VAL A 224 -27.02 -24.83 -27.43
N PHE A 225 -26.63 -24.39 -28.62
CA PHE A 225 -25.54 -23.41 -28.74
C PHE A 225 -26.19 -22.07 -29.07
N TRP A 226 -26.28 -21.22 -28.06
CA TRP A 226 -26.99 -19.94 -28.18
C TRP A 226 -25.98 -18.82 -28.38
N ALA A 227 -25.92 -18.27 -29.63
CA ALA A 227 -24.94 -17.25 -29.94
C ALA A 227 -23.50 -17.71 -29.74
N ALA A 228 -23.20 -18.97 -30.14
CA ALA A 228 -21.89 -19.55 -29.97
C ALA A 228 -21.51 -20.40 -31.19
N ASP A 229 -20.26 -20.29 -31.60
CA ASP A 229 -19.75 -21.10 -32.72
C ASP A 229 -18.48 -21.76 -32.23
N PRO A 230 -18.57 -22.81 -31.44
CA PRO A 230 -17.40 -23.45 -30.84
C PRO A 230 -16.47 -24.06 -31.86
N ILE A 231 -16.94 -24.47 -33.05
CA ILE A 231 -16.00 -25.02 -34.04
C ILE A 231 -15.00 -23.94 -34.47
N LYS A 232 -15.49 -22.71 -34.69
CA LYS A 232 -14.62 -21.58 -35.00
C LYS A 232 -13.75 -21.09 -33.85
N THR A 233 -14.34 -20.82 -32.69
CA THR A 233 -13.60 -20.16 -31.59
C THR A 233 -12.78 -21.02 -30.66
N SER A 234 -12.86 -22.35 -30.78
CA SER A 234 -12.04 -23.19 -29.93
C SER A 234 -10.63 -23.41 -30.47
N GLN A 235 -10.25 -22.81 -31.60
CA GLN A 235 -8.91 -23.00 -32.17
C GLN A 235 -7.81 -22.38 -31.32
N ILE A 236 -8.14 -21.37 -30.53
CA ILE A 236 -7.06 -20.69 -29.77
C ILE A 236 -7.26 -20.78 -28.26
N GLY A 237 -6.23 -20.44 -27.50
CA GLY A 237 -6.33 -20.41 -26.03
C GLY A 237 -5.63 -19.15 -25.48
N TRP A 238 -5.96 -18.69 -24.27
CA TRP A 238 -5.21 -17.54 -23.66
C TRP A 238 -3.80 -18.03 -23.29
N VAL A 239 -3.73 -19.16 -22.60
CA VAL A 239 -2.48 -19.88 -22.39
C VAL A 239 -2.39 -20.89 -23.54
N ILE A 240 -1.50 -21.89 -23.55
CA ILE A 240 -1.48 -22.76 -24.73
C ILE A 240 -2.72 -23.66 -24.75
N PRO A 241 -3.42 -23.76 -25.87
CA PRO A 241 -4.64 -24.54 -25.96
C PRO A 241 -4.40 -26.04 -26.08
N GLU A 242 -5.32 -26.86 -25.56
CA GLU A 242 -5.20 -28.33 -25.72
C GLU A 242 -6.25 -28.81 -26.70
N HIS A 243 -7.06 -27.87 -27.24
CA HIS A 243 -8.13 -28.16 -28.19
C HIS A 243 -9.13 -29.20 -27.65
N GLY A 244 -9.41 -29.16 -26.35
CA GLY A 244 -10.29 -30.12 -25.69
C GLY A 244 -11.74 -30.16 -26.11
N ALA A 245 -12.27 -29.06 -26.67
CA ALA A 245 -13.64 -29.10 -27.16
C ALA A 245 -13.87 -30.05 -28.33
N TYR A 246 -12.93 -30.31 -29.25
CA TYR A 246 -13.22 -31.12 -30.44
C TYR A 246 -13.59 -32.56 -30.11
N PRO A 247 -12.89 -33.26 -29.21
CA PRO A 247 -13.31 -34.62 -28.82
C PRO A 247 -14.64 -34.60 -28.07
N GLY A 248 -14.87 -33.53 -27.31
CA GLY A 248 -16.12 -33.33 -26.58
C GLY A 248 -17.30 -33.17 -27.55
N LEU A 249 -17.13 -32.37 -28.61
CA LEU A 249 -18.20 -32.22 -29.61
C LEU A 249 -18.40 -33.51 -30.43
N GLU A 250 -17.29 -34.19 -30.74
CA GLU A 250 -17.37 -35.46 -31.48
C GLU A 250 -18.22 -36.48 -30.70
N ALA A 251 -18.01 -36.57 -29.38
CA ALA A 251 -18.76 -37.53 -28.55
C ALA A 251 -20.24 -37.23 -28.54
N LEU A 252 -20.65 -35.93 -28.51
CA LEU A 252 -22.06 -35.63 -28.62
C LEU A 252 -22.66 -36.14 -29.94
N LYS A 253 -21.94 -35.94 -31.04
CA LYS A 253 -22.40 -36.35 -32.37
C LYS A 253 -22.49 -37.88 -32.45
N ALA A 254 -21.52 -38.59 -31.87
CA ALA A 254 -21.49 -40.05 -31.84
C ALA A 254 -22.65 -40.71 -31.09
N LYS A 255 -23.16 -40.03 -30.07
CA LYS A 255 -24.26 -40.48 -29.24
C LYS A 255 -25.60 -40.07 -29.83
N GLY A 256 -25.63 -39.34 -30.93
CA GLY A 256 -26.86 -38.86 -31.54
C GLY A 256 -27.66 -37.87 -30.70
N THR A 257 -27.03 -37.06 -29.88
CA THR A 257 -27.76 -36.06 -29.06
C THR A 257 -28.34 -34.99 -29.96
N LYS A 258 -29.53 -34.47 -29.70
CA LYS A 258 -30.16 -33.42 -30.47
C LYS A 258 -29.44 -32.09 -30.24
N VAL A 259 -29.01 -31.42 -31.29
CA VAL A 259 -28.31 -30.13 -31.21
C VAL A 259 -29.10 -29.05 -31.97
N ILE A 260 -29.26 -27.91 -31.31
CA ILE A 260 -29.98 -26.74 -31.82
C ILE A 260 -29.02 -25.54 -31.83
N VAL A 261 -28.91 -24.80 -32.93
CA VAL A 261 -28.01 -23.62 -32.97
C VAL A 261 -28.88 -22.39 -33.21
N ILE A 262 -28.72 -21.38 -32.35
CA ILE A 262 -29.45 -20.12 -32.49
C ILE A 262 -28.45 -19.05 -32.88
N ASP A 263 -28.38 -18.70 -34.17
CA ASP A 263 -27.37 -17.80 -34.73
C ASP A 263 -27.85 -17.29 -36.08
N PRO A 264 -27.63 -16.02 -36.42
CA PRO A 264 -28.04 -15.44 -37.69
C PRO A 264 -27.30 -15.97 -38.90
N VAL A 265 -26.15 -16.62 -38.77
CA VAL A 265 -25.31 -17.18 -39.80
C VAL A 265 -25.29 -18.71 -39.70
N ARG A 266 -25.30 -19.40 -40.85
CA ARG A 266 -25.18 -20.87 -40.82
C ARG A 266 -23.69 -21.18 -40.73
N THR A 267 -23.17 -21.40 -39.51
CA THR A 267 -21.74 -21.56 -39.30
C THR A 267 -21.23 -22.99 -39.44
N LYS A 268 -19.94 -23.20 -39.17
CA LYS A 268 -19.38 -24.54 -39.18
C LYS A 268 -19.95 -25.41 -38.07
N THR A 269 -20.34 -24.81 -36.93
CA THR A 269 -20.98 -25.61 -35.87
C THR A 269 -22.31 -26.17 -36.38
N VAL A 270 -23.11 -25.42 -37.14
CA VAL A 270 -24.36 -25.96 -37.70
C VAL A 270 -24.03 -27.13 -38.65
N GLU A 271 -23.07 -26.88 -39.53
CA GLU A 271 -22.70 -27.94 -40.50
C GLU A 271 -22.17 -29.22 -39.88
N PHE A 272 -21.25 -29.11 -38.92
CA PHE A 272 -20.68 -30.26 -38.23
C PHE A 272 -21.74 -31.22 -37.69
N PHE A 273 -22.78 -30.69 -37.05
CA PHE A 273 -23.81 -31.52 -36.45
C PHE A 273 -25.01 -31.75 -37.37
N GLY A 274 -25.15 -30.99 -38.43
CA GLY A 274 -26.41 -31.04 -39.22
C GLY A 274 -27.51 -30.57 -38.25
N ALA A 275 -27.24 -29.53 -37.43
CA ALA A 275 -28.15 -29.07 -36.42
C ALA A 275 -29.40 -28.34 -36.86
N GLU A 276 -30.42 -28.33 -36.00
CA GLU A 276 -31.63 -27.55 -36.27
C GLU A 276 -31.17 -26.08 -36.12
N HIS A 277 -31.50 -25.23 -37.08
CA HIS A 277 -30.95 -23.85 -37.04
C HIS A 277 -32.00 -22.77 -36.96
N ILE A 278 -31.93 -21.96 -35.93
CA ILE A 278 -32.93 -20.89 -35.73
C ILE A 278 -32.20 -19.57 -36.02
N THR A 279 -32.76 -18.68 -36.83
CA THR A 279 -32.07 -17.45 -37.20
C THR A 279 -32.86 -16.23 -36.74
N PRO A 280 -32.54 -15.68 -35.59
CA PRO A 280 -33.17 -14.46 -35.11
C PRO A 280 -32.60 -13.20 -35.71
N LYS A 281 -33.36 -12.11 -35.80
CA LYS A 281 -32.67 -10.86 -36.24
C LYS A 281 -31.71 -10.52 -35.11
N PRO A 282 -30.47 -10.16 -35.40
CA PRO A 282 -29.52 -9.79 -34.37
C PRO A 282 -30.05 -8.75 -33.41
N GLN A 283 -29.71 -8.85 -32.13
CA GLN A 283 -30.06 -8.04 -30.99
C GLN A 283 -31.48 -8.30 -30.48
N THR A 284 -32.13 -9.43 -30.85
CA THR A 284 -33.49 -9.71 -30.40
C THR A 284 -33.58 -10.98 -29.55
N ASP A 285 -32.46 -11.56 -29.13
CA ASP A 285 -32.51 -12.79 -28.33
C ASP A 285 -33.27 -12.68 -27.03
N VAL A 286 -33.17 -11.57 -26.29
CA VAL A 286 -33.89 -11.41 -25.03
C VAL A 286 -35.40 -11.49 -25.27
N ALA A 287 -35.91 -10.97 -26.38
CA ALA A 287 -37.34 -11.08 -26.68
C ALA A 287 -37.77 -12.54 -26.88
N ILE A 288 -36.96 -13.33 -27.58
CA ILE A 288 -37.30 -14.76 -27.72
C ILE A 288 -37.35 -15.46 -26.36
N MET A 289 -36.36 -15.18 -25.48
CA MET A 289 -36.32 -15.77 -24.16
C MET A 289 -37.58 -15.43 -23.36
N LEU A 290 -38.03 -14.18 -23.43
CA LEU A 290 -39.20 -13.75 -22.68
C LEU A 290 -40.43 -14.53 -23.14
N GLY A 291 -40.63 -14.70 -24.43
CA GLY A 291 -41.69 -15.45 -25.09
C GLY A 291 -41.67 -16.92 -24.67
N MET A 292 -40.50 -17.53 -24.55
CA MET A 292 -40.43 -18.89 -24.02
C MET A 292 -40.91 -18.94 -22.56
N ALA A 293 -40.44 -18.03 -21.71
CA ALA A 293 -40.80 -17.94 -20.30
C ALA A 293 -42.32 -17.77 -20.13
N HIS A 294 -42.92 -16.91 -20.93
CA HIS A 294 -44.34 -16.65 -20.93
C HIS A 294 -45.10 -17.94 -21.25
N THR A 295 -44.62 -18.68 -22.23
CA THR A 295 -45.22 -19.95 -22.65
C THR A 295 -45.20 -20.94 -21.50
N LEU A 296 -44.09 -21.08 -20.77
CA LEU A 296 -43.99 -22.01 -19.66
C LEU A 296 -44.95 -21.64 -18.51
N VAL A 297 -45.21 -20.35 -18.32
CA VAL A 297 -46.12 -19.89 -17.29
C VAL A 297 -47.57 -20.14 -17.71
N ALA A 298 -47.94 -19.75 -18.93
CA ALA A 298 -49.29 -19.91 -19.42
C ALA A 298 -49.74 -21.36 -19.56
N GLU A 299 -48.83 -22.26 -19.89
CA GLU A 299 -49.20 -23.68 -20.00
C GLU A 299 -48.99 -24.43 -18.70
N ASP A 300 -48.58 -23.73 -17.66
CA ASP A 300 -48.31 -24.26 -16.34
C ASP A 300 -47.28 -25.39 -16.34
N LEU A 301 -46.17 -25.18 -17.05
CA LEU A 301 -45.16 -26.21 -17.17
C LEU A 301 -43.90 -26.04 -16.33
N TYR A 302 -43.63 -24.82 -15.90
CA TYR A 302 -42.38 -24.54 -15.19
C TYR A 302 -42.22 -25.21 -13.84
N ASP A 303 -40.98 -25.24 -13.36
CA ASP A 303 -40.68 -25.88 -12.07
C ASP A 303 -40.88 -24.95 -10.89
N LYS A 304 -42.10 -24.97 -10.36
CA LYS A 304 -42.48 -24.12 -9.23
C LYS A 304 -41.70 -24.42 -7.97
N ASP A 305 -41.29 -25.66 -7.73
CA ASP A 305 -40.49 -25.98 -6.55
C ASP A 305 -39.07 -25.44 -6.69
N PHE A 306 -38.42 -25.52 -7.86
CA PHE A 306 -37.06 -24.97 -7.99
C PHE A 306 -37.14 -23.45 -7.78
N ILE A 307 -38.16 -22.83 -8.36
CA ILE A 307 -38.37 -21.41 -8.21
C ILE A 307 -38.57 -21.01 -6.76
N ALA A 308 -39.43 -21.72 -6.04
CA ALA A 308 -39.67 -21.40 -4.63
C ALA A 308 -38.52 -21.66 -3.67
N ASN A 309 -37.68 -22.65 -3.95
CA ASN A 309 -36.63 -23.05 -3.04
C ASN A 309 -35.22 -22.57 -3.33
N TYR A 310 -34.88 -22.21 -4.57
CA TYR A 310 -33.53 -21.85 -4.95
C TYR A 310 -33.36 -20.47 -5.57
N THR A 311 -34.41 -19.68 -5.75
CA THR A 311 -34.31 -18.35 -6.34
C THR A 311 -35.01 -17.29 -5.48
N SER A 312 -34.75 -16.03 -5.74
CA SER A 312 -35.39 -14.93 -5.04
C SER A 312 -35.88 -13.86 -6.01
N GLY A 313 -37.11 -13.36 -5.88
CA GLY A 313 -37.61 -12.26 -6.72
C GLY A 313 -38.49 -12.58 -7.89
N PHE A 314 -38.86 -13.85 -8.09
CA PHE A 314 -39.71 -14.25 -9.22
C PHE A 314 -41.08 -13.57 -9.17
N ASP A 315 -41.61 -13.39 -7.96
CA ASP A 315 -42.89 -12.73 -7.73
C ASP A 315 -42.85 -11.29 -8.23
N LYS A 316 -41.70 -10.63 -8.19
CA LYS A 316 -41.56 -9.28 -8.71
C LYS A 316 -41.41 -9.24 -10.22
N PHE A 317 -40.92 -10.31 -10.83
CA PHE A 317 -40.72 -10.42 -12.27
C PHE A 317 -41.98 -10.81 -13.03
N LEU A 318 -42.80 -11.68 -12.45
CA LEU A 318 -44.05 -12.15 -13.07
C LEU A 318 -45.02 -11.13 -13.61
N PRO A 319 -45.34 -10.05 -12.93
CA PRO A 319 -46.23 -8.98 -13.35
C PRO A 319 -45.79 -8.33 -14.67
N TYR A 320 -44.48 -8.14 -14.82
CA TYR A 320 -43.83 -7.69 -16.04
C TYR A 320 -43.99 -8.71 -17.15
N LEU A 321 -43.72 -9.99 -16.85
CA LEU A 321 -43.87 -11.03 -17.86
C LEU A 321 -45.29 -11.14 -18.40
N ASP A 322 -46.28 -11.03 -17.50
CA ASP A 322 -47.69 -11.15 -17.80
C ASP A 322 -48.31 -9.88 -18.38
N GLY A 323 -47.62 -8.76 -18.33
CA GLY A 323 -48.13 -7.53 -18.93
C GLY A 323 -48.98 -6.65 -18.04
N GLU A 324 -48.99 -6.90 -16.75
CA GLU A 324 -49.74 -6.08 -15.80
C GLU A 324 -49.18 -4.67 -15.60
N THR A 325 -47.86 -4.55 -15.69
CA THR A 325 -47.21 -3.26 -15.48
C THR A 325 -47.20 -2.37 -16.70
N ASP A 326 -47.27 -2.93 -17.90
CA ASP A 326 -47.21 -2.14 -19.12
C ASP A 326 -48.22 -2.48 -20.18
N SER A 327 -49.27 -3.26 -19.88
CA SER A 327 -50.28 -3.66 -20.83
C SER A 327 -49.73 -4.48 -22.00
N THR A 328 -48.57 -5.11 -21.82
CA THR A 328 -47.97 -5.83 -22.94
C THR A 328 -47.47 -7.21 -22.52
N PRO A 329 -48.33 -8.20 -22.60
CA PRO A 329 -47.97 -9.58 -22.28
C PRO A 329 -46.85 -9.98 -23.21
N LYS A 330 -45.78 -10.55 -22.64
CA LYS A 330 -44.61 -10.93 -23.44
C LYS A 330 -44.79 -12.30 -24.08
N THR A 331 -45.82 -12.48 -24.87
CA THR A 331 -46.16 -13.72 -25.54
C THR A 331 -45.20 -14.12 -26.65
N ALA A 332 -45.30 -15.37 -27.11
CA ALA A 332 -44.52 -15.84 -28.25
C ALA A 332 -44.84 -15.03 -29.51
N GLU A 333 -46.09 -14.58 -29.67
CA GLU A 333 -46.55 -13.77 -30.79
C GLU A 333 -45.91 -12.38 -30.77
N TRP A 334 -45.85 -11.80 -29.57
CA TRP A 334 -45.16 -10.52 -29.40
C TRP A 334 -43.70 -10.72 -29.78
N ALA A 335 -43.08 -11.81 -29.32
CA ALA A 335 -41.69 -12.11 -29.61
C ALA A 335 -41.41 -12.29 -31.10
N GLU A 336 -42.32 -12.90 -31.88
CA GLU A 336 -42.21 -13.04 -33.31
C GLU A 336 -42.18 -11.68 -34.01
N GLY A 337 -43.00 -10.73 -33.56
CA GLY A 337 -43.06 -9.39 -34.14
C GLY A 337 -41.70 -8.67 -34.06
N ILE A 338 -40.97 -8.86 -32.97
CA ILE A 338 -39.64 -8.25 -32.83
C ILE A 338 -38.53 -9.04 -33.50
N SER A 339 -38.43 -10.35 -33.27
CA SER A 339 -37.32 -11.15 -33.74
C SER A 339 -37.44 -11.80 -35.10
N GLY A 340 -38.65 -11.93 -35.63
CA GLY A 340 -38.89 -12.62 -36.90
C GLY A 340 -38.98 -14.13 -36.79
N VAL A 341 -38.83 -14.73 -35.61
CA VAL A 341 -38.88 -16.20 -35.48
C VAL A 341 -40.34 -16.58 -35.22
N PRO A 342 -40.91 -17.47 -36.00
CA PRO A 342 -42.29 -17.90 -35.80
C PRO A 342 -42.70 -18.22 -34.37
N ALA A 343 -43.86 -17.68 -33.95
CA ALA A 343 -44.40 -17.94 -32.62
C ALA A 343 -44.53 -19.43 -32.26
N GLU A 344 -45.00 -20.27 -33.18
CA GLU A 344 -45.11 -21.70 -32.91
C GLU A 344 -43.77 -22.38 -32.66
N THR A 345 -42.72 -21.92 -33.31
CA THR A 345 -41.36 -22.44 -33.09
C THR A 345 -40.90 -22.07 -31.71
N ILE A 346 -41.13 -20.83 -31.26
CA ILE A 346 -40.76 -20.38 -29.93
C ILE A 346 -41.45 -21.24 -28.87
N LYS A 347 -42.75 -21.55 -29.03
CA LYS A 347 -43.46 -22.36 -28.05
C LYS A 347 -42.94 -23.80 -28.03
N GLU A 348 -42.70 -24.37 -29.20
CA GLU A 348 -42.18 -25.74 -29.29
C GLU A 348 -40.80 -25.92 -28.66
N LEU A 349 -39.93 -24.93 -28.91
CA LEU A 349 -38.61 -25.01 -28.27
C LEU A 349 -38.78 -25.03 -26.75
N ALA A 350 -39.63 -24.15 -26.21
CA ALA A 350 -39.85 -24.06 -24.77
C ALA A 350 -40.30 -25.39 -24.15
N ARG A 351 -41.30 -26.01 -24.76
CA ARG A 351 -41.82 -27.29 -24.32
C ARG A 351 -40.78 -28.39 -24.34
N LEU A 352 -39.93 -28.42 -25.36
CA LEU A 352 -38.87 -29.39 -25.52
C LEU A 352 -37.83 -29.28 -24.41
N PHE A 353 -37.42 -28.04 -24.14
CA PHE A 353 -36.42 -27.79 -23.11
C PHE A 353 -36.93 -28.19 -21.73
N GLU A 354 -38.23 -28.03 -21.45
CA GLU A 354 -38.75 -28.40 -20.14
C GLU A 354 -38.88 -29.92 -19.96
N SER A 355 -39.10 -30.63 -21.07
CA SER A 355 -39.29 -32.08 -21.00
C SER A 355 -38.09 -32.97 -21.20
N LYS A 356 -36.91 -32.45 -21.54
CA LYS A 356 -35.71 -33.22 -21.73
C LYS A 356 -34.55 -32.62 -20.93
N ARG A 357 -33.55 -33.43 -20.62
CA ARG A 357 -32.36 -32.90 -19.93
C ARG A 357 -31.62 -32.01 -20.94
N THR A 358 -31.63 -30.70 -20.69
CA THR A 358 -31.13 -29.71 -21.63
C THR A 358 -29.99 -28.84 -21.10
N MET A 359 -28.95 -28.62 -21.89
CA MET A 359 -27.84 -27.73 -21.52
C MET A 359 -27.89 -26.50 -22.41
N LEU A 360 -27.97 -25.30 -21.83
CA LEU A 360 -27.96 -24.05 -22.59
C LEU A 360 -26.53 -23.53 -22.64
N ALA A 361 -25.81 -23.69 -23.74
CA ALA A 361 -24.41 -23.22 -23.87
C ALA A 361 -24.44 -21.90 -24.61
N ALA A 362 -24.11 -20.76 -23.96
CA ALA A 362 -24.25 -19.48 -24.64
C ALA A 362 -22.92 -18.80 -24.90
N GLY A 363 -22.76 -18.12 -26.02
CA GLY A 363 -21.56 -17.40 -26.40
C GLY A 363 -21.69 -15.92 -25.99
N TRP A 364 -20.69 -15.14 -26.39
CA TRP A 364 -20.60 -13.76 -25.88
C TRP A 364 -20.91 -12.62 -26.83
N SER A 365 -21.16 -12.89 -28.12
CA SER A 365 -21.54 -11.84 -29.06
C SER A 365 -22.76 -11.04 -28.65
N MET A 366 -23.80 -11.73 -28.14
CA MET A 366 -25.04 -11.11 -27.72
C MET A 366 -24.93 -10.23 -26.48
N GLN A 367 -23.82 -10.16 -25.75
CA GLN A 367 -23.69 -9.16 -24.66
C GLN A 367 -22.63 -8.13 -25.07
N ARG A 368 -22.12 -8.21 -26.31
CA ARG A 368 -21.15 -7.22 -26.83
C ARG A 368 -21.94 -6.20 -27.62
N MET A 369 -23.05 -5.70 -27.05
CA MET A 369 -24.09 -4.92 -27.70
C MET A 369 -24.84 -4.03 -26.70
N HIS A 370 -25.60 -3.04 -27.16
CA HIS A 370 -26.30 -2.12 -26.26
C HIS A 370 -27.25 -2.85 -25.34
N HIS A 371 -27.24 -2.56 -24.02
CA HIS A 371 -28.00 -3.28 -23.03
C HIS A 371 -27.58 -4.76 -22.90
N GLY A 372 -26.33 -5.05 -23.11
CA GLY A 372 -25.79 -6.42 -23.13
C GLY A 372 -25.94 -7.18 -21.83
N GLU A 373 -26.05 -6.53 -20.68
CA GLU A 373 -26.29 -7.20 -19.42
C GLU A 373 -27.60 -8.03 -19.40
N GLN A 374 -28.61 -7.64 -20.17
CA GLN A 374 -29.89 -8.38 -20.11
C GLN A 374 -29.85 -9.78 -20.68
N ALA A 375 -28.97 -10.04 -21.64
CA ALA A 375 -28.94 -11.34 -22.32
C ALA A 375 -28.62 -12.54 -21.44
N HIS A 376 -27.57 -12.52 -20.65
CA HIS A 376 -27.20 -13.69 -19.83
C HIS A 376 -27.99 -13.66 -18.53
N TRP A 377 -28.47 -12.48 -18.11
CA TRP A 377 -29.33 -12.40 -16.92
C TRP A 377 -30.66 -13.11 -17.26
N MET A 378 -31.18 -12.82 -18.48
CA MET A 378 -32.44 -13.48 -18.91
C MET A 378 -32.21 -14.96 -19.19
N LEU A 379 -31.03 -15.35 -19.70
CA LEU A 379 -30.78 -16.79 -19.91
C LEU A 379 -30.78 -17.59 -18.60
N VAL A 380 -30.20 -17.02 -17.54
CA VAL A 380 -30.14 -17.67 -16.23
C VAL A 380 -31.55 -17.74 -15.64
N THR A 381 -32.38 -16.72 -15.88
CA THR A 381 -33.78 -16.73 -15.45
C THR A 381 -34.57 -17.83 -16.13
N LEU A 382 -34.39 -18.00 -17.43
CA LEU A 382 -35.06 -19.10 -18.16
C LEU A 382 -34.55 -20.45 -17.64
N ALA A 383 -33.22 -20.61 -17.45
CA ALA A 383 -32.68 -21.86 -16.92
C ALA A 383 -33.24 -22.14 -15.52
N SER A 384 -33.56 -21.16 -14.68
CA SER A 384 -34.12 -21.41 -13.36
C SER A 384 -35.55 -21.96 -13.47
N MET A 385 -36.32 -21.43 -14.42
CA MET A 385 -37.68 -21.90 -14.68
C MET A 385 -37.71 -23.34 -15.17
N LEU A 386 -36.69 -23.77 -15.94
CA LEU A 386 -36.58 -25.14 -16.38
C LEU A 386 -36.23 -26.06 -15.22
N GLY A 387 -35.57 -25.55 -14.19
CA GLY A 387 -35.24 -26.26 -12.99
C GLY A 387 -34.20 -27.35 -13.03
N GLN A 388 -33.25 -27.31 -13.98
CA GLN A 388 -32.25 -28.38 -14.04
C GLN A 388 -30.86 -27.95 -13.60
N ILE A 389 -30.70 -26.75 -13.04
CA ILE A 389 -29.39 -26.26 -12.62
C ILE A 389 -28.83 -27.16 -11.52
N GLY A 390 -27.60 -27.64 -11.68
CA GLY A 390 -27.02 -28.52 -10.65
C GLY A 390 -27.24 -30.00 -10.98
N LEU A 391 -28.03 -30.36 -11.99
CA LEU A 391 -28.17 -31.78 -12.37
C LEU A 391 -27.11 -32.14 -13.42
N PRO A 392 -26.69 -33.40 -13.49
CA PRO A 392 -25.71 -33.84 -14.47
C PRO A 392 -26.23 -33.63 -15.88
N GLY A 393 -25.52 -32.87 -16.72
CA GLY A 393 -25.96 -32.61 -18.08
C GLY A 393 -26.99 -31.51 -18.30
N GLY A 394 -27.50 -30.89 -17.25
CA GLY A 394 -28.49 -29.82 -17.38
C GLY A 394 -28.00 -28.48 -16.87
N GLY A 395 -28.79 -27.44 -17.13
CA GLY A 395 -28.50 -26.09 -16.66
C GLY A 395 -28.02 -25.16 -17.77
N PHE A 396 -26.93 -24.42 -17.52
CA PHE A 396 -26.38 -23.51 -18.50
C PHE A 396 -24.86 -23.50 -18.42
N GLY A 397 -24.19 -22.96 -19.44
CA GLY A 397 -22.71 -22.88 -19.40
C GLY A 397 -22.26 -21.69 -20.27
N LEU A 398 -21.36 -20.86 -19.73
CA LEU A 398 -20.91 -19.68 -20.48
C LEU A 398 -19.48 -19.78 -20.99
N SER A 399 -18.86 -20.97 -20.99
CA SER A 399 -17.51 -21.06 -21.53
C SER A 399 -17.29 -22.34 -22.33
N TYR A 400 -18.29 -22.97 -22.94
CA TYR A 400 -18.00 -24.18 -23.76
C TYR A 400 -17.37 -23.82 -25.09
N HIS A 401 -17.34 -22.54 -25.50
CA HIS A 401 -16.78 -22.09 -26.77
C HIS A 401 -15.43 -21.40 -26.61
N TYR A 402 -14.87 -21.37 -25.41
CA TYR A 402 -13.63 -20.59 -25.22
C TYR A 402 -12.61 -21.33 -24.40
N SER A 403 -11.39 -21.47 -24.92
CA SER A 403 -10.25 -22.02 -24.23
C SER A 403 -10.41 -23.36 -23.55
N GLY A 404 -11.18 -24.29 -24.12
CA GLY A 404 -11.32 -25.63 -23.55
C GLY A 404 -12.27 -25.79 -22.41
N GLY A 405 -13.08 -24.82 -22.03
CA GLY A 405 -14.03 -24.94 -20.92
C GLY A 405 -14.78 -26.27 -21.02
N GLY A 406 -14.76 -27.08 -19.95
CA GLY A 406 -15.40 -28.40 -19.99
C GLY A 406 -14.37 -29.52 -20.12
N THR A 407 -13.14 -29.24 -20.54
CA THR A 407 -12.15 -30.35 -20.61
C THR A 407 -11.79 -30.72 -19.18
N PRO A 408 -11.83 -32.00 -18.80
CA PRO A 408 -11.53 -32.40 -17.44
C PRO A 408 -10.23 -31.82 -16.89
N SER A 409 -10.28 -31.28 -15.67
CA SER A 409 -9.12 -30.72 -15.00
C SER A 409 -8.30 -31.83 -14.36
N THR A 410 -6.99 -31.64 -14.36
CA THR A 410 -6.05 -32.54 -13.72
C THR A 410 -5.83 -32.13 -12.27
N SER A 411 -4.99 -32.90 -11.56
CA SER A 411 -4.65 -32.54 -10.20
C SER A 411 -3.29 -31.84 -10.08
N GLY A 412 -2.71 -31.34 -11.15
CA GLY A 412 -1.44 -30.61 -11.12
C GLY A 412 -1.51 -29.27 -10.43
N PRO A 413 -0.32 -28.72 -10.09
CA PRO A 413 -0.22 -27.43 -9.44
C PRO A 413 -0.37 -26.32 -10.47
N ALA A 414 -0.58 -25.10 -9.98
CA ALA A 414 -0.74 -23.94 -10.84
C ALA A 414 0.62 -23.29 -11.06
N LEU A 415 0.88 -22.69 -12.20
CA LEU A 415 2.13 -22.04 -12.52
C LEU A 415 1.93 -20.53 -12.41
N ALA A 416 2.82 -19.83 -11.73
CA ALA A 416 2.75 -18.39 -11.60
C ALA A 416 3.91 -17.75 -12.37
N GLY A 417 3.87 -16.45 -12.67
CA GLY A 417 4.91 -15.76 -13.40
C GLY A 417 5.35 -14.44 -12.77
N ILE A 418 6.01 -13.62 -13.59
CA ILE A 418 6.50 -12.32 -13.11
C ILE A 418 5.31 -11.43 -12.77
N THR A 419 5.47 -10.59 -11.73
CA THR A 419 4.38 -9.73 -11.30
C THR A 419 4.68 -8.26 -11.57
N ASP A 420 3.71 -7.37 -11.31
CA ASP A 420 3.99 -5.96 -11.57
C ASP A 420 4.62 -5.25 -10.38
N GLY A 421 4.80 -5.89 -9.24
CA GLY A 421 5.41 -5.28 -8.09
C GLY A 421 4.53 -4.45 -7.18
N GLY A 422 3.30 -4.12 -7.55
CA GLY A 422 2.43 -3.34 -6.69
C GLY A 422 2.29 -3.94 -5.29
N GLY A 435 -8.42 12.47 -10.31
CA GLY A 435 -9.11 11.60 -11.27
C GLY A 435 -8.96 10.14 -10.85
N ALA A 436 -9.77 9.26 -11.41
CA ALA A 436 -9.74 7.85 -11.11
C ALA A 436 -8.40 7.24 -11.53
N SER A 437 -8.03 6.19 -10.79
CA SER A 437 -6.80 5.47 -11.14
C SER A 437 -7.15 4.30 -12.07
N VAL A 438 -8.46 4.02 -12.20
CA VAL A 438 -8.91 2.90 -13.03
C VAL A 438 -10.19 3.26 -13.83
N ILE A 439 -10.27 2.93 -15.12
CA ILE A 439 -11.45 3.13 -15.93
C ILE A 439 -11.85 1.84 -16.66
N PRO A 440 -13.15 1.65 -16.93
CA PRO A 440 -13.58 0.50 -17.73
C PRO A 440 -12.80 0.56 -19.04
N VAL A 441 -12.24 -0.54 -19.58
CA VAL A 441 -11.35 -0.42 -20.74
C VAL A 441 -11.93 0.27 -21.96
N ALA A 442 -13.22 0.09 -22.30
CA ALA A 442 -13.74 0.70 -23.51
C ALA A 442 -14.11 2.17 -23.39
N ARG A 443 -13.88 2.78 -22.21
CA ARG A 443 -14.15 4.20 -22.06
C ARG A 443 -12.86 5.00 -22.33
N VAL A 444 -11.85 4.41 -22.96
CA VAL A 444 -10.59 5.11 -23.23
C VAL A 444 -10.75 6.37 -24.07
N VAL A 445 -11.60 6.40 -25.10
CA VAL A 445 -11.77 7.61 -25.90
C VAL A 445 -12.64 8.64 -25.17
N ASP A 446 -13.68 8.19 -24.43
CA ASP A 446 -14.45 9.13 -23.62
C ASP A 446 -13.51 9.87 -22.65
N MET A 447 -12.63 9.14 -22.02
CA MET A 447 -11.63 9.65 -21.08
C MET A 447 -10.78 10.74 -21.70
N LEU A 448 -10.25 10.56 -22.90
CA LEU A 448 -9.47 11.53 -23.62
C LEU A 448 -10.28 12.77 -24.02
N GLU A 449 -11.54 12.60 -24.40
CA GLU A 449 -12.34 13.77 -24.73
C GLU A 449 -12.82 14.55 -23.52
N ASN A 450 -12.93 13.99 -22.32
CA ASN A 450 -13.54 14.64 -21.18
C ASN A 450 -12.80 14.55 -19.86
N PRO A 451 -11.56 15.01 -19.80
CA PRO A 451 -10.78 14.97 -18.57
C PRO A 451 -11.51 15.73 -17.49
N GLY A 452 -11.60 15.12 -16.30
CA GLY A 452 -12.28 15.74 -15.18
C GLY A 452 -13.76 15.43 -15.08
N ALA A 453 -14.40 14.87 -16.12
CA ALA A 453 -15.85 14.64 -16.04
C ALA A 453 -16.17 13.38 -15.26
N GLU A 454 -17.38 13.26 -14.71
CA GLU A 454 -17.76 12.09 -13.92
C GLU A 454 -18.37 10.98 -14.77
N PHE A 455 -18.22 9.74 -14.34
CA PHE A 455 -18.87 8.62 -15.04
C PHE A 455 -19.43 7.65 -14.01
N ASP A 456 -20.47 6.91 -14.37
CA ASP A 456 -21.07 5.91 -13.52
C ASP A 456 -20.47 4.53 -13.82
N PHE A 457 -20.33 3.67 -12.83
CA PHE A 457 -19.82 2.31 -13.10
C PHE A 457 -20.17 1.40 -11.92
N ASN A 458 -21.09 0.46 -12.12
CA ASN A 458 -21.48 -0.50 -11.10
C ASN A 458 -21.79 0.04 -9.70
N GLY A 459 -22.56 1.12 -9.61
CA GLY A 459 -22.96 1.65 -8.32
C GLY A 459 -22.08 2.77 -7.78
N THR A 460 -20.98 3.09 -8.46
CA THR A 460 -20.08 4.15 -8.02
C THR A 460 -19.90 5.23 -9.08
N ARG A 461 -19.56 6.44 -8.65
CA ARG A 461 -19.32 7.59 -9.49
C ARG A 461 -17.88 8.07 -9.38
N SER A 462 -17.18 8.25 -10.49
CA SER A 462 -15.80 8.69 -10.44
C SER A 462 -15.51 9.74 -11.50
N LYS A 463 -14.31 10.30 -11.47
CA LYS A 463 -13.93 11.31 -12.44
C LYS A 463 -12.82 10.79 -13.35
N PHE A 464 -12.85 11.16 -14.62
CA PHE A 464 -11.83 10.76 -15.57
C PHE A 464 -10.52 11.54 -15.31
N PRO A 465 -9.40 10.86 -15.38
CA PRO A 465 -8.10 11.47 -15.21
C PRO A 465 -7.70 12.20 -16.47
N ASP A 466 -6.74 13.13 -16.32
CA ASP A 466 -6.28 13.97 -17.43
C ASP A 466 -4.99 13.42 -17.98
N VAL A 467 -5.11 12.50 -18.93
CA VAL A 467 -3.96 11.77 -19.49
C VAL A 467 -3.18 12.47 -20.56
N LYS A 468 -1.85 12.41 -20.63
CA LYS A 468 -1.06 13.08 -21.67
C LYS A 468 -0.15 12.14 -22.47
N MET A 469 0.08 10.93 -21.98
CA MET A 469 0.90 9.95 -22.70
C MET A 469 0.27 8.56 -22.62
N ALA A 470 0.38 7.75 -23.67
CA ALA A 470 -0.15 6.39 -23.60
C ALA A 470 0.97 5.46 -24.08
N TYR A 471 1.12 4.33 -23.41
CA TYR A 471 2.22 3.40 -23.79
C TYR A 471 1.55 2.07 -24.07
N TRP A 472 1.60 1.58 -25.30
CA TRP A 472 0.87 0.35 -25.63
C TRP A 472 1.80 -0.76 -26.12
N VAL A 473 1.70 -1.97 -25.58
CA VAL A 473 2.48 -3.11 -26.03
C VAL A 473 1.52 -4.31 -26.12
N GLY A 474 1.73 -5.22 -27.05
CA GLY A 474 0.92 -6.42 -27.18
C GLY A 474 -0.55 -6.17 -27.48
N GLY A 475 -0.93 -5.09 -28.13
CA GLY A 475 -2.33 -4.79 -28.44
C GLY A 475 -2.45 -3.94 -29.70
N ASN A 476 -3.67 -3.87 -30.24
CA ASN A 476 -3.90 -3.10 -31.47
C ASN A 476 -5.18 -2.28 -31.38
N PRO A 477 -5.16 -1.19 -30.61
CA PRO A 477 -6.32 -0.33 -30.43
C PRO A 477 -6.82 0.35 -31.70
N PHE A 478 -5.93 0.62 -32.66
CA PHE A 478 -6.30 1.19 -33.95
C PHE A 478 -6.98 0.15 -34.84
N VAL A 479 -7.20 -1.07 -34.35
CA VAL A 479 -8.08 -2.05 -34.99
C VAL A 479 -9.19 -2.47 -34.02
N HIS A 480 -8.90 -2.69 -32.73
CA HIS A 480 -9.89 -3.24 -31.80
C HIS A 480 -10.94 -2.30 -31.22
N HIS A 481 -10.71 -1.00 -31.11
CA HIS A 481 -11.62 -0.04 -30.51
C HIS A 481 -12.65 0.46 -31.51
N GLN A 482 -13.82 0.88 -31.06
CA GLN A 482 -14.96 1.27 -31.89
C GLN A 482 -14.92 2.73 -32.31
N ASP A 483 -15.55 3.03 -33.42
CA ASP A 483 -15.65 4.36 -34.05
C ASP A 483 -14.26 4.93 -34.31
N ARG A 484 -13.63 4.39 -35.38
CA ARG A 484 -12.28 4.80 -35.76
C ARG A 484 -12.16 6.30 -36.01
N ASN A 485 -13.10 6.91 -36.73
CA ASN A 485 -12.94 8.36 -37.02
C ASN A 485 -13.00 9.22 -35.76
N ARG A 486 -13.90 8.88 -34.83
CA ARG A 486 -13.92 9.60 -33.56
C ARG A 486 -12.59 9.46 -32.81
N MET A 487 -12.07 8.23 -32.77
CA MET A 487 -10.84 7.89 -32.09
C MET A 487 -9.61 8.61 -32.62
N VAL A 488 -9.48 8.69 -33.93
CA VAL A 488 -8.37 9.36 -34.62
C VAL A 488 -8.31 10.84 -34.24
N LYS A 489 -9.46 11.49 -34.09
CA LYS A 489 -9.52 12.90 -33.71
C LYS A 489 -9.17 13.05 -32.24
N ALA A 490 -9.68 12.18 -31.37
CA ALA A 490 -9.38 12.25 -29.96
C ALA A 490 -7.91 11.98 -29.62
N TRP A 491 -7.17 11.20 -30.42
CA TRP A 491 -5.79 10.85 -30.14
C TRP A 491 -4.88 12.08 -30.22
N GLU A 492 -5.32 13.17 -30.83
CA GLU A 492 -4.57 14.43 -30.86
C GLU A 492 -4.39 15.00 -29.47
N LYS A 493 -5.15 14.62 -28.46
CA LYS A 493 -5.05 15.06 -27.10
C LYS A 493 -3.78 14.54 -26.42
N LEU A 494 -3.16 13.49 -26.95
CA LEU A 494 -1.95 12.92 -26.38
C LEU A 494 -0.68 13.63 -26.84
N GLU A 495 0.21 13.94 -25.90
CA GLU A 495 1.48 14.57 -26.32
C GLU A 495 2.40 13.49 -26.90
N THR A 496 2.39 12.30 -26.28
CA THR A 496 3.35 11.24 -26.67
C THR A 496 2.67 9.89 -26.77
N PHE A 497 2.93 9.11 -27.81
CA PHE A 497 2.32 7.79 -27.96
C PHE A 497 3.44 6.82 -28.34
N VAL A 498 3.76 5.86 -27.48
CA VAL A 498 4.81 4.89 -27.65
C VAL A 498 4.27 3.47 -27.87
N VAL A 499 4.79 2.74 -28.86
CA VAL A 499 4.29 1.37 -29.11
C VAL A 499 5.43 0.38 -29.32
N HIS A 500 5.32 -0.87 -28.93
CA HIS A 500 6.20 -1.98 -29.22
C HIS A 500 5.33 -3.03 -29.97
N ASP A 501 5.84 -3.67 -31.01
CA ASP A 501 5.17 -4.76 -31.69
C ASP A 501 6.23 -5.34 -32.64
N PHE A 502 6.03 -6.51 -33.22
CA PHE A 502 6.92 -7.05 -34.21
C PHE A 502 6.29 -6.91 -35.59
N GLN A 503 5.05 -6.46 -35.73
CA GLN A 503 4.41 -6.25 -37.02
C GLN A 503 3.93 -4.80 -37.20
N TRP A 504 3.98 -4.28 -38.44
CA TRP A 504 3.54 -2.90 -38.71
C TRP A 504 2.02 -2.78 -38.82
N THR A 505 1.35 -2.87 -37.70
CA THR A 505 -0.09 -2.74 -37.56
C THR A 505 -0.49 -1.27 -37.71
N PRO A 506 -1.76 -0.99 -37.88
CA PRO A 506 -2.28 0.39 -37.84
C PRO A 506 -1.85 1.08 -36.55
N THR A 507 -1.76 0.39 -35.41
CA THR A 507 -1.34 1.03 -34.14
C THR A 507 0.13 1.43 -34.20
N ALA A 508 0.99 0.55 -34.74
CA ALA A 508 2.41 0.92 -34.90
C ALA A 508 2.54 2.11 -35.85
N ARG A 509 1.81 2.14 -36.96
CA ARG A 509 1.88 3.25 -37.91
C ARG A 509 1.43 4.61 -37.36
N HIS A 510 0.68 4.67 -36.26
CA HIS A 510 0.21 5.90 -35.66
C HIS A 510 1.00 6.34 -34.42
N ALA A 511 2.09 5.66 -34.09
CA ALA A 511 2.86 6.07 -32.91
C ALA A 511 3.87 7.19 -33.21
N ASP A 512 4.36 7.80 -32.13
CA ASP A 512 5.41 8.79 -32.26
C ASP A 512 6.77 8.08 -32.24
N ILE A 513 6.86 7.07 -31.39
CA ILE A 513 8.02 6.21 -31.18
C ILE A 513 7.62 4.73 -31.33
N VAL A 514 8.27 3.99 -32.22
CA VAL A 514 7.97 2.58 -32.45
C VAL A 514 9.21 1.69 -32.21
N LEU A 515 9.12 0.73 -31.27
CA LEU A 515 10.27 -0.12 -30.96
C LEU A 515 10.02 -1.56 -31.37
N PRO A 516 10.90 -2.15 -32.17
CA PRO A 516 10.73 -3.51 -32.62
C PRO A 516 10.96 -4.56 -31.55
N ALA A 517 9.89 -5.31 -31.21
CA ALA A 517 9.95 -6.40 -30.27
C ALA A 517 10.32 -7.70 -31.03
N THR A 518 10.66 -8.73 -30.29
CA THR A 518 10.85 -10.05 -30.88
C THR A 518 9.53 -10.85 -30.72
N THR A 519 9.48 -11.98 -31.40
CA THR A 519 8.35 -12.90 -31.22
C THR A 519 8.75 -13.87 -30.11
N SER A 520 7.86 -14.74 -29.67
CA SER A 520 8.17 -15.79 -28.71
C SER A 520 9.19 -16.79 -29.29
N TYR A 521 9.29 -16.91 -30.62
CA TYR A 521 10.13 -17.89 -31.26
C TYR A 521 11.61 -17.51 -31.24
N GLU A 522 11.91 -16.32 -30.76
CA GLU A 522 13.26 -15.78 -30.63
C GLU A 522 13.74 -15.70 -29.20
N ARG A 523 13.13 -16.38 -28.23
CA ARG A 523 13.52 -16.31 -26.82
C ARG A 523 13.04 -17.57 -26.13
N ASN A 524 13.30 -17.74 -24.84
CA ASN A 524 12.87 -18.93 -24.09
C ASN A 524 11.76 -18.55 -23.11
N ASP A 525 10.83 -19.43 -22.76
CA ASP A 525 9.80 -19.08 -21.77
C ASP A 525 9.16 -20.36 -21.22
N ILE A 526 8.20 -20.22 -20.32
CA ILE A 526 7.51 -21.41 -19.75
C ILE A 526 6.02 -21.08 -19.59
N GLU A 527 5.13 -22.02 -19.90
CA GLU A 527 3.70 -21.72 -19.83
C GLU A 527 2.87 -22.98 -19.60
N THR A 528 1.67 -22.83 -19.05
CA THR A 528 0.74 -23.92 -18.82
C THR A 528 0.05 -24.34 -20.11
N ILE A 529 -0.29 -25.61 -20.26
CA ILE A 529 -1.12 -26.07 -21.35
C ILE A 529 -2.54 -26.27 -20.82
N GLY A 530 -3.49 -25.44 -21.27
CA GLY A 530 -4.89 -25.64 -20.88
C GLY A 530 -5.34 -24.65 -19.81
N ASP A 531 -6.09 -23.62 -20.24
CA ASP A 531 -6.64 -22.65 -19.31
C ASP A 531 -7.49 -23.26 -18.20
N TYR A 532 -8.27 -24.28 -18.50
CA TYR A 532 -9.12 -24.95 -17.55
C TYR A 532 -8.62 -26.37 -17.21
N SER A 533 -8.12 -27.09 -18.18
CA SER A 533 -7.62 -28.46 -17.97
C SER A 533 -6.31 -28.56 -17.18
N ASN A 534 -5.42 -27.59 -17.26
CA ASN A 534 -4.11 -27.72 -16.62
C ASN A 534 -3.51 -29.08 -17.03
N THR A 535 -3.47 -29.37 -18.32
CA THR A 535 -2.95 -30.61 -18.86
C THR A 535 -1.45 -30.78 -18.58
N GLY A 536 -0.70 -29.68 -18.54
CA GLY A 536 0.74 -29.82 -18.30
C GLY A 536 1.44 -28.47 -18.41
N ILE A 537 2.76 -28.50 -18.36
CA ILE A 537 3.60 -27.30 -18.41
C ILE A 537 4.61 -27.53 -19.53
N LEU A 538 4.78 -26.53 -20.37
CA LEU A 538 5.63 -26.62 -21.53
C LEU A 538 6.84 -25.69 -21.51
N ALA A 539 7.96 -26.23 -22.01
CA ALA A 539 9.15 -25.36 -22.14
C ALA A 539 9.01 -24.73 -23.53
N MET A 540 8.82 -23.42 -23.64
CA MET A 540 8.69 -22.73 -24.92
C MET A 540 10.10 -22.32 -25.35
N LYS A 541 10.80 -23.26 -25.99
CA LYS A 541 12.20 -23.08 -26.35
C LYS A 541 12.49 -22.18 -27.54
N LYS A 542 13.58 -21.43 -27.43
CA LYS A 542 14.04 -20.53 -28.49
C LYS A 542 14.27 -21.24 -29.81
N ILE A 543 13.68 -20.74 -30.89
CA ILE A 543 13.77 -21.40 -32.19
C ILE A 543 14.79 -20.76 -33.12
N VAL A 544 14.82 -19.45 -33.26
CA VAL A 544 15.78 -18.72 -34.07
C VAL A 544 16.29 -17.51 -33.28
N GLU A 545 17.44 -16.98 -33.70
CA GLU A 545 17.95 -15.80 -33.00
C GLU A 545 17.09 -14.60 -33.38
N PRO A 546 17.07 -13.58 -32.53
CA PRO A 546 16.30 -12.36 -32.81
C PRO A 546 16.63 -11.81 -34.18
N LEU A 547 15.62 -11.41 -34.95
CA LEU A 547 15.85 -10.89 -36.28
C LEU A 547 16.17 -9.40 -36.33
N TYR A 548 16.92 -8.97 -37.35
CA TYR A 548 17.18 -7.52 -37.50
C TYR A 548 17.63 -6.89 -36.20
N GLU A 549 17.05 -5.76 -35.77
CA GLU A 549 17.41 -5.13 -34.52
C GLU A 549 16.32 -5.26 -33.45
N ALA A 550 15.49 -6.30 -33.53
CA ALA A 550 14.46 -6.55 -32.52
C ALA A 550 14.99 -7.03 -31.19
N ARG A 551 14.39 -6.66 -30.07
CA ARG A 551 14.71 -7.02 -28.71
C ARG A 551 13.47 -7.47 -27.94
N SER A 552 13.59 -8.34 -26.94
CA SER A 552 12.38 -8.73 -26.23
C SER A 552 11.85 -7.53 -25.44
N ASP A 553 10.54 -7.50 -25.15
CA ASP A 553 10.02 -6.42 -24.31
C ASP A 553 10.77 -6.34 -22.97
N TYR A 554 11.11 -7.47 -22.35
CA TYR A 554 11.83 -7.47 -21.10
C TYR A 554 13.12 -6.65 -21.17
N ASP A 555 13.94 -6.88 -22.18
CA ASP A 555 15.20 -6.20 -22.38
C ASP A 555 15.02 -4.70 -22.63
N ILE A 556 13.99 -4.35 -23.38
CA ILE A 556 13.64 -2.95 -23.60
C ILE A 556 13.25 -2.26 -22.30
N PHE A 557 12.37 -2.88 -21.49
CA PHE A 557 11.92 -2.29 -20.23
C PHE A 557 13.00 -2.24 -19.16
N ALA A 558 13.88 -3.22 -19.11
CA ALA A 558 15.01 -3.26 -18.17
C ALA A 558 15.97 -2.11 -18.42
N ALA A 559 16.21 -1.81 -19.68
CA ALA A 559 17.05 -0.70 -20.12
C ALA A 559 16.40 0.65 -19.84
N VAL A 560 15.05 0.77 -19.95
CA VAL A 560 14.41 2.04 -19.59
C VAL A 560 14.46 2.24 -18.09
N ALA A 561 14.27 1.13 -17.37
CA ALA A 561 14.30 1.14 -15.90
C ALA A 561 15.68 1.53 -15.38
N GLU A 562 16.73 1.05 -16.05
CA GLU A 562 18.10 1.41 -15.65
C GLU A 562 18.30 2.91 -15.72
N ARG A 563 17.83 3.49 -16.83
CA ARG A 563 17.87 4.91 -17.11
C ARG A 563 17.09 5.75 -16.12
N LEU A 564 16.08 5.23 -15.45
CA LEU A 564 15.35 5.94 -14.42
C LEU A 564 15.91 5.65 -13.03
N GLY A 565 17.02 4.93 -12.97
CA GLY A 565 17.73 4.54 -11.78
C GLY A 565 17.12 3.41 -10.98
N LYS A 566 16.31 2.55 -11.60
CA LYS A 566 15.64 1.47 -10.90
C LYS A 566 15.91 0.11 -11.56
N GLY A 567 17.05 0.00 -12.21
CA GLY A 567 17.41 -1.21 -12.95
C GLY A 567 17.41 -2.47 -12.11
N ALA A 568 17.99 -2.46 -10.90
CA ALA A 568 18.00 -3.64 -10.05
C ALA A 568 16.65 -4.04 -9.52
N GLU A 569 15.77 -3.07 -9.23
CA GLU A 569 14.44 -3.42 -8.75
C GLU A 569 13.63 -4.11 -9.85
N PHE A 570 13.85 -3.74 -11.10
CA PHE A 570 13.09 -4.35 -12.20
C PHE A 570 13.58 -5.76 -12.51
N THR A 571 14.89 -6.01 -12.55
CA THR A 571 15.34 -7.34 -12.93
C THR A 571 15.36 -8.29 -11.74
N GLU A 572 15.41 -7.74 -10.53
CA GLU A 572 15.51 -8.53 -9.31
C GLU A 572 16.78 -9.37 -9.25
N GLY A 573 17.83 -9.02 -9.97
CA GLY A 573 19.10 -9.72 -10.05
C GLY A 573 19.06 -11.00 -10.84
N LYS A 574 17.95 -11.35 -11.49
CA LYS A 574 17.88 -12.62 -12.23
C LYS A 574 17.98 -12.39 -13.73
N ASP A 575 18.34 -13.41 -14.50
CA ASP A 575 18.36 -13.32 -15.96
C ASP A 575 17.19 -14.18 -16.45
N GLU A 576 17.08 -14.40 -17.74
CA GLU A 576 15.98 -15.16 -18.33
C GLU A 576 15.77 -16.52 -17.71
N MET A 577 16.83 -17.35 -17.69
CA MET A 577 16.76 -18.67 -17.08
C MET A 577 16.61 -18.60 -15.58
N GLY A 578 17.19 -17.62 -14.89
CA GLY A 578 16.98 -17.45 -13.45
C GLY A 578 15.49 -17.28 -13.11
N TRP A 579 14.80 -16.41 -13.84
CA TRP A 579 13.35 -16.23 -13.62
C TRP A 579 12.58 -17.51 -13.93
N ILE A 580 12.84 -18.14 -15.07
CA ILE A 580 12.07 -19.34 -15.46
C ILE A 580 12.24 -20.44 -14.43
N LYS A 581 13.50 -20.70 -13.95
CA LYS A 581 13.65 -21.74 -12.94
C LYS A 581 12.88 -21.35 -11.67
N SER A 582 12.83 -20.09 -11.27
CA SER A 582 12.11 -19.72 -10.04
C SER A 582 10.63 -20.05 -10.17
N PHE A 583 10.02 -19.86 -11.35
CA PHE A 583 8.61 -20.19 -11.50
C PHE A 583 8.41 -21.71 -11.44
N TYR A 584 9.31 -22.46 -12.06
CA TYR A 584 9.17 -23.91 -12.10
C TYR A 584 9.38 -24.55 -10.74
N ASP A 585 10.35 -24.06 -9.94
CA ASP A 585 10.53 -24.62 -8.60
C ASP A 585 9.32 -24.35 -7.73
N ASP A 586 8.67 -23.19 -7.82
CA ASP A 586 7.47 -22.96 -7.01
C ASP A 586 6.38 -23.97 -7.38
N ALA A 587 6.19 -24.30 -8.65
CA ALA A 587 5.16 -25.26 -9.05
C ALA A 587 5.50 -26.69 -8.63
N ALA A 588 6.79 -27.06 -8.68
CA ALA A 588 7.21 -28.39 -8.26
C ALA A 588 7.10 -28.58 -6.76
N LYS A 589 7.27 -27.52 -5.98
CA LYS A 589 7.10 -27.56 -4.53
C LYS A 589 5.63 -27.78 -4.17
N GLN A 590 4.75 -27.04 -4.83
CA GLN A 590 3.31 -27.15 -4.60
C GLN A 590 2.85 -28.54 -4.97
N GLY A 591 3.32 -29.04 -6.11
CA GLY A 591 3.01 -30.36 -6.61
C GLY A 591 3.37 -31.44 -5.58
N LYS A 592 4.51 -31.29 -4.93
CA LYS A 592 4.98 -32.20 -3.89
C LYS A 592 4.00 -32.20 -2.72
N ALA A 593 3.65 -31.00 -2.24
CA ALA A 593 2.65 -30.91 -1.16
C ALA A 593 1.43 -31.71 -1.60
N ALA A 594 0.90 -31.45 -2.79
CA ALA A 594 -0.25 -32.09 -3.38
C ALA A 594 -0.06 -33.53 -3.84
N GLY A 595 1.07 -34.17 -3.58
CA GLY A 595 1.33 -35.52 -3.98
C GLY A 595 1.52 -35.77 -5.46
N VAL A 596 1.92 -34.74 -6.21
CA VAL A 596 2.15 -34.90 -7.65
C VAL A 596 3.65 -34.79 -7.90
N GLU A 597 4.21 -35.88 -8.41
CA GLU A 597 5.63 -36.00 -8.67
C GLU A 597 6.17 -35.17 -9.83
N MET A 598 7.29 -34.48 -9.63
CA MET A 598 7.86 -33.67 -10.71
C MET A 598 9.38 -33.66 -10.74
N PRO A 599 9.99 -33.74 -11.92
CA PRO A 599 11.44 -33.71 -12.08
C PRO A 599 12.11 -32.39 -11.70
N ALA A 600 13.45 -32.42 -11.69
CA ALA A 600 14.23 -31.23 -11.39
C ALA A 600 14.26 -30.38 -12.67
N PHE A 601 14.51 -29.09 -12.51
CA PHE A 601 14.42 -28.15 -13.62
C PHE A 601 15.24 -28.51 -14.83
N ASP A 602 16.55 -28.78 -14.71
CA ASP A 602 17.34 -29.13 -15.90
C ASP A 602 16.77 -30.36 -16.59
N ALA A 603 16.26 -31.35 -15.85
CA ALA A 603 15.68 -32.54 -16.48
C ALA A 603 14.34 -32.24 -17.15
N PHE A 604 13.56 -31.30 -16.59
CA PHE A 604 12.29 -30.93 -17.22
C PHE A 604 12.59 -30.17 -18.50
N TRP A 605 13.56 -29.23 -18.44
CA TRP A 605 13.92 -28.47 -19.64
C TRP A 605 14.35 -29.37 -20.78
N ALA A 606 15.16 -30.40 -20.47
CA ALA A 606 15.61 -31.34 -21.49
C ALA A 606 14.46 -32.09 -22.12
N GLU A 607 13.49 -32.61 -21.37
CA GLU A 607 12.33 -33.28 -21.95
C GLU A 607 11.48 -32.22 -22.71
N GLY A 608 11.28 -31.07 -22.08
CA GLY A 608 10.49 -29.99 -22.68
C GLY A 608 9.02 -29.95 -22.27
N ILE A 609 8.55 -30.89 -21.46
CA ILE A 609 7.13 -30.92 -21.07
C ILE A 609 6.93 -31.86 -19.91
N VAL A 610 5.98 -31.62 -19.04
CA VAL A 610 5.59 -32.51 -17.95
C VAL A 610 4.05 -32.55 -17.97
N GLU A 611 3.42 -33.71 -17.94
CA GLU A 611 1.96 -33.81 -18.01
C GLU A 611 1.36 -34.27 -16.68
N PHE A 612 0.13 -33.88 -16.35
CA PHE A 612 -0.44 -34.23 -15.05
C PHE A 612 -1.60 -35.20 -15.19
N PRO A 613 -1.89 -35.92 -14.10
CA PRO A 613 -2.94 -36.93 -14.07
C PRO A 613 -4.32 -36.43 -13.70
N VAL A 614 -5.34 -37.01 -14.33
CA VAL A 614 -6.72 -36.68 -13.99
C VAL A 614 -7.22 -37.61 -12.88
N THR A 615 -7.78 -37.07 -11.82
CA THR A 615 -8.33 -37.88 -10.74
C THR A 615 -9.86 -37.86 -10.80
N ASP A 616 -10.51 -36.87 -10.20
CA ASP A 616 -11.97 -36.77 -10.21
C ASP A 616 -12.49 -35.69 -11.15
N GLY A 617 -11.62 -35.05 -11.92
CA GLY A 617 -12.00 -33.98 -12.83
C GLY A 617 -13.07 -34.32 -13.85
N ALA A 618 -13.13 -35.58 -14.31
CA ALA A 618 -14.13 -35.99 -15.29
C ALA A 618 -15.54 -36.09 -14.76
N ASP A 619 -15.81 -35.99 -13.46
CA ASP A 619 -17.16 -36.06 -12.93
C ASP A 619 -17.69 -34.69 -12.50
N PHE A 620 -16.94 -33.63 -12.72
CA PHE A 620 -17.41 -32.33 -12.19
C PHE A 620 -18.72 -31.88 -12.79
N VAL A 621 -19.62 -31.42 -11.92
CA VAL A 621 -20.96 -30.94 -12.31
C VAL A 621 -21.15 -29.56 -11.67
N ARG A 622 -21.24 -28.52 -12.48
CA ARG A 622 -21.42 -27.17 -11.94
C ARG A 622 -22.73 -27.02 -11.15
N TYR A 623 -22.74 -26.33 -10.01
CA TYR A 623 -23.85 -26.09 -9.13
C TYR A 623 -24.42 -27.30 -8.38
N ALA A 624 -23.77 -28.47 -8.41
CA ALA A 624 -24.28 -29.63 -7.70
C ALA A 624 -24.38 -29.44 -6.19
N SER A 625 -23.37 -28.84 -5.53
CA SER A 625 -23.51 -28.72 -4.08
C SER A 625 -24.55 -27.70 -3.66
N PHE A 626 -24.79 -26.64 -4.43
CA PHE A 626 -25.86 -25.68 -4.21
C PHE A 626 -27.21 -26.42 -4.26
N ARG A 627 -27.40 -27.23 -5.30
CA ARG A 627 -28.61 -28.01 -5.46
C ARG A 627 -28.84 -28.98 -4.30
N GLU A 628 -27.79 -29.62 -3.84
CA GLU A 628 -27.79 -30.59 -2.75
C GLU A 628 -28.29 -30.04 -1.41
N ASP A 629 -27.87 -28.82 -1.08
CA ASP A 629 -28.34 -28.16 0.16
C ASP A 629 -27.96 -26.69 0.08
N PRO A 630 -28.91 -25.86 -0.31
CA PRO A 630 -28.69 -24.44 -0.53
C PRO A 630 -28.41 -23.62 0.70
N LEU A 631 -28.86 -24.05 1.88
CA LEU A 631 -28.59 -23.32 3.11
C LEU A 631 -27.18 -23.60 3.58
N LEU A 632 -26.68 -24.82 3.37
CA LEU A 632 -25.33 -25.22 3.73
C LEU A 632 -24.30 -24.82 2.70
N ASN A 633 -24.71 -24.64 1.44
CA ASN A 633 -23.81 -24.27 0.35
C ASN A 633 -24.38 -23.10 -0.47
N PRO A 634 -24.50 -21.94 0.14
CA PRO A 634 -25.12 -20.80 -0.51
C PRO A 634 -24.27 -20.18 -1.59
N LEU A 635 -24.92 -19.39 -2.46
CA LEU A 635 -24.23 -18.60 -3.46
C LEU A 635 -23.74 -17.30 -2.79
N GLY A 636 -22.83 -16.61 -3.45
CA GLY A 636 -22.32 -15.35 -2.95
C GLY A 636 -23.22 -14.15 -3.09
N THR A 637 -24.51 -14.26 -3.31
CA THR A 637 -25.39 -13.09 -3.43
C THR A 637 -25.88 -12.70 -2.04
N PRO A 638 -26.50 -11.56 -1.85
CA PRO A 638 -27.06 -11.13 -0.58
C PRO A 638 -28.06 -12.10 0.05
N THR A 639 -28.96 -12.69 -0.71
CA THR A 639 -29.91 -13.67 -0.19
C THR A 639 -29.34 -15.09 -0.09
N GLY A 640 -28.22 -15.37 -0.75
CA GLY A 640 -27.66 -16.72 -0.82
C GLY A 640 -28.30 -17.51 -1.98
N LEU A 641 -29.23 -16.92 -2.73
CA LEU A 641 -29.93 -17.63 -3.81
C LEU A 641 -29.74 -16.96 -5.17
N ILE A 642 -30.30 -17.54 -6.24
CA ILE A 642 -30.26 -16.98 -7.57
C ILE A 642 -31.20 -15.78 -7.62
N GLU A 643 -30.67 -14.58 -7.85
CA GLU A 643 -31.50 -13.38 -7.80
C GLU A 643 -32.02 -12.94 -9.16
N ILE A 644 -33.30 -13.22 -9.38
CA ILE A 644 -34.08 -12.83 -10.54
C ILE A 644 -34.48 -11.34 -10.46
N TYR A 645 -34.73 -10.88 -9.24
CA TYR A 645 -34.96 -9.46 -8.94
C TYR A 645 -33.82 -9.09 -7.99
N SER A 646 -33.06 -8.02 -8.24
CA SER A 646 -31.91 -7.63 -7.43
C SER A 646 -32.19 -6.32 -6.69
N LYS A 647 -32.23 -6.35 -5.37
CA LYS A 647 -32.48 -5.12 -4.61
C LYS A 647 -31.30 -4.16 -4.72
N ASN A 648 -30.08 -4.67 -4.80
CA ASN A 648 -28.88 -3.85 -4.98
C ASN A 648 -28.91 -3.06 -6.28
N ILE A 649 -29.34 -3.69 -7.39
CA ILE A 649 -29.39 -2.93 -8.66
C ILE A 649 -30.53 -1.91 -8.62
N GLU A 650 -31.64 -2.23 -7.94
CA GLU A 650 -32.76 -1.32 -7.78
C GLU A 650 -32.31 -0.01 -7.10
N LYS A 651 -31.52 -0.14 -6.05
CA LYS A 651 -31.00 1.02 -5.32
C LYS A 651 -30.07 1.90 -6.15
N MET A 652 -29.40 1.38 -7.19
CA MET A 652 -28.54 2.18 -8.04
C MET A 652 -29.29 3.19 -8.91
N GLY A 653 -30.54 2.93 -9.26
CA GLY A 653 -31.39 3.78 -10.04
C GLY A 653 -31.02 4.10 -11.47
N TYR A 654 -30.48 3.11 -12.19
CA TYR A 654 -30.03 3.30 -13.56
C TYR A 654 -31.17 3.04 -14.55
N ASP A 655 -31.49 4.02 -15.39
CA ASP A 655 -32.54 3.85 -16.38
C ASP A 655 -32.22 2.77 -17.42
N ASP A 656 -30.94 2.57 -17.75
CA ASP A 656 -30.56 1.57 -18.74
C ASP A 656 -30.19 0.21 -18.15
N CYS A 657 -30.44 -0.04 -16.85
CA CYS A 657 -30.25 -1.35 -16.26
C CYS A 657 -31.21 -1.51 -15.07
N PRO A 658 -32.43 -1.91 -15.37
CA PRO A 658 -33.45 -2.13 -14.36
C PRO A 658 -33.11 -3.28 -13.43
N ALA A 659 -33.94 -3.45 -12.40
CA ALA A 659 -33.64 -4.49 -11.38
C ALA A 659 -34.12 -5.89 -11.68
N HIS A 660 -34.65 -6.15 -12.86
CA HIS A 660 -34.98 -7.53 -13.32
C HIS A 660 -34.77 -7.52 -14.82
N PRO A 661 -34.52 -8.66 -15.47
CA PRO A 661 -34.33 -8.72 -16.92
C PRO A 661 -35.44 -8.02 -17.66
N THR A 662 -35.11 -7.15 -18.61
CA THR A 662 -36.09 -6.33 -19.33
C THR A 662 -35.76 -6.12 -20.81
N TRP A 663 -36.75 -6.15 -21.69
CA TRP A 663 -36.57 -5.84 -23.11
C TRP A 663 -36.57 -4.30 -23.26
N MET A 664 -35.53 -3.71 -23.82
CA MET A 664 -35.40 -2.28 -24.01
C MET A 664 -34.92 -2.05 -25.45
N GLU A 665 -35.39 -1.00 -26.15
CA GLU A 665 -34.90 -0.78 -27.51
C GLU A 665 -33.45 -0.31 -27.54
N PRO A 666 -32.59 -0.86 -28.40
CA PRO A 666 -31.22 -0.41 -28.56
C PRO A 666 -31.11 0.80 -29.49
N LEU A 667 -29.93 1.42 -29.52
CA LEU A 667 -29.61 2.56 -30.34
C LEU A 667 -30.05 2.38 -31.79
N GLU A 668 -29.75 1.21 -32.36
CA GLU A 668 -30.16 0.88 -33.72
C GLU A 668 -30.30 -0.63 -33.86
N ARG A 669 -31.35 -1.13 -34.53
CA ARG A 669 -31.46 -2.56 -34.76
C ARG A 669 -32.20 -2.83 -36.10
N LEU A 670 -31.95 -3.99 -36.68
CA LEU A 670 -32.52 -4.39 -37.96
C LEU A 670 -34.03 -4.33 -37.91
N ASP A 671 -34.66 -3.59 -38.83
CA ASP A 671 -36.09 -3.41 -38.89
C ASP A 671 -36.70 -2.71 -37.68
N GLY A 672 -35.92 -2.00 -36.88
CA GLY A 672 -36.42 -1.26 -35.71
C GLY A 672 -37.26 -0.10 -36.23
N PRO A 673 -38.23 0.34 -35.44
CA PRO A 673 -39.08 1.45 -35.88
C PRO A 673 -38.23 2.68 -36.12
N GLY A 674 -38.36 3.27 -37.30
CA GLY A 674 -37.59 4.42 -37.71
C GLY A 674 -36.13 4.20 -38.04
N ALA A 675 -35.66 2.95 -38.21
CA ALA A 675 -34.24 2.72 -38.46
C ALA A 675 -33.75 3.36 -39.75
N LYS A 676 -32.59 3.99 -39.75
CA LYS A 676 -32.09 4.64 -40.95
C LYS A 676 -31.45 3.68 -41.96
N TYR A 677 -30.61 2.77 -41.49
CA TYR A 677 -29.87 1.88 -42.40
C TYR A 677 -30.52 0.51 -42.42
N PRO A 678 -30.42 -0.19 -43.54
CA PRO A 678 -31.10 -1.45 -43.72
C PRO A 678 -30.41 -2.76 -43.41
N LEU A 679 -29.11 -2.84 -43.20
CA LEU A 679 -28.46 -4.15 -42.99
C LEU A 679 -27.74 -4.20 -41.64
N HIS A 680 -27.78 -5.31 -40.91
CA HIS A 680 -27.03 -5.43 -39.65
C HIS A 680 -25.65 -5.99 -39.97
N ILE A 681 -24.54 -5.53 -39.41
CA ILE A 681 -23.24 -6.14 -39.70
C ILE A 681 -22.88 -7.09 -38.58
N ALA A 682 -22.76 -8.40 -38.87
CA ALA A 682 -22.32 -9.36 -37.84
C ALA A 682 -20.80 -9.21 -37.74
N ALA A 683 -20.32 -8.33 -36.91
CA ALA A 683 -18.92 -7.99 -36.74
C ALA A 683 -18.24 -8.89 -35.72
N SER A 684 -18.17 -10.15 -36.10
CA SER A 684 -17.70 -11.21 -35.23
C SER A 684 -16.28 -11.68 -35.40
N HIS A 685 -15.85 -12.69 -34.60
CA HIS A 685 -14.42 -13.02 -34.57
C HIS A 685 -14.00 -13.80 -35.80
N PRO A 686 -12.85 -13.47 -36.36
CA PRO A 686 -12.38 -14.08 -37.61
C PRO A 686 -12.09 -15.57 -37.50
N PHE A 687 -12.35 -16.32 -38.57
CA PHE A 687 -12.08 -17.75 -38.61
C PHE A 687 -10.60 -18.02 -38.83
N ASN A 688 -9.92 -17.21 -39.66
CA ASN A 688 -8.54 -17.39 -40.03
C ASN A 688 -7.56 -16.30 -39.60
N ARG A 689 -7.84 -15.62 -38.53
CA ARG A 689 -6.97 -14.69 -37.84
C ARG A 689 -7.25 -14.89 -36.34
N LEU A 690 -6.39 -14.40 -35.46
CA LEU A 690 -6.74 -14.26 -34.05
C LEU A 690 -6.87 -12.71 -33.97
N HIS A 691 -8.09 -12.17 -34.04
CA HIS A 691 -8.31 -10.70 -34.10
C HIS A 691 -7.56 -10.11 -35.31
N SER A 692 -6.58 -9.23 -35.17
CA SER A 692 -5.79 -8.68 -36.24
C SER A 692 -4.52 -9.52 -36.52
N GLN A 693 -4.16 -10.41 -35.62
CA GLN A 693 -2.92 -11.20 -35.78
C GLN A 693 -3.01 -12.09 -37.01
N LEU A 694 -1.93 -12.08 -37.81
CA LEU A 694 -1.75 -12.83 -39.03
C LEU A 694 -2.40 -12.21 -40.25
N ASN A 695 -2.88 -10.95 -40.18
CA ASN A 695 -3.48 -10.36 -41.38
C ASN A 695 -2.36 -10.08 -42.40
N GLY A 696 -1.19 -9.66 -41.94
CA GLY A 696 -0.02 -9.38 -42.74
C GLY A 696 0.81 -10.63 -43.04
N THR A 697 0.24 -11.72 -43.51
CA THR A 697 0.89 -12.98 -43.82
C THR A 697 0.27 -13.60 -45.08
N VAL A 698 0.80 -14.73 -45.56
CA VAL A 698 0.29 -15.47 -46.70
C VAL A 698 -1.13 -15.99 -46.50
N LEU A 699 -1.60 -16.16 -45.26
CA LEU A 699 -2.98 -16.60 -45.07
C LEU A 699 -4.02 -15.66 -45.68
N ARG A 700 -3.71 -14.36 -45.81
CA ARG A 700 -4.65 -13.38 -46.33
C ARG A 700 -5.18 -13.72 -47.72
N GLU A 701 -4.28 -14.26 -48.54
CA GLU A 701 -4.56 -14.72 -49.88
C GLU A 701 -5.68 -15.76 -49.97
N GLY A 702 -5.92 -16.60 -48.97
CA GLY A 702 -7.02 -17.56 -49.02
C GLY A 702 -8.39 -16.95 -48.78
N TYR A 703 -8.47 -15.70 -48.27
CA TYR A 703 -9.79 -15.14 -48.01
C TYR A 703 -10.05 -13.76 -48.61
N ALA A 704 -9.05 -12.95 -48.96
CA ALA A 704 -9.29 -11.63 -49.49
C ALA A 704 -10.00 -11.70 -50.84
N VAL A 705 -10.78 -10.69 -51.16
CA VAL A 705 -11.57 -10.58 -52.41
C VAL A 705 -11.10 -9.31 -53.13
N GLN A 706 -10.31 -9.53 -54.17
CA GLN A 706 -9.66 -8.44 -54.91
C GLN A 706 -8.73 -7.67 -53.99
N GLY A 707 -8.09 -8.38 -53.05
CA GLY A 707 -7.21 -7.78 -52.08
C GLY A 707 -7.89 -7.23 -50.83
N HIS A 708 -9.21 -7.07 -50.79
CA HIS A 708 -9.87 -6.56 -49.61
C HIS A 708 -10.42 -7.65 -48.68
N GLU A 709 -10.78 -7.20 -47.47
CA GLU A 709 -11.42 -8.08 -46.49
C GLU A 709 -12.78 -8.45 -47.06
N PRO A 710 -13.17 -9.73 -46.92
CA PRO A 710 -14.42 -10.19 -47.49
C PRO A 710 -15.64 -9.73 -46.73
N CYS A 711 -16.74 -9.55 -47.44
CA CYS A 711 -18.06 -9.22 -46.98
C CYS A 711 -19.06 -10.30 -47.46
N LEU A 712 -19.67 -11.07 -46.58
CA LEU A 712 -20.66 -12.07 -46.98
C LEU A 712 -22.02 -11.37 -47.09
N MET A 713 -22.73 -11.69 -48.17
CA MET A 713 -24.02 -11.07 -48.40
C MET A 713 -25.00 -12.06 -49.05
N HIS A 714 -26.24 -12.00 -48.63
CA HIS A 714 -27.29 -12.87 -49.14
C HIS A 714 -27.64 -12.52 -50.59
N PRO A 715 -27.94 -13.51 -51.41
CA PRO A 715 -28.32 -13.32 -52.79
C PRO A 715 -29.39 -12.27 -53.03
N ASP A 716 -30.45 -12.20 -52.22
CA ASP A 716 -31.52 -11.24 -52.47
C ASP A 716 -31.07 -9.82 -52.19
N ASP A 717 -30.21 -9.64 -51.15
CA ASP A 717 -29.71 -8.30 -50.83
C ASP A 717 -28.72 -7.84 -51.89
N ALA A 718 -27.91 -8.71 -52.48
CA ALA A 718 -26.98 -8.31 -53.53
C ALA A 718 -27.72 -7.97 -54.84
N ALA A 719 -28.70 -8.76 -55.21
CA ALA A 719 -29.53 -8.54 -56.39
C ALA A 719 -30.26 -7.21 -56.39
N ALA A 720 -30.77 -6.74 -55.25
CA ALA A 720 -31.47 -5.48 -55.17
C ALA A 720 -30.56 -4.28 -55.41
N ARG A 721 -29.26 -4.43 -55.17
CA ARG A 721 -28.28 -3.36 -55.31
C ARG A 721 -27.51 -3.50 -56.61
N GLY A 722 -27.80 -4.56 -57.41
CA GLY A 722 -27.07 -4.74 -58.66
C GLY A 722 -25.63 -5.21 -58.42
N ILE A 723 -25.37 -5.92 -57.33
CA ILE A 723 -24.04 -6.39 -56.98
C ILE A 723 -23.84 -7.86 -57.34
N ALA A 724 -22.66 -8.19 -57.87
CA ALA A 724 -22.32 -9.56 -58.22
C ALA A 724 -21.19 -10.12 -57.34
N ASP A 725 -21.12 -11.46 -57.27
CA ASP A 725 -20.05 -12.08 -56.49
C ASP A 725 -18.71 -11.56 -56.98
N GLY A 726 -17.79 -11.19 -56.08
CA GLY A 726 -16.50 -10.69 -56.48
C GLY A 726 -16.37 -9.18 -56.64
N ASP A 727 -17.40 -8.38 -56.61
CA ASP A 727 -17.35 -6.93 -56.80
C ASP A 727 -16.73 -6.21 -55.59
N VAL A 728 -16.06 -5.09 -55.80
CA VAL A 728 -15.54 -4.28 -54.71
C VAL A 728 -16.69 -3.35 -54.31
N VAL A 729 -17.12 -3.31 -53.05
CA VAL A 729 -18.21 -2.47 -52.61
C VAL A 729 -17.85 -1.46 -51.53
N ARG A 730 -18.61 -0.38 -51.40
CA ARG A 730 -18.45 0.61 -50.35
C ARG A 730 -19.50 0.33 -49.26
N VAL A 731 -19.06 0.11 -48.03
CA VAL A 731 -19.99 -0.13 -46.91
C VAL A 731 -19.96 1.13 -46.05
N HIS A 732 -21.10 1.75 -45.79
CA HIS A 732 -21.04 3.03 -45.07
C HIS A 732 -22.27 3.30 -44.24
N ASN A 733 -22.13 4.25 -43.31
CA ASN A 733 -23.21 4.74 -42.48
C ASN A 733 -22.88 6.18 -42.10
N ASP A 734 -23.46 6.76 -41.04
CA ASP A 734 -23.14 8.13 -40.68
C ASP A 734 -21.81 8.27 -39.92
N ARG A 735 -21.16 7.18 -39.55
CA ARG A 735 -19.92 7.25 -38.83
C ARG A 735 -18.70 7.08 -39.72
N GLY A 736 -18.80 6.38 -40.84
CA GLY A 736 -17.63 6.11 -41.67
C GLY A 736 -17.89 5.34 -42.97
N GLN A 737 -16.82 5.02 -43.68
CA GLN A 737 -16.91 4.32 -44.97
C GLN A 737 -15.70 3.46 -45.22
N ILE A 738 -15.88 2.21 -45.67
CA ILE A 738 -14.79 1.28 -45.91
C ILE A 738 -15.01 0.53 -47.23
N LEU A 739 -13.96 -0.09 -47.75
CA LEU A 739 -14.12 -0.91 -48.96
C LEU A 739 -13.99 -2.37 -48.53
N THR A 740 -14.77 -3.26 -49.14
CA THR A 740 -14.65 -4.70 -48.88
C THR A 740 -14.90 -5.41 -50.21
N GLY A 741 -14.65 -6.70 -50.30
CA GLY A 741 -14.91 -7.47 -51.52
C GLY A 741 -16.04 -8.47 -51.20
N VAL A 742 -17.07 -8.52 -52.03
CA VAL A 742 -18.23 -9.36 -51.76
C VAL A 742 -18.15 -10.82 -52.15
N LYS A 743 -18.70 -11.68 -51.29
CA LYS A 743 -18.88 -13.10 -51.53
C LYS A 743 -20.40 -13.31 -51.36
N VAL A 744 -21.12 -13.69 -52.40
CA VAL A 744 -22.58 -13.86 -52.27
C VAL A 744 -22.91 -15.24 -51.73
N THR A 745 -23.70 -15.40 -50.67
CA THR A 745 -23.98 -16.70 -50.09
C THR A 745 -25.33 -16.68 -49.33
N ASP A 746 -26.04 -17.80 -49.29
CA ASP A 746 -27.22 -17.80 -48.43
C ASP A 746 -26.88 -18.30 -47.02
N ALA A 747 -25.60 -18.41 -46.73
CA ALA A 747 -25.13 -18.72 -45.37
C ALA A 747 -25.47 -17.59 -44.41
N VAL A 748 -25.58 -16.34 -44.87
CA VAL A 748 -26.02 -15.25 -44.00
C VAL A 748 -27.53 -15.08 -44.20
N MET A 749 -28.27 -14.81 -43.12
CA MET A 749 -29.72 -14.58 -43.28
C MET A 749 -29.95 -13.26 -44.00
N LYS A 750 -31.09 -13.13 -44.69
CA LYS A 750 -31.37 -11.88 -45.40
C LYS A 750 -31.45 -10.74 -44.39
N GLY A 751 -30.88 -9.59 -44.72
CA GLY A 751 -30.90 -8.42 -43.82
C GLY A 751 -29.64 -8.32 -42.97
N VAL A 752 -28.77 -9.30 -43.03
CA VAL A 752 -27.50 -9.39 -42.31
C VAL A 752 -26.31 -9.56 -43.25
N ILE A 753 -25.20 -8.85 -43.04
CA ILE A 753 -23.98 -9.01 -43.79
C ILE A 753 -22.87 -9.37 -42.77
N GLN A 754 -21.89 -10.19 -43.14
CA GLN A 754 -20.83 -10.55 -42.23
C GLN A 754 -19.48 -9.98 -42.68
N ILE A 755 -18.89 -9.14 -41.82
CA ILE A 755 -17.56 -8.59 -42.01
C ILE A 755 -16.86 -8.83 -40.66
N TYR A 756 -15.90 -9.74 -40.62
CA TYR A 756 -15.22 -9.99 -39.34
C TYR A 756 -14.37 -8.85 -38.80
N GLU A 757 -14.28 -8.75 -37.45
CA GLU A 757 -13.39 -7.77 -36.84
C GLU A 757 -11.93 -8.14 -37.10
N GLY A 758 -11.02 -7.16 -37.01
CA GLY A 758 -9.61 -7.43 -37.15
C GLY A 758 -8.90 -7.01 -38.42
N GLY A 759 -9.58 -6.50 -39.43
CA GLY A 759 -8.92 -6.04 -40.66
C GLY A 759 -8.02 -4.84 -40.41
N TRP A 760 -6.85 -4.79 -41.08
CA TRP A 760 -5.93 -3.66 -40.85
C TRP A 760 -6.33 -2.39 -41.56
N TYR A 761 -6.87 -1.45 -40.80
CA TYR A 761 -7.27 -0.12 -41.27
C TYR A 761 -6.21 0.50 -42.18
N ASP A 762 -6.58 0.95 -43.36
CA ASP A 762 -5.64 1.55 -44.31
C ASP A 762 -6.21 2.82 -44.92
N PRO A 763 -6.20 3.93 -44.18
CA PRO A 763 -6.75 5.19 -44.64
C PRO A 763 -6.15 5.77 -45.92
N SER A 764 -6.99 6.38 -46.77
CA SER A 764 -6.49 7.00 -48.01
C SER A 764 -5.66 8.26 -47.67
N ASP A 765 -6.16 9.09 -46.79
CA ASP A 765 -5.40 10.30 -46.36
C ASP A 765 -5.66 10.61 -44.90
N VAL A 766 -4.67 10.44 -44.02
CA VAL A 766 -4.86 10.66 -42.60
C VAL A 766 -5.23 12.09 -42.21
N THR A 767 -5.02 13.10 -43.05
CA THR A 767 -5.39 14.46 -42.70
C THR A 767 -6.81 14.81 -43.12
N GLU A 768 -7.54 13.93 -43.78
CA GLU A 768 -8.89 14.15 -44.26
C GLU A 768 -9.92 13.46 -43.36
N PRO A 769 -10.75 14.24 -42.68
CA PRO A 769 -11.76 13.71 -41.77
C PRO A 769 -12.72 12.79 -42.49
N GLY A 770 -12.95 11.57 -41.99
CA GLY A 770 -13.87 10.65 -42.64
C GLY A 770 -13.30 9.94 -43.86
N THR A 771 -11.97 9.99 -44.04
CA THR A 771 -11.31 9.37 -45.18
C THR A 771 -11.72 7.90 -45.35
N LEU A 772 -11.80 7.44 -46.57
CA LEU A 772 -12.15 6.06 -46.87
C LEU A 772 -11.07 5.08 -46.45
N ASP A 773 -11.47 4.01 -45.76
CA ASP A 773 -10.52 2.94 -45.42
C ASP A 773 -10.44 2.03 -46.65
N LYS A 774 -9.24 1.78 -47.19
CA LYS A 774 -9.11 0.97 -48.38
C LYS A 774 -9.14 -0.53 -48.16
N TYR A 775 -8.86 -1.07 -46.97
CA TYR A 775 -8.82 -2.52 -46.79
C TYR A 775 -10.09 -3.14 -46.20
N GLY A 776 -10.68 -2.62 -45.12
CA GLY A 776 -11.86 -3.22 -44.49
C GLY A 776 -11.85 -3.48 -42.99
N ASP A 777 -11.59 -2.45 -42.17
CA ASP A 777 -11.63 -2.47 -40.73
C ASP A 777 -13.08 -2.14 -40.33
N VAL A 778 -13.82 -3.15 -39.86
CA VAL A 778 -15.24 -2.98 -39.49
C VAL A 778 -15.47 -2.01 -38.35
N ASN A 779 -14.46 -1.69 -37.52
CA ASN A 779 -14.65 -0.72 -36.45
C ASN A 779 -14.64 0.75 -36.91
N VAL A 780 -14.55 0.99 -38.21
CA VAL A 780 -14.74 2.33 -38.79
C VAL A 780 -16.25 2.62 -38.80
N LEU A 781 -17.06 1.56 -38.72
CA LEU A 781 -18.51 1.67 -38.74
C LEU A 781 -19.23 1.54 -37.40
N SER A 782 -18.59 1.07 -36.36
CA SER A 782 -19.22 0.91 -35.06
C SER A 782 -19.33 2.19 -34.25
N ALA A 783 -20.25 2.20 -33.29
CA ALA A 783 -20.48 3.32 -32.39
C ALA A 783 -19.74 3.03 -31.08
N ASP A 784 -19.26 4.10 -30.43
CA ASP A 784 -18.50 3.91 -29.17
C ASP A 784 -19.36 4.39 -28.03
N ILE A 785 -20.16 3.48 -27.45
CA ILE A 785 -21.06 3.85 -26.33
C ILE A 785 -21.04 2.73 -25.29
N GLY A 786 -21.50 2.96 -24.07
CA GLY A 786 -21.48 1.84 -23.10
C GLY A 786 -22.73 0.95 -23.20
N THR A 787 -22.59 -0.31 -22.75
CA THR A 787 -23.76 -1.19 -22.71
C THR A 787 -24.88 -0.61 -21.82
N SER A 788 -24.50 0.01 -20.71
CA SER A 788 -25.34 0.71 -19.75
C SER A 788 -24.41 1.32 -18.68
N LYS A 789 -24.97 2.01 -17.70
CA LYS A 789 -24.21 2.54 -16.58
C LYS A 789 -23.73 1.44 -15.63
N LEU A 790 -24.35 0.26 -15.67
CA LEU A 790 -23.87 -0.80 -14.77
C LEU A 790 -22.47 -1.29 -15.13
N ALA A 791 -22.29 -1.81 -16.34
CA ALA A 791 -20.98 -2.37 -16.74
C ALA A 791 -20.09 -1.52 -17.62
N GLN A 792 -20.64 -0.60 -18.41
CA GLN A 792 -19.91 0.24 -19.34
C GLN A 792 -19.08 -0.55 -20.35
N GLY A 793 -19.66 -1.66 -20.82
CA GLY A 793 -18.95 -2.53 -21.75
C GLY A 793 -19.07 -1.99 -23.16
N ASN A 794 -18.31 -2.55 -24.10
CA ASN A 794 -18.37 -2.03 -25.48
C ASN A 794 -19.60 -2.61 -26.19
N CYS A 795 -20.01 -1.95 -27.26
CA CYS A 795 -21.14 -2.38 -28.08
C CYS A 795 -20.70 -2.66 -29.52
N GLY A 796 -19.57 -3.30 -29.71
CA GLY A 796 -18.98 -3.55 -31.03
C GLY A 796 -19.85 -4.35 -32.00
N GLN A 797 -20.96 -4.96 -31.62
CA GLN A 797 -21.83 -5.67 -32.56
C GLN A 797 -23.20 -5.02 -32.69
N THR A 798 -23.35 -3.75 -32.27
CA THR A 798 -24.60 -3.01 -32.48
C THR A 798 -24.34 -2.09 -33.68
N VAL A 799 -24.47 -2.60 -34.90
CA VAL A 799 -24.09 -1.88 -36.09
C VAL A 799 -25.00 -2.04 -37.33
N LEU A 800 -25.55 -0.95 -37.88
CA LEU A 800 -26.30 -1.00 -39.13
C LEU A 800 -25.58 -0.18 -40.22
N ALA A 801 -25.68 -0.58 -41.46
CA ALA A 801 -25.05 0.18 -42.56
C ALA A 801 -25.77 -0.10 -43.87
N GLU A 802 -25.31 0.60 -44.91
CA GLU A 802 -25.77 0.41 -46.30
C GLU A 802 -24.59 -0.07 -47.13
N VAL A 803 -24.79 -0.75 -48.24
CA VAL A 803 -23.76 -1.24 -49.13
C VAL A 803 -24.08 -0.82 -50.58
N GLU A 804 -23.13 -0.35 -51.35
CA GLU A 804 -23.31 0.01 -52.74
C GLU A 804 -22.05 -0.40 -53.52
N LYS A 805 -22.21 -0.63 -54.82
CA LYS A 805 -21.08 -0.94 -55.68
C LYS A 805 -20.14 0.26 -55.74
N TYR A 806 -18.83 0.04 -55.59
CA TYR A 806 -17.90 1.17 -55.56
C TYR A 806 -17.65 1.81 -56.91
N THR A 807 -17.82 3.13 -57.02
CA THR A 807 -17.61 3.81 -58.29
C THR A 807 -16.58 4.94 -58.23
N GLY A 808 -15.73 5.00 -57.22
CA GLY A 808 -14.71 6.05 -57.12
C GLY A 808 -13.44 5.68 -57.87
N PRO A 809 -12.37 6.45 -57.65
CA PRO A 809 -11.08 6.20 -58.28
C PRO A 809 -10.51 4.86 -57.85
N ALA A 810 -9.72 4.25 -58.72
CA ALA A 810 -9.03 3.01 -58.37
C ALA A 810 -8.15 3.28 -57.15
N VAL A 811 -7.78 2.22 -56.46
CA VAL A 811 -7.02 2.35 -55.22
C VAL A 811 -5.87 1.37 -55.14
N THR A 812 -4.79 1.71 -54.48
CA THR A 812 -3.63 0.86 -54.25
C THR A 812 -3.51 0.58 -52.75
N LEU A 813 -3.55 -0.67 -52.30
CA LEU A 813 -3.42 -1.00 -50.88
C LEU A 813 -2.01 -0.77 -50.35
N THR A 814 -1.90 -0.09 -49.21
CA THR A 814 -0.62 0.28 -48.63
C THR A 814 -0.35 -0.31 -47.25
N GLY A 815 -1.23 -1.11 -46.67
CA GLY A 815 -1.06 -1.58 -45.31
C GLY A 815 -0.26 -2.85 -45.12
N PHE A 816 0.09 -3.54 -46.21
CA PHE A 816 0.83 -4.80 -46.11
C PHE A 816 2.27 -4.75 -46.58
N VAL A 817 2.83 -3.55 -46.66
CA VAL A 817 4.27 -3.35 -46.90
C VAL A 817 4.76 -2.36 -45.84
N ALA A 818 6.04 -2.38 -45.45
CA ALA A 818 6.47 -1.46 -44.41
C ALA A 818 6.59 -0.03 -44.92
N PRO A 819 6.51 0.91 -43.99
CA PRO A 819 6.72 2.31 -44.36
C PRO A 819 8.08 2.38 -45.08
N LYS A 820 8.13 3.17 -46.15
CA LYS A 820 9.32 3.33 -46.97
C LYS A 820 10.65 3.46 -46.27
N ALA A 821 10.71 4.22 -45.18
CA ALA A 821 11.92 4.45 -44.42
C ALA A 821 12.31 3.32 -43.50
N ALA A 822 11.47 2.30 -43.32
CA ALA A 822 11.80 1.20 -42.41
C ALA A 822 12.17 -0.05 -43.19
N GLU A 823 12.19 0.05 -44.51
CA GLU A 823 12.56 -1.05 -45.37
C GLU A 823 13.97 -1.59 -45.11
N LEU B 45 -0.33 43.83 47.78
CA LEU B 45 0.17 42.42 47.73
C LEU B 45 -1.00 41.44 47.82
N ALA B 46 -1.07 40.55 46.85
CA ALA B 46 -2.21 39.62 46.80
C ALA B 46 -2.17 38.50 47.84
N ASN B 47 -3.36 38.10 48.25
CA ASN B 47 -3.59 37.00 49.15
C ASN B 47 -4.76 36.14 48.66
N GLY B 48 -4.60 34.82 48.59
CA GLY B 48 -5.73 33.97 48.20
C GLY B 48 -5.23 32.61 47.67
N THR B 49 -6.03 31.95 46.83
CA THR B 49 -5.65 30.64 46.29
C THR B 49 -5.88 30.62 44.79
N VAL B 50 -5.15 29.80 44.02
CA VAL B 50 -5.30 29.80 42.57
C VAL B 50 -5.11 28.37 42.06
N MET B 51 -5.95 27.84 41.15
CA MET B 51 -5.71 26.47 40.69
C MET B 51 -4.99 26.50 39.34
N SER B 52 -4.04 25.59 39.14
CA SER B 52 -3.34 25.56 37.85
C SER B 52 -2.80 24.14 37.62
N GLY B 53 -1.81 24.01 36.74
CA GLY B 53 -1.30 22.66 36.49
C GLY B 53 0.11 22.66 35.94
N SER B 54 0.61 21.44 35.69
CA SER B 54 1.99 21.24 35.27
C SER B 54 2.20 19.80 34.77
N HIS B 55 3.43 19.42 34.40
CA HIS B 55 3.71 18.06 33.96
C HIS B 55 3.50 17.05 35.09
N TRP B 56 3.42 17.48 36.33
CA TRP B 56 3.25 16.58 37.46
C TRP B 56 1.81 16.47 37.93
N GLY B 57 0.89 17.29 37.45
CA GLY B 57 -0.51 17.21 37.84
C GLY B 57 -1.17 18.57 38.13
N VAL B 58 -2.44 18.48 38.49
CA VAL B 58 -3.28 19.66 38.83
C VAL B 58 -3.06 19.95 40.32
N PHE B 59 -3.03 21.24 40.66
CA PHE B 59 -2.87 21.64 42.04
C PHE B 59 -3.50 23.01 42.31
N THR B 60 -3.57 23.34 43.60
CA THR B 60 -4.02 24.63 44.06
C THR B 60 -2.90 25.25 44.90
N ALA B 61 -2.52 26.47 44.54
CA ALA B 61 -1.47 27.18 45.24
C ALA B 61 -2.01 28.20 46.24
N THR B 62 -1.37 28.33 47.37
CA THR B 62 -1.70 29.31 48.39
C THR B 62 -0.76 30.50 48.14
N VAL B 63 -1.28 31.71 48.13
CA VAL B 63 -0.51 32.91 47.86
C VAL B 63 -0.63 33.83 49.10
N GLU B 64 0.50 34.24 49.66
CA GLU B 64 0.47 35.11 50.85
C GLU B 64 1.38 36.31 50.59
N ASN B 65 0.85 37.52 50.63
CA ASN B 65 1.64 38.71 50.31
C ASN B 65 2.40 38.58 48.98
N GLY B 66 1.76 38.09 47.92
CA GLY B 66 2.38 37.99 46.62
C GLY B 66 3.35 36.83 46.41
N ARG B 67 3.52 35.96 47.41
CA ARG B 67 4.44 34.83 47.30
C ARG B 67 3.74 33.49 47.39
N ALA B 68 4.05 32.54 46.50
CA ALA B 68 3.45 31.21 46.56
C ALA B 68 4.07 30.46 47.75
N THR B 69 3.28 29.94 48.68
CA THR B 69 3.79 29.29 49.86
C THR B 69 3.46 27.80 49.98
N ALA B 70 2.52 27.29 49.19
CA ALA B 70 2.19 25.86 49.23
C ALA B 70 1.52 25.42 47.95
N PHE B 71 1.68 24.18 47.49
CA PHE B 71 1.03 23.60 46.34
C PHE B 71 0.28 22.36 46.88
N THR B 72 -1.05 22.35 46.84
CA THR B 72 -1.82 21.20 47.38
C THR B 72 -2.41 20.43 46.21
N PRO B 73 -2.24 19.12 46.11
CA PRO B 73 -2.75 18.34 45.00
C PRO B 73 -4.27 18.43 44.82
N TRP B 74 -4.74 18.37 43.59
CA TRP B 74 -6.18 18.37 43.29
C TRP B 74 -6.87 17.27 44.10
N GLU B 75 -8.07 17.51 44.62
CA GLU B 75 -8.77 16.49 45.39
C GLU B 75 -9.20 15.32 44.53
N LYS B 76 -9.31 15.47 43.21
CA LYS B 76 -9.69 14.38 42.34
C LYS B 76 -8.50 13.59 41.79
N ASP B 77 -7.27 13.97 42.15
CA ASP B 77 -6.09 13.24 41.67
C ASP B 77 -5.96 11.96 42.48
N PRO B 78 -6.00 10.80 41.85
CA PRO B 78 -5.91 9.53 42.57
C PRO B 78 -4.53 9.23 43.13
N HIS B 79 -3.46 9.87 42.63
CA HIS B 79 -2.15 9.51 43.17
C HIS B 79 -1.14 10.60 42.82
N PRO B 80 -1.17 11.64 43.64
CA PRO B 80 -0.34 12.81 43.47
C PRO B 80 1.13 12.47 43.54
N SER B 81 1.94 13.31 42.89
CA SER B 81 3.37 13.04 42.91
C SER B 81 4.04 13.84 44.00
N PRO B 82 4.91 13.19 44.78
CA PRO B 82 5.68 13.86 45.80
C PRO B 82 6.61 14.94 45.27
N MET B 83 6.95 14.97 43.98
CA MET B 83 7.74 16.02 43.36
C MET B 83 7.07 17.40 43.35
N LEU B 84 5.78 17.51 43.64
CA LEU B 84 5.11 18.81 43.64
C LEU B 84 5.80 19.85 44.51
N ALA B 85 6.40 19.47 45.63
CA ALA B 85 7.08 20.43 46.50
C ALA B 85 8.26 21.10 45.81
N GLY B 86 8.97 20.33 45.00
CA GLY B 86 10.09 20.79 44.19
C GLY B 86 9.68 21.74 43.09
N VAL B 87 8.50 21.52 42.49
CA VAL B 87 8.03 22.45 41.47
C VAL B 87 7.88 23.86 42.05
N LEU B 88 7.31 23.94 43.25
CA LEU B 88 7.19 25.21 43.98
C LEU B 88 8.57 25.82 44.22
N ASP B 89 9.49 25.03 44.76
CA ASP B 89 10.85 25.55 45.05
C ASP B 89 11.56 26.10 43.82
N SER B 90 11.39 25.50 42.63
CA SER B 90 12.00 25.96 41.40
C SER B 90 11.60 27.35 40.95
N ILE B 91 10.53 27.97 41.42
CA ILE B 91 10.25 29.37 41.06
C ILE B 91 11.26 30.30 41.73
N TYR B 92 11.71 29.94 42.93
CA TYR B 92 12.53 30.75 43.79
C TYR B 92 13.92 30.25 44.17
N SER B 93 14.42 29.14 43.65
CA SER B 93 15.70 28.62 44.21
C SER B 93 16.88 29.43 43.76
N PRO B 94 18.08 29.15 44.30
CA PRO B 94 19.28 29.90 44.00
C PRO B 94 19.70 29.88 42.54
N THR B 95 19.29 28.85 41.76
CA THR B 95 19.63 28.83 40.36
C THR B 95 18.59 29.47 39.43
N ARG B 96 17.58 30.17 39.98
CA ARG B 96 16.63 30.89 39.10
C ARG B 96 17.37 31.94 38.31
N ILE B 97 17.17 32.09 37.00
CA ILE B 97 17.92 33.09 36.22
C ILE B 97 17.26 34.46 36.38
N LYS B 98 17.97 35.44 36.96
CA LYS B 98 17.38 36.76 37.20
C LYS B 98 17.43 37.75 36.05
N TYR B 99 18.53 37.84 35.29
CA TYR B 99 18.71 38.90 34.30
C TYR B 99 19.29 38.41 32.96
N PRO B 100 19.13 39.20 31.91
CA PRO B 100 19.75 38.91 30.63
C PRO B 100 21.27 38.95 30.74
N MET B 101 21.97 37.97 30.18
CA MET B 101 23.43 37.98 30.33
C MET B 101 24.12 37.61 29.02
N VAL B 102 25.32 38.16 28.79
CA VAL B 102 26.12 37.83 27.61
C VAL B 102 27.53 37.40 28.02
N ARG B 103 28.05 36.32 27.46
CA ARG B 103 29.41 35.86 27.77
C ARG B 103 30.46 36.88 27.37
N ARG B 104 31.39 37.22 28.29
CA ARG B 104 32.37 38.30 28.05
C ARG B 104 33.10 38.20 26.73
N GLU B 105 33.67 37.07 26.39
CA GLU B 105 34.35 36.88 25.11
C GLU B 105 33.50 37.19 23.88
N PHE B 106 32.23 36.79 23.86
CA PHE B 106 31.38 37.09 22.69
C PHE B 106 31.05 38.56 22.63
N LEU B 107 30.75 39.18 23.78
CA LEU B 107 30.43 40.61 23.82
C LEU B 107 31.60 41.43 23.23
N GLU B 108 32.83 41.03 23.58
CA GLU B 108 34.00 41.74 23.11
C GLU B 108 34.43 41.40 21.69
N LYS B 109 34.30 40.15 21.23
CA LYS B 109 34.75 39.82 19.88
C LYS B 109 33.79 39.16 18.91
N GLY B 110 32.57 38.81 19.26
CA GLY B 110 31.65 38.18 18.32
C GLY B 110 32.18 36.89 17.72
N VAL B 111 32.14 36.77 16.40
CA VAL B 111 32.59 35.58 15.68
C VAL B 111 34.06 35.29 15.84
N ASN B 112 34.88 36.25 16.29
CA ASN B 112 36.28 36.03 16.55
C ASN B 112 36.58 35.56 17.96
N ALA B 113 35.59 35.43 18.84
CA ALA B 113 35.81 34.97 20.19
C ALA B 113 36.52 33.63 20.33
N ASP B 114 37.19 33.38 21.45
CA ASP B 114 37.77 32.06 21.72
C ASP B 114 36.57 31.20 22.15
N ARG B 115 36.26 30.14 21.43
CA ARG B 115 35.06 29.36 21.77
C ARG B 115 35.29 28.23 22.75
N SER B 116 36.56 27.97 23.09
CA SER B 116 36.84 26.91 24.04
C SER B 116 36.54 27.28 25.49
N THR B 117 36.25 28.53 25.84
CA THR B 117 35.96 28.90 27.20
C THR B 117 34.46 28.96 27.53
N ARG B 118 33.63 28.52 26.58
CA ARG B 118 32.19 28.49 26.83
C ARG B 118 31.98 27.60 28.05
N GLY B 119 31.15 28.04 29.00
CA GLY B 119 30.92 27.17 30.15
C GLY B 119 31.69 27.61 31.39
N ASN B 120 32.64 28.52 31.25
CA ASN B 120 33.44 28.94 32.40
C ASN B 120 32.80 29.93 33.35
N GLY B 121 31.59 30.42 33.13
CA GLY B 121 30.91 31.32 34.02
C GLY B 121 31.22 32.80 33.94
N ASP B 122 32.02 33.26 32.99
CA ASP B 122 32.43 34.64 32.81
C ASP B 122 31.42 35.41 31.97
N PHE B 123 30.37 35.84 32.63
CA PHE B 123 29.24 36.53 32.00
C PHE B 123 29.17 37.99 32.41
N VAL B 124 28.52 38.83 31.63
CA VAL B 124 28.37 40.25 31.90
C VAL B 124 26.87 40.56 31.86
N ARG B 125 26.34 41.22 32.88
CA ARG B 125 24.91 41.53 32.87
C ARG B 125 24.63 42.66 31.90
N VAL B 126 23.57 42.62 31.09
CA VAL B 126 23.26 43.68 30.12
C VAL B 126 21.78 44.05 30.21
N SER B 127 21.32 45.17 29.62
CA SER B 127 19.91 45.51 29.72
C SER B 127 19.10 44.68 28.70
N TRP B 128 17.79 44.63 28.83
CA TRP B 128 16.99 43.88 27.85
C TRP B 128 17.13 44.46 26.44
N ASP B 129 17.13 45.79 26.29
CA ASP B 129 17.28 46.39 24.97
C ASP B 129 18.60 46.04 24.30
N GLN B 130 19.71 46.02 25.03
CA GLN B 130 20.97 45.60 24.44
C GLN B 130 20.93 44.13 24.00
N ALA B 131 20.39 43.29 24.89
CA ALA B 131 20.28 41.86 24.58
C ALA B 131 19.41 41.59 23.35
N LEU B 132 18.27 42.25 23.26
CA LEU B 132 17.37 42.00 22.10
C LEU B 132 17.99 42.50 20.80
N ASP B 133 18.64 43.65 20.83
CA ASP B 133 19.31 44.18 19.65
C ASP B 133 20.34 43.17 19.13
N LEU B 134 21.12 42.57 20.01
CA LEU B 134 22.14 41.59 19.69
C LEU B 134 21.58 40.27 19.15
N VAL B 135 20.47 39.80 19.74
CA VAL B 135 19.86 38.56 19.22
C VAL B 135 19.33 38.80 17.81
N ALA B 136 18.59 39.89 17.63
CA ALA B 136 18.00 40.23 16.34
C ALA B 136 19.08 40.44 15.29
N ALA B 137 20.18 41.12 15.65
CA ALA B 137 21.27 41.34 14.69
C ALA B 137 21.93 40.05 14.24
N GLU B 138 22.15 39.11 15.15
CA GLU B 138 22.78 37.85 14.81
C GLU B 138 21.88 36.96 13.95
N VAL B 139 20.59 36.91 14.26
CA VAL B 139 19.67 36.10 13.44
C VAL B 139 19.68 36.60 12.00
N LYS B 140 19.62 37.92 11.82
CA LYS B 140 19.62 38.54 10.50
C LYS B 140 20.94 38.31 9.79
N ARG B 141 22.06 38.52 10.50
CA ARG B 141 23.37 38.28 9.88
C ARG B 141 23.52 36.86 9.37
N VAL B 142 23.12 35.85 10.15
CA VAL B 142 23.26 34.47 9.71
C VAL B 142 22.30 34.14 8.58
N GLU B 143 21.06 34.59 8.64
CA GLU B 143 20.11 34.32 7.56
C GLU B 143 20.53 34.97 6.25
N GLU B 144 21.08 36.17 6.25
CA GLU B 144 21.49 36.80 5.00
C GLU B 144 22.85 36.30 4.52
N THR B 145 23.71 35.90 5.44
CA THR B 145 25.05 35.41 5.08
C THR B 145 25.00 33.97 4.61
N TYR B 146 24.40 33.05 5.38
CA TYR B 146 24.36 31.66 5.01
C TYR B 146 23.02 31.06 4.62
N GLY B 147 21.91 31.80 4.62
CA GLY B 147 20.62 31.17 4.31
C GLY B 147 20.06 30.39 5.50
N PRO B 148 18.89 29.79 5.31
CA PRO B 148 18.18 29.02 6.33
C PRO B 148 18.96 27.80 6.81
N GLU B 149 19.86 27.31 5.95
CA GLU B 149 20.72 26.20 6.32
C GLU B 149 21.72 26.55 7.39
N GLY B 150 21.94 27.83 7.70
CA GLY B 150 22.91 28.18 8.74
C GLY B 150 22.29 28.19 10.13
N VAL B 151 20.97 28.11 10.28
CA VAL B 151 20.36 28.17 11.60
C VAL B 151 19.73 26.86 12.07
N PHE B 152 20.19 26.28 13.18
CA PHE B 152 19.51 25.09 13.69
C PHE B 152 18.44 25.48 14.73
N GLY B 153 17.19 25.08 14.51
CA GLY B 153 16.07 25.39 15.38
C GLY B 153 15.26 24.18 15.84
N GLY B 154 15.89 23.00 15.86
CA GLY B 154 15.23 21.77 16.32
C GLY B 154 14.85 21.94 17.80
N SER B 155 15.73 22.46 18.63
CA SER B 155 15.46 22.77 20.02
C SER B 155 14.69 21.72 20.81
N TYR B 156 15.14 20.46 20.75
CA TYR B 156 14.47 19.39 21.45
C TYR B 156 14.33 19.60 22.96
N GLY B 157 13.16 19.33 23.55
CA GLY B 157 13.03 19.49 25.00
C GLY B 157 11.62 19.31 25.57
N TRP B 158 11.53 18.94 26.86
CA TRP B 158 10.26 18.75 27.55
C TRP B 158 9.50 20.01 27.94
N LYS B 159 10.14 21.17 27.96
CA LYS B 159 9.48 22.47 28.25
C LYS B 159 8.47 22.37 29.38
N SER B 160 7.33 23.00 29.30
CA SER B 160 6.19 22.98 30.21
C SER B 160 4.93 22.81 29.35
N PRO B 161 3.83 22.31 29.85
CA PRO B 161 2.58 22.23 29.09
C PRO B 161 1.92 23.59 28.86
N GLY B 162 0.95 23.63 27.94
CA GLY B 162 0.29 24.89 27.60
C GLY B 162 0.19 25.14 26.11
N ARG B 163 -1.00 25.48 25.63
CA ARG B 163 -1.20 25.73 24.19
C ARG B 163 -0.72 27.06 23.65
N LEU B 164 -0.63 28.12 24.47
CA LEU B 164 -0.15 29.41 23.99
C LEU B 164 1.35 29.54 24.25
N HIS B 165 1.77 29.38 25.53
CA HIS B 165 3.20 29.54 25.84
C HIS B 165 4.02 28.28 25.55
N ASN B 166 4.02 27.82 24.31
CA ASN B 166 4.72 26.64 23.82
C ASN B 166 6.02 27.13 23.22
N CYS B 167 7.08 27.15 24.06
CA CYS B 167 8.30 27.85 23.69
C CYS B 167 8.98 27.32 22.43
N THR B 168 8.96 26.02 22.18
CA THR B 168 9.63 25.48 20.99
C THR B 168 8.81 25.81 19.74
N THR B 169 7.47 25.76 19.80
CA THR B 169 6.68 26.21 18.63
C THR B 169 6.86 27.70 18.40
N LEU B 170 6.95 28.50 19.49
CA LEU B 170 7.16 29.92 19.40
C LEU B 170 8.50 30.27 18.76
N LEU B 171 9.55 29.53 19.04
CA LEU B 171 10.84 29.78 18.41
C LEU B 171 10.73 29.54 16.89
N ARG B 172 10.07 28.44 16.49
CA ARG B 172 9.98 28.15 15.04
C ARG B 172 9.11 29.15 14.31
N ARG B 173 8.12 29.77 14.98
CA ARG B 173 7.24 30.77 14.40
C ARG B 173 8.08 32.01 14.09
N MET B 174 9.02 32.37 14.98
CA MET B 174 9.91 33.50 14.74
C MET B 174 10.93 33.18 13.64
N LEU B 175 11.57 32.02 13.66
CA LEU B 175 12.59 31.70 12.67
C LEU B 175 11.98 31.56 11.26
N THR B 176 10.71 31.16 11.19
CA THR B 176 10.05 31.08 9.87
C THR B 176 9.95 32.48 9.29
N LEU B 177 9.59 33.47 10.09
CA LEU B 177 9.48 34.85 9.68
C LEU B 177 10.84 35.44 9.37
N ALA B 178 11.91 34.91 9.94
CA ALA B 178 13.26 35.38 9.68
C ALA B 178 13.87 34.74 8.44
N GLY B 179 13.22 33.77 7.80
CA GLY B 179 13.80 33.19 6.59
C GLY B 179 13.96 31.68 6.61
N GLY B 180 13.76 31.02 7.75
CA GLY B 180 13.93 29.56 7.76
C GLY B 180 14.95 29.01 8.74
N TYR B 181 14.97 27.66 8.80
CA TYR B 181 15.83 26.94 9.75
C TYR B 181 15.92 25.45 9.47
N VAL B 182 16.91 24.79 10.06
CA VAL B 182 17.09 23.35 10.03
C VAL B 182 16.27 22.76 11.20
N ASN B 183 15.48 21.72 10.93
CA ASN B 183 14.68 21.15 12.03
C ASN B 183 15.15 19.75 12.42
N GLY B 184 14.56 19.21 13.49
CA GLY B 184 14.87 17.85 13.95
C GLY B 184 13.70 16.91 13.70
N ALA B 185 13.95 15.61 13.55
CA ALA B 185 12.89 14.64 13.31
C ALA B 185 12.98 13.50 14.34
N GLY B 186 11.83 13.04 14.83
CA GLY B 186 11.78 11.98 15.83
C GLY B 186 12.02 12.47 17.23
N ASP B 187 12.47 11.63 18.16
CA ASP B 187 12.68 12.05 19.55
C ASP B 187 13.64 11.08 20.24
N TYR B 188 14.02 11.38 21.49
CA TYR B 188 14.97 10.54 22.21
C TYR B 188 14.30 9.37 22.93
N SER B 189 12.95 9.33 23.01
CA SER B 189 12.24 8.29 23.72
C SER B 189 11.98 6.99 22.95
N THR B 190 11.42 7.09 21.76
CA THR B 190 11.16 5.92 20.92
C THR B 190 11.84 6.07 19.56
N GLY B 191 13.08 6.59 19.56
CA GLY B 191 13.81 6.83 18.32
C GLY B 191 13.76 5.65 17.35
N ALA B 192 14.06 4.46 17.86
CA ALA B 192 14.05 3.28 16.99
C ALA B 192 12.66 2.68 16.85
N ALA B 193 11.91 2.49 17.93
CA ALA B 193 10.57 1.90 17.85
C ALA B 193 9.59 2.64 16.96
N GLN B 194 9.58 3.98 16.91
CA GLN B 194 8.65 4.76 16.09
C GLN B 194 8.90 4.68 14.58
N VAL B 195 10.05 4.21 14.15
CA VAL B 195 10.42 4.06 12.75
C VAL B 195 10.20 2.62 12.27
N ILE B 196 10.44 1.62 13.12
CA ILE B 196 10.22 0.22 12.72
C ILE B 196 8.77 -0.22 12.83
N MET B 197 7.99 0.32 13.77
CA MET B 197 6.58 -0.06 13.89
C MET B 197 5.78 0.17 12.62
N PRO B 198 5.88 1.30 11.95
CA PRO B 198 5.17 1.55 10.70
C PRO B 198 5.48 0.48 9.66
N HIS B 199 6.72 -0.01 9.57
CA HIS B 199 7.07 -1.07 8.65
C HIS B 199 6.53 -2.45 9.04
N VAL B 200 6.19 -2.66 10.31
CA VAL B 200 5.73 -3.94 10.80
C VAL B 200 4.23 -4.06 11.06
N VAL B 201 3.63 -3.05 11.69
CA VAL B 201 2.20 -3.07 11.97
C VAL B 201 1.50 -1.96 11.21
N GLY B 202 2.24 -1.16 10.43
CA GLY B 202 1.60 -0.11 9.66
C GLY B 202 1.17 1.17 10.36
N THR B 203 1.42 1.32 11.66
CA THR B 203 1.07 2.46 12.44
C THR B 203 2.23 2.80 13.42
N LEU B 204 2.16 4.02 13.95
CA LEU B 204 3.18 4.48 14.89
C LEU B 204 3.25 3.55 16.08
N GLU B 205 2.09 3.17 16.63
CA GLU B 205 1.95 2.28 17.75
C GLU B 205 2.42 2.74 19.12
N VAL B 206 3.59 3.37 19.20
CA VAL B 206 4.10 3.80 20.50
C VAL B 206 3.28 4.89 21.15
N TYR B 207 2.66 5.81 20.40
CA TYR B 207 1.90 6.89 21.03
C TYR B 207 0.40 6.76 20.73
N GLU B 208 -0.13 5.54 20.86
CA GLU B 208 -1.53 5.27 20.55
C GLU B 208 -2.23 4.64 21.75
N GLN B 209 -3.56 4.86 21.87
CA GLN B 209 -4.30 4.33 23.01
C GLN B 209 -4.22 2.81 23.08
N GLN B 210 -4.16 2.32 24.29
CA GLN B 210 -4.04 0.93 24.66
C GLN B 210 -5.38 0.28 25.05
N THR B 211 -5.44 -1.05 25.00
CA THR B 211 -6.66 -1.74 25.47
C THR B 211 -6.93 -1.21 26.87
N ALA B 212 -8.15 -0.79 27.21
CA ALA B 212 -8.41 -0.14 28.48
C ALA B 212 -8.17 -0.94 29.73
N TRP B 213 -7.74 -0.23 30.79
CA TRP B 213 -7.50 -0.85 32.09
C TRP B 213 -8.61 -1.78 32.54
N PRO B 214 -9.86 -1.34 32.63
CA PRO B 214 -10.96 -2.21 33.03
C PRO B 214 -11.06 -3.49 32.20
N VAL B 215 -10.82 -3.47 30.90
CA VAL B 215 -10.88 -4.70 30.10
C VAL B 215 -9.84 -5.69 30.61
N LEU B 216 -8.63 -5.17 30.95
CA LEU B 216 -7.56 -6.02 31.45
C LEU B 216 -7.95 -6.65 32.78
N ALA B 217 -8.59 -5.90 33.66
CA ALA B 217 -8.99 -6.35 34.98
C ALA B 217 -9.96 -7.53 34.96
N GLU B 218 -10.88 -7.55 34.01
CA GLU B 218 -11.87 -8.62 33.93
C GLU B 218 -11.42 -9.82 33.10
N ASN B 219 -10.38 -9.68 32.28
CA ASN B 219 -10.00 -10.70 31.34
C ASN B 219 -8.59 -11.26 31.39
N THR B 220 -7.60 -10.40 31.68
CA THR B 220 -6.21 -10.83 31.64
C THR B 220 -5.88 -11.76 32.79
N GLU B 221 -5.15 -12.83 32.50
CA GLU B 221 -4.76 -13.74 33.58
C GLU B 221 -3.28 -13.59 33.95
N VAL B 222 -2.43 -13.23 33.00
CA VAL B 222 -1.01 -13.00 33.21
C VAL B 222 -0.58 -11.66 32.56
N MET B 223 -0.09 -10.73 33.37
CA MET B 223 0.36 -9.41 32.93
C MET B 223 1.89 -9.35 33.02
N VAL B 224 2.64 -9.08 31.98
CA VAL B 224 4.09 -9.05 32.01
C VAL B 224 4.56 -7.59 31.79
N PHE B 225 5.37 -7.08 32.67
CA PHE B 225 5.97 -5.74 32.48
C PHE B 225 7.38 -5.96 31.97
N TRP B 226 7.68 -5.76 30.70
CA TRP B 226 8.98 -6.09 30.11
C TRP B 226 9.80 -4.84 29.87
N ALA B 227 10.81 -4.60 30.71
CA ALA B 227 11.61 -3.39 30.55
C ALA B 227 10.75 -2.17 30.86
N ALA B 228 9.84 -2.26 31.81
CA ALA B 228 8.94 -1.16 32.16
C ALA B 228 8.77 -1.02 33.65
N ASP B 229 8.70 0.20 34.18
CA ASP B 229 8.48 0.38 35.61
C ASP B 229 7.37 1.42 35.79
N PRO B 230 6.12 1.05 35.53
CA PRO B 230 4.99 1.94 35.56
C PRO B 230 4.79 2.71 36.83
N ILE B 231 5.14 2.18 37.99
CA ILE B 231 4.98 2.90 39.24
C ILE B 231 5.86 4.16 39.23
N LYS B 232 7.07 4.03 38.70
CA LYS B 232 7.98 5.18 38.61
C LYS B 232 7.60 6.15 37.51
N THR B 233 7.41 5.66 36.28
CA THR B 233 7.18 6.56 35.15
C THR B 233 5.79 7.13 34.93
N SER B 234 4.78 6.67 35.65
CA SER B 234 3.42 7.18 35.50
C SER B 234 3.19 8.46 36.28
N GLN B 235 4.17 9.02 37.00
CA GLN B 235 3.95 10.24 37.77
C GLN B 235 3.77 11.49 36.89
N ILE B 236 4.25 11.46 35.64
CA ILE B 236 4.17 12.66 34.80
C ILE B 236 3.38 12.46 33.51
N GLY B 237 3.04 13.57 32.86
CA GLY B 237 2.35 13.56 31.57
C GLY B 237 3.00 14.59 30.64
N TRP B 238 2.82 14.40 29.34
CA TRP B 238 3.28 15.41 28.36
C TRP B 238 2.37 16.63 28.43
N VAL B 239 1.04 16.36 28.41
CA VAL B 239 0.06 17.43 28.71
C VAL B 239 -0.28 17.20 30.16
N ILE B 240 -1.23 17.83 30.83
CA ILE B 240 -1.42 17.57 32.27
C ILE B 240 -1.80 16.12 32.56
N PRO B 241 -1.18 15.43 33.51
CA PRO B 241 -1.46 14.03 33.81
C PRO B 241 -2.65 13.76 34.73
N GLU B 242 -3.42 12.67 34.46
CA GLU B 242 -4.53 12.31 35.34
C GLU B 242 -4.15 11.16 36.27
N HIS B 243 -2.94 10.63 36.18
CA HIS B 243 -2.46 9.50 36.96
C HIS B 243 -3.39 8.29 36.87
N GLY B 244 -3.91 8.02 35.68
CA GLY B 244 -4.84 6.91 35.49
C GLY B 244 -4.27 5.50 35.62
N ALA B 245 -2.96 5.29 35.63
CA ALA B 245 -2.39 3.96 35.77
C ALA B 245 -2.49 3.44 37.20
N TYR B 246 -2.53 4.32 38.19
CA TYR B 246 -2.54 3.84 39.59
C TYR B 246 -3.77 3.04 39.95
N PRO B 247 -4.98 3.54 39.72
CA PRO B 247 -6.21 2.75 39.87
C PRO B 247 -6.16 1.50 39.02
N GLY B 248 -5.68 1.51 37.79
CA GLY B 248 -5.59 0.36 36.91
C GLY B 248 -4.67 -0.72 37.47
N LEU B 249 -3.56 -0.33 38.06
CA LEU B 249 -2.60 -1.25 38.66
C LEU B 249 -3.21 -1.81 39.94
N GLU B 250 -3.90 -0.97 40.69
CA GLU B 250 -4.57 -1.45 41.91
C GLU B 250 -5.64 -2.50 41.59
N ALA B 251 -6.41 -2.32 40.52
CA ALA B 251 -7.44 -3.30 40.16
C ALA B 251 -6.84 -4.66 39.84
N LEU B 252 -5.72 -4.67 39.10
CA LEU B 252 -5.06 -5.91 38.73
C LEU B 252 -4.63 -6.64 40.01
N LYS B 253 -4.11 -5.89 40.98
CA LYS B 253 -3.69 -6.45 42.24
C LYS B 253 -4.87 -6.99 43.04
N ALA B 254 -5.97 -6.26 43.07
CA ALA B 254 -7.17 -6.68 43.78
C ALA B 254 -7.73 -7.99 43.22
N LYS B 255 -7.73 -8.21 41.92
CA LYS B 255 -8.21 -9.43 41.30
C LYS B 255 -7.30 -10.62 41.51
N GLY B 256 -6.07 -10.42 41.95
CA GLY B 256 -5.08 -11.46 42.17
C GLY B 256 -4.51 -12.02 40.87
N THR B 257 -4.41 -11.21 39.83
CA THR B 257 -3.86 -11.60 38.53
C THR B 257 -2.38 -11.93 38.72
N LYS B 258 -1.78 -12.78 37.91
CA LYS B 258 -0.36 -13.10 38.03
C LYS B 258 0.50 -12.09 37.26
N VAL B 259 1.47 -11.53 38.00
CA VAL B 259 2.32 -10.46 37.45
C VAL B 259 3.77 -10.87 37.29
N ILE B 260 4.35 -10.68 36.11
CA ILE B 260 5.77 -10.98 35.89
C ILE B 260 6.54 -9.73 35.46
N VAL B 261 7.66 -9.43 36.11
CA VAL B 261 8.49 -8.28 35.77
C VAL B 261 9.85 -8.74 35.26
N ILE B 262 10.23 -8.29 34.07
CA ILE B 262 11.54 -8.63 33.51
C ILE B 262 12.39 -7.36 33.49
N ASP B 263 13.31 -7.27 34.44
CA ASP B 263 14.11 -6.02 34.56
C ASP B 263 15.33 -6.31 35.41
N PRO B 264 16.49 -5.76 35.11
CA PRO B 264 17.71 -5.97 35.90
C PRO B 264 17.67 -5.41 37.29
N VAL B 265 16.79 -4.45 37.58
CA VAL B 265 16.62 -3.83 38.87
C VAL B 265 15.33 -4.27 39.54
N ARG B 266 15.34 -4.46 40.84
CA ARG B 266 14.13 -4.77 41.60
C ARG B 266 13.45 -3.42 41.93
N THR B 267 12.50 -3.06 41.08
CA THR B 267 11.85 -1.76 41.15
C THR B 267 10.63 -1.74 42.06
N LYS B 268 10.03 -0.53 42.19
CA LYS B 268 8.80 -0.41 42.99
C LYS B 268 7.65 -1.14 42.32
N THR B 269 7.66 -1.38 41.02
CA THR B 269 6.58 -2.18 40.38
C THR B 269 6.70 -3.62 40.91
N VAL B 270 7.92 -4.17 40.98
CA VAL B 270 8.09 -5.51 41.54
C VAL B 270 7.54 -5.56 42.96
N GLU B 271 7.91 -4.62 43.83
CA GLU B 271 7.42 -4.53 45.18
C GLU B 271 5.91 -4.41 45.33
N PHE B 272 5.29 -3.50 44.58
CA PHE B 272 3.86 -3.25 44.67
C PHE B 272 3.03 -4.54 44.52
N PHE B 273 3.42 -5.39 43.58
CA PHE B 273 2.67 -6.59 43.26
C PHE B 273 3.24 -7.83 43.93
N GLY B 274 4.47 -7.74 44.43
CA GLY B 274 5.17 -8.93 44.94
C GLY B 274 5.36 -9.84 43.73
N ALA B 275 5.76 -9.30 42.58
CA ALA B 275 5.84 -10.09 41.36
C ALA B 275 6.99 -11.07 41.24
N GLU B 276 6.82 -12.06 40.39
CA GLU B 276 7.87 -12.99 39.98
C GLU B 276 8.84 -12.13 39.15
N HIS B 277 10.09 -12.04 39.56
CA HIS B 277 11.09 -11.16 38.98
C HIS B 277 12.20 -11.84 38.22
N ILE B 278 12.29 -11.60 36.92
CA ILE B 278 13.31 -12.16 36.06
C ILE B 278 14.39 -11.12 35.80
N THR B 279 15.67 -11.41 36.00
CA THR B 279 16.72 -10.42 35.81
C THR B 279 17.70 -10.77 34.70
N PRO B 280 17.46 -10.29 33.51
CA PRO B 280 18.32 -10.53 32.38
C PRO B 280 19.53 -9.61 32.37
N LYS B 281 20.66 -10.06 31.78
CA LYS B 281 21.77 -9.10 31.61
C LYS B 281 21.28 -8.04 30.64
N PRO B 282 21.49 -6.75 30.91
CA PRO B 282 21.03 -5.71 29.99
C PRO B 282 21.50 -5.93 28.59
N GLN B 283 20.65 -5.61 27.60
CA GLN B 283 20.84 -5.71 26.18
C GLN B 283 20.73 -7.15 25.62
N THR B 284 20.14 -8.10 26.32
CA THR B 284 20.02 -9.50 25.91
C THR B 284 18.57 -9.96 25.75
N ASP B 285 17.62 -9.00 25.75
CA ASP B 285 16.20 -9.34 25.66
C ASP B 285 15.76 -10.03 24.39
N VAL B 286 16.34 -9.66 23.25
CA VAL B 286 16.05 -10.27 21.98
C VAL B 286 16.41 -11.75 21.99
N ALA B 287 17.45 -12.11 22.73
CA ALA B 287 17.89 -13.50 22.86
C ALA B 287 16.84 -14.34 23.58
N ILE B 288 16.36 -13.88 24.73
CA ILE B 288 15.30 -14.54 25.48
C ILE B 288 14.03 -14.69 24.62
N MET B 289 13.59 -13.65 23.91
CA MET B 289 12.44 -13.81 23.02
C MET B 289 12.68 -14.91 21.97
N LEU B 290 13.85 -14.90 21.32
CA LEU B 290 14.19 -15.93 20.33
C LEU B 290 14.17 -17.32 20.96
N GLY B 291 14.67 -17.49 22.17
CA GLY B 291 14.64 -18.75 22.88
C GLY B 291 13.21 -19.18 23.20
N MET B 292 12.30 -18.26 23.53
CA MET B 292 10.91 -18.59 23.81
C MET B 292 10.21 -18.95 22.51
N ALA B 293 10.55 -18.26 21.42
CA ALA B 293 9.94 -18.59 20.14
C ALA B 293 10.33 -20.03 19.77
N HIS B 294 11.65 -20.30 19.85
CA HIS B 294 12.14 -21.65 19.49
C HIS B 294 11.32 -22.71 20.21
N THR B 295 11.21 -22.65 21.53
CA THR B 295 10.44 -23.55 22.35
C THR B 295 9.05 -23.81 21.81
N LEU B 296 8.28 -22.76 21.55
CA LEU B 296 6.94 -22.84 21.00
C LEU B 296 6.89 -23.63 19.69
N VAL B 297 7.93 -23.45 18.86
CA VAL B 297 8.05 -24.14 17.60
C VAL B 297 8.44 -25.61 17.82
N ALA B 298 9.40 -25.85 18.71
CA ALA B 298 9.87 -27.20 19.00
C ALA B 298 8.85 -28.08 19.69
N GLU B 299 7.97 -27.52 20.51
CA GLU B 299 6.95 -28.31 21.18
C GLU B 299 5.60 -28.20 20.49
N ASP B 300 5.58 -27.67 19.28
CA ASP B 300 4.35 -27.55 18.50
C ASP B 300 3.22 -26.83 19.20
N LEU B 301 3.49 -25.69 19.85
CA LEU B 301 2.46 -24.98 20.60
C LEU B 301 1.91 -23.70 19.99
N TYR B 302 2.71 -23.04 19.16
CA TYR B 302 2.29 -21.73 18.64
C TYR B 302 1.04 -21.82 17.80
N ASP B 303 0.43 -20.66 17.58
CA ASP B 303 -0.82 -20.55 16.84
C ASP B 303 -0.62 -20.47 15.34
N LYS B 304 -0.67 -21.65 14.69
CA LYS B 304 -0.50 -21.67 13.24
C LYS B 304 -1.62 -20.98 12.51
N ASP B 305 -2.85 -21.03 13.01
CA ASP B 305 -3.95 -20.35 12.31
C ASP B 305 -3.70 -18.83 12.36
N PHE B 306 -3.43 -18.29 13.57
CA PHE B 306 -3.13 -16.85 13.65
C PHE B 306 -2.09 -16.43 12.64
N ILE B 307 -0.96 -17.14 12.67
CA ILE B 307 0.17 -16.93 11.78
C ILE B 307 -0.17 -16.97 10.31
N ALA B 308 -0.98 -18.00 9.93
CA ALA B 308 -1.34 -18.09 8.52
C ALA B 308 -2.31 -17.00 8.08
N ASN B 309 -3.23 -16.57 8.91
CA ASN B 309 -4.24 -15.61 8.51
C ASN B 309 -3.93 -14.14 8.75
N TYR B 310 -3.11 -13.82 9.74
CA TYR B 310 -2.84 -12.43 10.11
C TYR B 310 -1.43 -11.93 9.95
N THR B 311 -0.49 -12.73 9.45
CA THR B 311 0.89 -12.30 9.33
C THR B 311 1.50 -12.74 7.99
N SER B 312 2.63 -12.10 7.69
CA SER B 312 3.34 -12.33 6.46
C SER B 312 4.84 -12.46 6.65
N GLY B 313 5.37 -13.50 5.99
CA GLY B 313 6.79 -13.79 6.03
C GLY B 313 7.30 -14.70 7.10
N PHE B 314 6.48 -15.35 7.92
CA PHE B 314 6.98 -16.25 8.96
C PHE B 314 7.82 -17.39 8.41
N ASP B 315 7.45 -17.86 7.22
CA ASP B 315 8.14 -18.91 6.49
C ASP B 315 9.59 -18.56 6.23
N LYS B 316 9.91 -17.28 6.01
CA LYS B 316 11.26 -16.81 5.77
C LYS B 316 12.01 -16.55 7.07
N PHE B 317 11.36 -16.46 8.22
CA PHE B 317 12.07 -16.23 9.50
C PHE B 317 12.36 -17.54 10.19
N LEU B 318 11.57 -18.57 9.85
CA LEU B 318 11.69 -19.90 10.41
C LEU B 318 13.08 -20.52 10.28
N PRO B 319 13.69 -20.48 9.11
CA PRO B 319 15.00 -21.04 8.88
C PRO B 319 16.01 -20.48 9.88
N TYR B 320 16.03 -19.15 10.06
CA TYR B 320 16.92 -18.51 11.02
C TYR B 320 16.68 -19.00 12.44
N LEU B 321 15.43 -19.08 12.89
CA LEU B 321 15.09 -19.57 14.22
C LEU B 321 15.57 -20.99 14.46
N ASP B 322 15.34 -21.86 13.48
CA ASP B 322 15.74 -23.26 13.52
C ASP B 322 17.24 -23.47 13.32
N GLY B 323 17.90 -22.46 12.75
CA GLY B 323 19.34 -22.49 12.56
C GLY B 323 19.81 -23.08 11.25
N GLU B 324 18.91 -23.14 10.27
CA GLU B 324 19.26 -23.68 8.96
C GLU B 324 20.21 -22.75 8.23
N THR B 325 20.06 -21.45 8.37
CA THR B 325 20.89 -20.47 7.69
C THR B 325 22.23 -20.19 8.34
N ASP B 326 22.40 -20.52 9.62
CA ASP B 326 23.64 -20.17 10.30
C ASP B 326 24.17 -21.26 11.19
N SER B 327 23.52 -22.42 11.21
CA SER B 327 23.93 -23.54 12.05
C SER B 327 23.83 -23.27 13.56
N THR B 328 22.97 -22.35 13.98
CA THR B 328 22.80 -22.03 15.38
C THR B 328 21.33 -21.92 15.75
N PRO B 329 20.70 -23.07 16.00
CA PRO B 329 19.33 -23.11 16.47
C PRO B 329 19.28 -22.14 17.66
N LYS B 330 18.27 -21.28 17.68
CA LYS B 330 18.14 -20.29 18.76
C LYS B 330 17.29 -20.84 19.89
N THR B 331 17.79 -21.87 20.55
CA THR B 331 17.13 -22.57 21.65
C THR B 331 17.16 -21.85 22.98
N ALA B 332 16.37 -22.32 23.97
CA ALA B 332 16.42 -21.78 25.32
C ALA B 332 17.82 -21.86 25.90
N GLU B 333 18.57 -22.92 25.55
CA GLU B 333 19.94 -23.11 25.97
C GLU B 333 20.90 -22.14 25.33
N TRP B 334 20.69 -21.79 24.06
CA TRP B 334 21.54 -20.78 23.43
C TRP B 334 21.21 -19.42 24.06
N ALA B 335 19.95 -19.18 24.41
CA ALA B 335 19.57 -17.87 24.97
C ALA B 335 20.01 -17.69 26.41
N GLU B 336 20.17 -18.80 27.14
CA GLU B 336 20.65 -18.78 28.51
C GLU B 336 22.12 -18.41 28.52
N GLY B 337 22.85 -18.88 27.50
CA GLY B 337 24.28 -18.54 27.40
C GLY B 337 24.49 -17.03 27.29
N ILE B 338 23.69 -16.37 26.47
CA ILE B 338 23.72 -14.94 26.23
C ILE B 338 23.23 -14.12 27.42
N SER B 339 21.99 -14.37 27.81
CA SER B 339 21.31 -13.58 28.82
C SER B 339 21.53 -13.91 30.28
N GLY B 340 21.92 -15.13 30.60
CA GLY B 340 22.16 -15.51 32.00
C GLY B 340 20.89 -16.06 32.63
N VAL B 341 19.78 -16.06 31.92
CA VAL B 341 18.53 -16.56 32.50
C VAL B 341 18.44 -18.06 32.21
N PRO B 342 18.15 -18.86 33.21
CA PRO B 342 18.11 -20.32 33.06
C PRO B 342 17.15 -20.84 32.03
N ALA B 343 17.61 -21.71 31.12
CA ALA B 343 16.87 -22.28 30.02
C ALA B 343 15.49 -22.81 30.35
N GLU B 344 15.31 -23.45 31.51
CA GLU B 344 14.01 -24.01 31.87
C GLU B 344 13.02 -22.95 32.34
N THR B 345 13.50 -21.80 32.82
CA THR B 345 12.58 -20.70 33.15
C THR B 345 12.08 -20.11 31.82
N ILE B 346 12.98 -19.97 30.86
CA ILE B 346 12.63 -19.47 29.54
C ILE B 346 11.55 -20.36 28.94
N LYS B 347 11.75 -21.71 28.95
CA LYS B 347 10.71 -22.57 28.38
C LYS B 347 9.40 -22.50 29.16
N GLU B 348 9.46 -22.51 30.46
CA GLU B 348 8.28 -22.44 31.33
C GLU B 348 7.49 -21.15 31.11
N LEU B 349 8.20 -20.01 30.95
CA LEU B 349 7.52 -18.77 30.67
C LEU B 349 6.80 -18.84 29.31
N ALA B 350 7.48 -19.34 28.27
CA ALA B 350 6.85 -19.45 26.96
C ALA B 350 5.57 -20.29 26.98
N ARG B 351 5.52 -21.35 27.77
CA ARG B 351 4.37 -22.24 27.86
C ARG B 351 3.19 -21.64 28.61
N LEU B 352 3.53 -20.94 29.68
CA LEU B 352 2.55 -20.23 30.51
C LEU B 352 1.82 -19.17 29.70
N PHE B 353 2.55 -18.41 28.89
CA PHE B 353 1.98 -17.36 28.06
C PHE B 353 1.06 -17.88 26.97
N GLU B 354 1.39 -19.10 26.49
CA GLU B 354 0.59 -19.69 25.43
C GLU B 354 -0.73 -20.22 25.94
N SER B 355 -0.84 -20.59 27.18
CA SER B 355 -2.05 -21.18 27.74
C SER B 355 -2.90 -20.30 28.63
N LYS B 356 -2.52 -19.04 28.83
CA LYS B 356 -3.29 -18.10 29.66
C LYS B 356 -3.51 -16.81 28.86
N ARG B 357 -4.56 -16.04 29.19
CA ARG B 357 -4.73 -14.77 28.48
C ARG B 357 -3.61 -13.86 28.99
N THR B 358 -2.64 -13.58 28.11
CA THR B 358 -1.48 -12.79 28.50
C THR B 358 -1.32 -11.43 27.81
N MET B 359 -0.97 -10.40 28.58
CA MET B 359 -0.75 -9.06 27.99
C MET B 359 0.74 -8.72 28.11
N LEU B 360 1.47 -8.50 27.03
CA LEU B 360 2.89 -8.15 27.12
C LEU B 360 3.06 -6.63 27.09
N ALA B 361 3.26 -5.96 28.21
CA ALA B 361 3.40 -4.51 28.25
C ALA B 361 4.90 -4.11 28.23
N ALA B 362 5.43 -3.62 27.11
CA ALA B 362 6.87 -3.35 27.05
C ALA B 362 7.20 -1.85 27.18
N GLY B 363 8.26 -1.55 27.91
CA GLY B 363 8.79 -0.21 28.11
C GLY B 363 9.81 0.13 27.03
N TRP B 364 10.43 1.32 27.10
CA TRP B 364 11.26 1.77 25.99
C TRP B 364 12.78 1.81 26.19
N SER B 365 13.27 1.50 27.37
CA SER B 365 14.70 1.45 27.64
C SER B 365 15.40 0.44 26.74
N MET B 366 14.74 -0.68 26.36
CA MET B 366 15.45 -1.68 25.56
C MET B 366 15.56 -1.33 24.10
N GLN B 367 14.95 -0.25 23.63
CA GLN B 367 15.12 0.23 22.27
C GLN B 367 15.98 1.50 22.28
N ARG B 368 16.43 1.94 23.47
CA ARG B 368 17.30 3.15 23.52
C ARG B 368 18.73 2.67 23.57
N MET B 369 19.05 1.73 22.68
CA MET B 369 20.25 0.94 22.66
C MET B 369 20.69 0.54 21.26
N HIS B 370 21.93 0.10 21.10
CA HIS B 370 22.41 -0.29 19.77
C HIS B 370 21.51 -1.38 19.18
N HIS B 371 21.09 -1.28 17.94
CA HIS B 371 20.16 -2.16 17.25
C HIS B 371 18.81 -2.16 17.97
N GLY B 372 18.39 -0.97 18.43
CA GLY B 372 17.16 -0.82 19.20
C GLY B 372 15.88 -1.29 18.51
N GLU B 373 15.82 -1.20 17.19
CA GLU B 373 14.74 -1.62 16.33
C GLU B 373 14.34 -3.09 16.46
N GLN B 374 15.26 -3.97 16.83
CA GLN B 374 14.96 -5.39 16.94
C GLN B 374 14.18 -5.80 18.17
N ALA B 375 14.26 -5.02 19.26
CA ALA B 375 13.54 -5.42 20.47
C ALA B 375 12.04 -5.39 20.30
N HIS B 376 11.41 -4.31 19.78
CA HIS B 376 9.94 -4.36 19.69
C HIS B 376 9.47 -5.16 18.49
N TRP B 377 10.27 -5.22 17.44
CA TRP B 377 9.94 -6.06 16.29
C TRP B 377 9.83 -7.52 16.72
N MET B 378 10.77 -7.98 17.52
CA MET B 378 10.77 -9.36 18.00
C MET B 378 9.68 -9.54 19.04
N LEU B 379 9.32 -8.50 19.81
CA LEU B 379 8.22 -8.65 20.75
C LEU B 379 6.90 -8.89 19.99
N VAL B 380 6.71 -8.19 18.88
CA VAL B 380 5.48 -8.32 18.08
C VAL B 380 5.49 -9.69 17.42
N THR B 381 6.67 -10.15 17.02
CA THR B 381 6.78 -11.51 16.44
C THR B 381 6.34 -12.54 17.44
N LEU B 382 6.90 -12.51 18.66
CA LEU B 382 6.48 -13.39 19.73
C LEU B 382 4.98 -13.30 20.04
N ALA B 383 4.41 -12.08 20.14
CA ALA B 383 2.98 -11.95 20.41
C ALA B 383 2.18 -12.65 19.30
N SER B 384 2.61 -12.46 18.05
CA SER B 384 1.90 -13.06 16.93
C SER B 384 1.87 -14.58 17.02
N MET B 385 2.95 -15.23 17.42
CA MET B 385 2.98 -16.69 17.56
C MET B 385 2.15 -17.14 18.77
N LEU B 386 1.88 -16.24 19.72
CA LEU B 386 1.00 -16.52 20.85
C LEU B 386 -0.44 -16.50 20.35
N GLY B 387 -0.75 -15.73 19.31
CA GLY B 387 -2.07 -15.64 18.74
C GLY B 387 -3.15 -14.97 19.56
N GLN B 388 -2.84 -14.05 20.48
CA GLN B 388 -3.88 -13.40 21.29
C GLN B 388 -4.13 -11.93 20.97
N ILE B 389 -3.47 -11.42 19.94
CA ILE B 389 -3.66 -10.04 19.50
C ILE B 389 -5.11 -9.82 19.07
N GLY B 390 -5.73 -8.74 19.55
CA GLY B 390 -7.11 -8.43 19.24
C GLY B 390 -8.13 -9.03 20.17
N LEU B 391 -7.73 -9.82 21.15
CA LEU B 391 -8.61 -10.42 22.13
C LEU B 391 -8.66 -9.55 23.38
N PRO B 392 -9.80 -9.49 24.06
CA PRO B 392 -9.92 -8.78 25.31
C PRO B 392 -8.87 -9.29 26.28
N GLY B 393 -8.00 -8.37 26.73
CA GLY B 393 -6.97 -8.72 27.67
C GLY B 393 -5.72 -9.38 27.15
N GLY B 394 -5.58 -9.59 25.86
CA GLY B 394 -4.41 -10.25 25.28
C GLY B 394 -3.62 -9.40 24.32
N GLY B 395 -2.45 -9.90 23.89
CA GLY B 395 -1.64 -9.20 22.90
C GLY B 395 -0.45 -8.43 23.49
N PHE B 396 -0.29 -7.17 23.04
CA PHE B 396 0.86 -6.38 23.54
C PHE B 396 0.44 -4.92 23.69
N GLY B 397 1.23 -4.15 24.44
CA GLY B 397 0.94 -2.71 24.62
C GLY B 397 2.25 -1.95 24.85
N LEU B 398 2.47 -0.85 24.13
CA LEU B 398 3.75 -0.13 24.20
C LEU B 398 3.63 1.21 24.91
N SER B 399 2.53 1.41 25.64
CA SER B 399 2.36 2.66 26.39
C SER B 399 1.56 2.55 27.66
N TYR B 400 1.63 1.41 28.37
CA TYR B 400 1.02 1.29 29.68
C TYR B 400 1.84 2.00 30.77
N HIS B 401 3.09 2.34 30.47
CA HIS B 401 3.94 3.03 31.47
C HIS B 401 4.06 4.53 31.21
N TYR B 402 3.43 5.07 30.17
CA TYR B 402 3.61 6.46 29.75
C TYR B 402 2.32 7.27 29.56
N SER B 403 2.24 8.36 30.31
CA SER B 403 1.20 9.35 30.26
C SER B 403 -0.23 8.78 30.25
N GLY B 404 -0.48 7.81 31.13
CA GLY B 404 -1.80 7.21 31.33
C GLY B 404 -2.34 6.36 30.20
N GLY B 405 -1.53 5.82 29.29
CA GLY B 405 -2.04 4.94 28.22
C GLY B 405 -2.91 3.84 28.82
N GLY B 406 -4.07 3.56 28.22
CA GLY B 406 -4.98 2.59 28.82
C GLY B 406 -6.09 3.20 29.67
N THR B 407 -6.00 4.46 30.11
CA THR B 407 -7.08 5.13 30.85
C THR B 407 -8.19 5.43 29.85
N PRO B 408 -9.42 5.05 30.16
CA PRO B 408 -10.52 5.18 29.21
C PRO B 408 -10.68 6.57 28.65
N SER B 409 -10.73 6.65 27.32
CA SER B 409 -10.94 7.91 26.61
C SER B 409 -12.34 8.47 26.75
N THR B 410 -12.44 9.82 26.79
CA THR B 410 -13.77 10.41 26.86
C THR B 410 -14.24 10.70 25.44
N SER B 411 -15.41 11.30 25.28
CA SER B 411 -15.89 11.67 23.95
C SER B 411 -15.67 13.15 23.64
N GLY B 412 -14.86 13.85 24.45
CA GLY B 412 -14.64 15.28 24.27
C GLY B 412 -13.85 15.66 23.03
N PRO B 413 -13.84 16.94 22.68
CA PRO B 413 -13.10 17.46 21.54
C PRO B 413 -11.61 17.64 21.79
N ALA B 414 -10.82 17.81 20.74
CA ALA B 414 -9.38 18.04 20.85
C ALA B 414 -9.11 19.54 20.94
N LEU B 415 -8.10 19.94 21.70
CA LEU B 415 -7.75 21.35 21.86
C LEU B 415 -6.51 21.66 21.04
N ALA B 416 -6.44 22.78 20.31
CA ALA B 416 -5.20 23.05 19.57
C ALA B 416 -4.62 24.37 20.07
N GLY B 417 -3.39 24.72 19.70
CA GLY B 417 -2.82 25.98 20.19
C GLY B 417 -2.14 26.77 19.06
N ILE B 418 -1.18 27.61 19.43
CA ILE B 418 -0.49 28.46 18.47
C ILE B 418 0.36 27.62 17.52
N THR B 419 0.53 28.08 16.27
CA THR B 419 1.29 27.26 15.32
C THR B 419 2.60 27.94 14.93
N ASP B 420 3.47 27.19 14.25
CA ASP B 420 4.73 27.79 13.78
C ASP B 420 4.49 28.59 12.50
N GLY B 421 3.32 28.49 11.90
CA GLY B 421 2.94 29.20 10.71
C GLY B 421 3.62 28.72 9.44
N GLY B 422 4.11 27.48 9.43
CA GLY B 422 4.79 26.95 8.24
C GLY B 422 3.78 26.27 7.31
N GLY B 435 22.14 20.77 1.25
CA GLY B 435 21.88 20.29 2.60
C GLY B 435 20.40 20.14 2.94
N ALA B 436 20.13 19.11 3.73
CA ALA B 436 18.79 18.79 4.20
C ALA B 436 18.25 19.82 5.20
N SER B 437 16.93 19.98 5.19
CA SER B 437 16.30 20.90 6.12
C SER B 437 15.93 20.15 7.40
N VAL B 438 16.07 18.83 7.45
CA VAL B 438 15.72 18.04 8.62
C VAL B 438 16.74 16.95 8.88
N ILE B 439 17.16 16.77 10.13
CA ILE B 439 18.02 15.68 10.56
C ILE B 439 17.36 14.89 11.69
N PRO B 440 17.65 13.61 11.85
CA PRO B 440 17.23 12.82 12.99
C PRO B 440 17.73 13.56 14.24
N VAL B 441 16.91 13.80 15.27
CA VAL B 441 17.37 14.59 16.40
C VAL B 441 18.68 14.19 17.04
N ALA B 442 18.97 12.90 17.24
CA ALA B 442 20.25 12.56 17.89
C ALA B 442 21.47 12.62 16.98
N ARG B 443 21.43 13.05 15.73
CA ARG B 443 22.61 13.20 14.91
C ARG B 443 23.14 14.64 14.93
N VAL B 444 22.71 15.47 15.89
CA VAL B 444 23.11 16.87 15.94
C VAL B 444 24.63 17.02 16.03
N VAL B 445 25.38 16.26 16.78
CA VAL B 445 26.83 16.38 16.85
C VAL B 445 27.51 15.83 15.60
N ASP B 446 27.04 14.70 15.08
CA ASP B 446 27.55 14.19 13.80
C ASP B 446 27.44 15.33 12.77
N MET B 447 26.34 16.07 12.74
CA MET B 447 26.13 17.16 11.81
C MET B 447 27.16 18.26 11.96
N LEU B 448 27.44 18.74 13.17
CA LEU B 448 28.44 19.83 13.32
C LEU B 448 29.84 19.41 12.87
N GLU B 449 30.17 18.17 13.08
CA GLU B 449 31.48 17.62 12.75
C GLU B 449 31.66 17.33 11.27
N ASN B 450 30.58 17.04 10.55
CA ASN B 450 30.67 16.63 9.14
C ASN B 450 29.78 17.35 8.16
N PRO B 451 29.89 18.66 8.03
CA PRO B 451 29.07 19.44 7.12
C PRO B 451 29.28 19.00 5.69
N GLY B 452 28.19 18.77 4.96
CA GLY B 452 28.29 18.33 3.56
C GLY B 452 28.38 16.83 3.42
N ALA B 453 28.63 16.07 4.48
CA ALA B 453 28.71 14.63 4.44
C ALA B 453 27.33 13.94 4.32
N GLU B 454 27.26 12.85 3.56
CA GLU B 454 26.01 12.13 3.37
C GLU B 454 25.71 11.19 4.51
N PHE B 455 24.42 10.95 4.76
CA PHE B 455 24.01 10.01 5.80
C PHE B 455 22.77 9.24 5.34
N ASP B 456 22.55 8.04 5.89
CA ASP B 456 21.36 7.27 5.56
C ASP B 456 20.28 7.37 6.64
N PHE B 457 19.00 7.39 6.21
CA PHE B 457 17.91 7.41 7.17
C PHE B 457 16.65 6.84 6.51
N ASN B 458 16.19 5.70 6.96
CA ASN B 458 14.94 5.08 6.56
C ASN B 458 14.76 4.87 5.07
N GLY B 459 15.83 4.51 4.38
CA GLY B 459 15.78 4.24 2.95
C GLY B 459 16.18 5.42 2.08
N THR B 460 16.51 6.56 2.67
CA THR B 460 16.88 7.73 1.89
C THR B 460 18.28 8.20 2.28
N ARG B 461 18.81 9.06 1.41
CA ARG B 461 20.12 9.64 1.58
C ARG B 461 20.09 11.15 1.44
N SER B 462 20.76 11.84 2.38
CA SER B 462 20.74 13.29 2.35
C SER B 462 22.10 13.80 2.82
N LYS B 463 22.28 15.12 2.80
CA LYS B 463 23.54 15.67 3.26
C LYS B 463 23.31 16.54 4.51
N PHE B 464 24.33 16.53 5.36
CA PHE B 464 24.25 17.37 6.56
C PHE B 464 24.44 18.84 6.17
N PRO B 465 23.59 19.73 6.67
CA PRO B 465 23.71 21.15 6.42
C PRO B 465 24.92 21.74 7.16
N ASP B 466 25.34 22.94 6.82
CA ASP B 466 26.51 23.60 7.42
C ASP B 466 26.06 24.69 8.39
N VAL B 467 25.74 24.31 9.61
CA VAL B 467 25.12 25.23 10.57
C VAL B 467 26.13 26.11 11.27
N LYS B 468 25.78 27.35 11.54
CA LYS B 468 26.62 28.32 12.21
C LYS B 468 25.98 28.84 13.50
N MET B 469 24.68 28.66 13.68
CA MET B 469 24.02 29.18 14.89
C MET B 469 22.98 28.20 15.42
N ALA B 470 22.89 28.06 16.75
CA ALA B 470 21.84 27.15 17.29
C ALA B 470 21.10 27.98 18.35
N TYR B 471 19.80 27.87 18.39
CA TYR B 471 18.94 28.64 19.31
C TYR B 471 18.14 27.63 20.13
N TRP B 472 18.37 27.51 21.44
CA TRP B 472 17.68 26.49 22.24
C TRP B 472 16.81 27.04 23.37
N VAL B 473 15.53 26.62 23.40
CA VAL B 473 14.60 27.02 24.45
C VAL B 473 13.87 25.76 24.93
N GLY B 474 13.51 25.71 26.22
CA GLY B 474 12.77 24.52 26.68
C GLY B 474 13.49 23.20 26.62
N GLY B 475 14.81 23.12 26.61
CA GLY B 475 15.54 21.83 26.54
C GLY B 475 16.93 21.95 27.17
N ASN B 476 17.61 20.84 27.47
CA ASN B 476 18.91 20.88 28.16
C ASN B 476 19.85 19.85 27.52
N PRO B 477 20.35 20.12 26.31
CA PRO B 477 21.19 19.22 25.57
C PRO B 477 22.52 18.92 26.22
N PHE B 478 23.04 19.88 27.05
CA PHE B 478 24.25 19.65 27.81
C PHE B 478 24.04 18.74 29.00
N VAL B 479 22.87 18.09 29.12
CA VAL B 479 22.61 16.99 30.05
C VAL B 479 21.98 15.83 29.25
N HIS B 480 21.10 16.09 28.26
CA HIS B 480 20.38 15.02 27.58
C HIS B 480 21.09 14.28 26.46
N HIS B 481 22.07 14.92 25.83
CA HIS B 481 22.75 14.24 24.68
C HIS B 481 23.94 13.42 25.16
N GLN B 482 24.37 12.41 24.39
CA GLN B 482 25.38 11.44 24.68
C GLN B 482 26.81 11.90 24.32
N ASP B 483 27.79 11.34 25.00
CA ASP B 483 29.22 11.60 24.92
C ASP B 483 29.52 13.06 25.10
N ARG B 484 29.41 13.54 26.34
CA ARG B 484 29.60 14.97 26.63
C ARG B 484 30.92 15.52 26.11
N ASN B 485 32.03 14.85 26.35
CA ASN B 485 33.35 15.32 25.91
C ASN B 485 33.43 15.55 24.40
N ARG B 486 32.87 14.66 23.60
CA ARG B 486 32.81 14.86 22.16
C ARG B 486 31.98 16.07 21.79
N MET B 487 30.80 16.24 22.42
CA MET B 487 29.92 17.35 22.13
C MET B 487 30.49 18.71 22.49
N VAL B 488 31.23 18.79 23.57
CA VAL B 488 31.82 20.09 24.00
C VAL B 488 32.81 20.60 22.97
N LYS B 489 33.58 19.68 22.37
CA LYS B 489 34.55 19.99 21.34
C LYS B 489 33.87 20.35 20.03
N ALA B 490 32.82 19.63 19.64
CA ALA B 490 32.09 19.93 18.42
C ALA B 490 31.36 21.26 18.47
N TRP B 491 30.92 21.72 19.65
CA TRP B 491 30.19 22.97 19.77
C TRP B 491 31.05 24.17 19.37
N GLU B 492 32.37 24.04 19.30
CA GLU B 492 33.23 25.12 18.84
C GLU B 492 33.00 25.54 17.40
N LYS B 493 32.36 24.73 16.58
CA LYS B 493 31.96 25.02 15.22
C LYS B 493 30.88 26.11 15.10
N LEU B 494 30.06 26.28 16.13
CA LEU B 494 29.01 27.28 16.12
C LEU B 494 29.57 28.68 16.41
N GLU B 495 29.18 29.64 15.59
CA GLU B 495 29.56 31.02 15.84
C GLU B 495 28.79 31.57 17.04
N THR B 496 27.47 31.35 17.08
CA THR B 496 26.57 31.93 18.07
C THR B 496 25.61 30.93 18.69
N PHE B 497 25.48 30.91 20.02
CA PHE B 497 24.59 29.96 20.72
C PHE B 497 23.75 30.74 21.72
N VAL B 498 22.44 30.74 21.51
CA VAL B 498 21.47 31.46 22.33
C VAL B 498 20.55 30.49 23.08
N VAL B 499 20.31 30.78 24.36
CA VAL B 499 19.49 29.95 25.22
C VAL B 499 18.48 30.74 26.03
N HIS B 500 17.26 30.20 26.19
CA HIS B 500 16.27 30.76 27.10
C HIS B 500 15.95 29.65 28.12
N ASP B 501 15.96 29.96 29.42
CA ASP B 501 15.55 29.03 30.46
C ASP B 501 15.18 29.85 31.71
N PHE B 502 14.64 29.22 32.75
CA PHE B 502 14.40 29.92 34.00
C PHE B 502 15.32 29.35 35.10
N GLN B 503 16.12 28.32 34.77
CA GLN B 503 17.06 27.74 35.73
C GLN B 503 18.44 27.65 35.10
N TRP B 504 19.52 27.96 35.83
CA TRP B 504 20.90 27.93 35.37
C TRP B 504 21.43 26.53 35.12
N THR B 505 20.91 25.84 34.09
CA THR B 505 21.34 24.49 33.77
C THR B 505 22.71 24.54 33.11
N PRO B 506 23.34 23.37 32.88
CA PRO B 506 24.58 23.29 32.12
C PRO B 506 24.39 23.86 30.73
N THR B 507 23.23 23.76 30.09
CA THR B 507 23.03 24.37 28.77
C THR B 507 23.13 25.89 28.82
N ALA B 508 22.43 26.55 29.75
CA ALA B 508 22.44 27.98 29.95
C ALA B 508 23.89 28.42 30.30
N ARG B 509 24.58 27.64 31.13
CA ARG B 509 25.98 27.99 31.43
C ARG B 509 26.89 27.99 30.21
N HIS B 510 26.61 27.21 29.17
CA HIS B 510 27.42 27.15 27.97
C HIS B 510 27.02 28.09 26.83
N ALA B 511 26.05 28.96 27.04
CA ALA B 511 25.59 29.88 26.02
C ALA B 511 26.43 31.14 25.82
N ASP B 512 26.26 31.76 24.65
CA ASP B 512 26.91 33.05 24.43
C ASP B 512 26.00 34.14 24.98
N ILE B 513 24.69 33.91 24.88
CA ILE B 513 23.65 34.84 25.27
C ILE B 513 22.56 34.06 26.02
N VAL B 514 22.24 34.49 27.23
CA VAL B 514 21.25 33.82 28.07
C VAL B 514 20.11 34.78 28.39
N LEU B 515 18.86 34.46 28.05
CA LEU B 515 17.70 35.28 28.38
C LEU B 515 16.81 34.56 29.40
N PRO B 516 16.42 35.24 30.48
CA PRO B 516 15.61 34.68 31.53
C PRO B 516 14.12 34.62 31.20
N ALA B 517 13.61 33.40 31.12
CA ALA B 517 12.19 33.17 30.83
C ALA B 517 11.36 33.07 32.09
N THR B 518 10.02 33.20 32.03
CA THR B 518 9.17 32.97 33.20
C THR B 518 8.78 31.48 33.27
N THR B 519 8.25 31.04 34.40
CA THR B 519 7.66 29.71 34.54
C THR B 519 6.17 29.82 34.10
N SER B 520 5.47 28.72 34.04
CA SER B 520 4.03 28.71 33.76
C SER B 520 3.23 29.40 34.88
N TYR B 521 3.76 29.50 36.09
CA TYR B 521 3.06 30.06 37.25
C TYR B 521 3.05 31.56 37.22
N GLU B 522 3.76 32.20 36.29
CA GLU B 522 3.79 33.65 36.16
C GLU B 522 3.02 34.15 34.94
N ARG B 523 2.11 33.34 34.37
CA ARG B 523 1.36 33.77 33.19
C ARG B 523 0.05 32.97 33.11
N ASN B 524 -0.77 33.21 32.09
CA ASN B 524 -2.00 32.39 31.97
C ASN B 524 -1.92 31.47 30.73
N ASP B 525 -2.62 30.34 30.76
CA ASP B 525 -2.60 29.40 29.62
C ASP B 525 -3.79 28.43 29.74
N ILE B 526 -3.88 27.50 28.80
CA ILE B 526 -4.96 26.53 28.72
C ILE B 526 -4.35 25.23 28.21
N GLU B 527 -4.79 24.09 28.75
CA GLU B 527 -4.21 22.80 28.35
C GLU B 527 -5.15 21.63 28.59
N THR B 528 -4.95 20.51 27.90
CA THR B 528 -5.73 19.29 28.08
C THR B 528 -5.29 18.49 29.29
N ILE B 529 -6.19 17.83 30.03
CA ILE B 529 -5.83 16.91 31.10
C ILE B 529 -5.92 15.46 30.57
N GLY B 530 -4.79 14.80 30.38
CA GLY B 530 -4.77 13.44 29.87
C GLY B 530 -4.38 13.28 28.43
N ASP B 531 -3.15 12.89 28.08
CA ASP B 531 -2.74 12.70 26.70
C ASP B 531 -3.61 11.66 25.96
N TYR B 532 -4.02 10.60 26.64
CA TYR B 532 -4.89 9.61 25.98
C TYR B 532 -6.36 9.72 26.41
N SER B 533 -6.60 9.98 27.68
CA SER B 533 -7.97 10.01 28.20
C SER B 533 -8.78 11.23 27.77
N ASN B 534 -8.15 12.39 27.56
CA ASN B 534 -8.92 13.60 27.23
C ASN B 534 -9.94 13.81 28.34
N THR B 535 -9.46 13.69 29.60
CA THR B 535 -10.28 13.86 30.77
C THR B 535 -11.00 15.22 30.82
N GLY B 536 -10.33 16.29 30.37
CA GLY B 536 -10.97 17.60 30.37
C GLY B 536 -10.01 18.69 29.95
N ILE B 537 -10.41 19.95 30.10
CA ILE B 537 -9.56 21.10 29.73
C ILE B 537 -9.40 21.93 31.01
N LEU B 538 -8.17 22.33 31.34
CA LEU B 538 -7.89 23.12 32.52
C LEU B 538 -7.44 24.54 32.20
N ALA B 539 -7.87 25.51 32.99
CA ALA B 539 -7.38 26.87 32.87
C ALA B 539 -6.12 26.97 33.75
N MET B 540 -4.96 27.18 33.21
CA MET B 540 -3.69 27.31 33.93
C MET B 540 -3.52 28.78 34.32
N LYS B 541 -4.23 29.18 35.37
CA LYS B 541 -4.24 30.59 35.78
C LYS B 541 -2.95 31.12 36.38
N LYS B 542 -2.71 32.41 36.20
CA LYS B 542 -1.53 33.06 36.75
C LYS B 542 -1.58 33.03 38.27
N ILE B 543 -0.48 32.72 38.93
CA ILE B 543 -0.40 32.62 40.38
C ILE B 543 0.39 33.76 41.01
N VAL B 544 1.53 34.14 40.41
CA VAL B 544 2.36 35.24 40.89
C VAL B 544 2.90 36.10 39.75
N GLU B 545 3.31 37.35 40.07
CA GLU B 545 3.82 38.21 39.00
C GLU B 545 5.22 37.71 38.59
N PRO B 546 5.65 38.01 37.37
CA PRO B 546 6.95 37.64 36.88
C PRO B 546 8.06 38.06 37.84
N LEU B 547 8.99 37.17 38.11
CA LEU B 547 10.12 37.41 38.99
C LEU B 547 11.30 38.10 38.35
N TYR B 548 11.91 39.00 39.15
CA TYR B 548 13.11 39.73 38.72
C TYR B 548 12.93 40.36 37.35
N GLU B 549 13.79 40.08 36.39
CA GLU B 549 13.70 40.62 35.05
C GLU B 549 13.26 39.54 34.06
N ALA B 550 12.68 38.44 34.54
CA ALA B 550 12.21 37.42 33.61
C ALA B 550 11.03 37.86 32.76
N ARG B 551 10.99 37.33 31.53
CA ARG B 551 9.87 37.57 30.59
C ARG B 551 9.38 36.28 29.92
N SER B 552 8.13 36.20 29.43
CA SER B 552 7.74 34.91 28.82
C SER B 552 8.48 34.70 27.50
N ASP B 553 8.56 33.47 26.98
CA ASP B 553 9.21 33.25 25.68
C ASP B 553 8.44 34.02 24.60
N TYR B 554 7.12 34.06 24.69
CA TYR B 554 6.24 34.81 23.81
C TYR B 554 6.65 36.28 23.72
N ASP B 555 6.81 36.95 24.88
CA ASP B 555 7.18 38.36 24.86
C ASP B 555 8.55 38.57 24.24
N ILE B 556 9.53 37.69 24.53
CA ILE B 556 10.85 37.81 23.97
C ILE B 556 10.83 37.67 22.44
N PHE B 557 10.23 36.59 21.93
CA PHE B 557 10.21 36.36 20.47
C PHE B 557 9.43 37.44 19.72
N ALA B 558 8.39 38.00 20.30
CA ALA B 558 7.61 39.07 19.72
C ALA B 558 8.50 40.32 19.58
N ALA B 559 9.37 40.58 20.56
CA ALA B 559 10.29 41.71 20.47
C ALA B 559 11.33 41.53 19.38
N VAL B 560 11.87 40.33 19.21
CA VAL B 560 12.84 40.02 18.17
C VAL B 560 12.16 40.13 16.80
N ALA B 561 10.95 39.58 16.71
CA ALA B 561 10.24 39.65 15.41
C ALA B 561 9.97 41.12 15.07
N GLU B 562 9.61 41.98 16.02
CA GLU B 562 9.42 43.40 15.77
C GLU B 562 10.69 44.05 15.19
N ARG B 563 11.88 43.66 15.69
CA ARG B 563 13.14 44.21 15.21
C ARG B 563 13.52 43.71 13.82
N LEU B 564 12.94 42.60 13.36
CA LEU B 564 13.20 42.09 12.03
C LEU B 564 12.19 42.63 11.02
N GLY B 565 11.21 43.39 11.48
CA GLY B 565 10.16 43.97 10.68
C GLY B 565 8.97 43.03 10.50
N LYS B 566 8.80 42.08 11.42
CA LYS B 566 7.74 41.09 11.36
C LYS B 566 6.85 41.05 12.59
N GLY B 567 6.73 42.15 13.32
CA GLY B 567 5.93 42.18 14.53
C GLY B 567 4.50 41.73 14.43
N ALA B 568 3.75 42.36 13.52
CA ALA B 568 2.32 42.03 13.40
C ALA B 568 2.08 40.60 12.94
N GLU B 569 2.94 40.04 12.10
CA GLU B 569 2.82 38.66 11.66
C GLU B 569 2.98 37.67 12.81
N PHE B 570 3.88 37.99 13.74
CA PHE B 570 4.09 37.15 14.90
C PHE B 570 2.91 37.16 15.86
N THR B 571 2.37 38.31 16.25
CA THR B 571 1.31 38.34 17.24
C THR B 571 -0.09 38.08 16.68
N GLU B 572 -0.27 38.32 15.38
CA GLU B 572 -1.61 38.15 14.80
C GLU B 572 -2.61 39.15 15.36
N GLY B 573 -2.19 40.29 15.89
CA GLY B 573 -3.07 41.26 16.51
C GLY B 573 -3.76 40.80 17.78
N LYS B 574 -3.32 39.74 18.46
CA LYS B 574 -3.98 39.25 19.66
C LYS B 574 -3.10 39.43 20.90
N ASP B 575 -3.67 39.46 22.09
CA ASP B 575 -2.85 39.51 23.33
C ASP B 575 -3.03 38.14 23.98
N GLU B 576 -2.46 37.88 25.14
CA GLU B 576 -2.52 36.58 25.81
C GLU B 576 -3.88 35.98 25.99
N MET B 577 -4.85 36.75 26.54
CA MET B 577 -6.20 36.22 26.74
C MET B 577 -6.96 36.09 25.42
N GLY B 578 -6.63 36.93 24.43
CA GLY B 578 -7.30 36.80 23.11
C GLY B 578 -6.92 35.49 22.42
N TRP B 579 -5.65 35.11 22.51
CA TRP B 579 -5.18 33.84 21.99
C TRP B 579 -5.87 32.67 22.70
N ILE B 580 -5.90 32.69 24.03
CA ILE B 580 -6.49 31.63 24.85
C ILE B 580 -7.97 31.41 24.57
N LYS B 581 -8.71 32.53 24.46
CA LYS B 581 -10.13 32.44 24.13
C LYS B 581 -10.33 31.85 22.75
N SER B 582 -9.46 32.18 21.78
CA SER B 582 -9.68 31.62 20.44
C SER B 582 -9.54 30.10 20.43
N PHE B 583 -8.60 29.53 21.20
CA PHE B 583 -8.42 28.09 21.28
C PHE B 583 -9.62 27.44 21.97
N TYR B 584 -10.12 28.02 23.06
CA TYR B 584 -11.29 27.51 23.74
C TYR B 584 -12.52 27.50 22.83
N ASP B 585 -12.82 28.63 22.20
CA ASP B 585 -13.98 28.73 21.33
C ASP B 585 -13.95 27.70 20.20
N ASP B 586 -12.79 27.43 19.60
CA ASP B 586 -12.74 26.42 18.53
C ASP B 586 -13.09 25.02 19.03
N ALA B 587 -12.56 24.68 20.22
CA ALA B 587 -12.87 23.41 20.86
C ALA B 587 -14.34 23.28 21.20
N ALA B 588 -14.98 24.34 21.69
CA ALA B 588 -16.37 24.35 22.05
C ALA B 588 -17.25 24.11 20.81
N LYS B 589 -16.90 24.74 19.70
CA LYS B 589 -17.64 24.60 18.45
C LYS B 589 -17.61 23.15 17.96
N GLN B 590 -16.43 22.55 18.07
CA GLN B 590 -16.22 21.15 17.69
C GLN B 590 -17.03 20.25 18.61
N GLY B 591 -17.04 20.56 19.90
CA GLY B 591 -17.81 19.82 20.90
C GLY B 591 -19.31 19.88 20.67
N LYS B 592 -19.85 21.08 20.44
CA LYS B 592 -21.28 21.27 20.19
C LYS B 592 -21.71 20.49 18.96
N ALA B 593 -20.88 20.40 17.93
CA ALA B 593 -21.18 19.65 16.73
C ALA B 593 -21.22 18.14 16.94
N ALA B 594 -20.55 17.64 17.97
CA ALA B 594 -20.50 16.23 18.31
C ALA B 594 -21.45 15.84 19.43
N GLY B 595 -22.22 16.79 19.95
CA GLY B 595 -23.12 16.52 21.06
C GLY B 595 -22.49 16.59 22.45
N VAL B 596 -21.35 17.26 22.60
CA VAL B 596 -20.74 17.42 23.91
C VAL B 596 -21.04 18.85 24.40
N GLU B 597 -21.67 18.99 25.55
CA GLU B 597 -22.04 20.33 26.00
C GLU B 597 -20.93 21.05 26.73
N MET B 598 -20.63 22.28 26.33
CA MET B 598 -19.58 23.03 27.01
C MET B 598 -20.06 24.48 27.24
N PRO B 599 -19.63 25.05 28.35
CA PRO B 599 -20.02 26.42 28.69
C PRO B 599 -19.35 27.48 27.84
N ALA B 600 -19.80 28.74 27.94
CA ALA B 600 -19.13 29.84 27.27
C ALA B 600 -17.77 30.08 27.99
N PHE B 601 -16.86 30.79 27.34
CA PHE B 601 -15.52 31.03 27.90
C PHE B 601 -15.50 31.58 29.31
N ASP B 602 -16.26 32.64 29.62
CA ASP B 602 -16.24 33.20 30.98
C ASP B 602 -16.70 32.22 32.03
N ALA B 603 -17.71 31.38 31.74
CA ALA B 603 -18.16 30.40 32.71
C ALA B 603 -17.13 29.28 32.90
N PHE B 604 -16.44 28.88 31.83
CA PHE B 604 -15.38 27.88 31.93
C PHE B 604 -14.22 28.44 32.77
N TRP B 605 -13.84 29.68 32.52
CA TRP B 605 -12.74 30.34 33.28
C TRP B 605 -13.12 30.50 34.75
N ALA B 606 -14.39 30.83 35.04
CA ALA B 606 -14.83 30.98 36.43
C ALA B 606 -14.74 29.66 37.20
N GLU B 607 -15.06 28.53 36.57
CA GLU B 607 -14.99 27.24 37.23
C GLU B 607 -13.57 26.68 37.22
N GLY B 608 -12.76 27.02 36.22
CA GLY B 608 -11.38 26.64 36.10
C GLY B 608 -11.12 25.33 35.37
N ILE B 609 -12.19 24.59 35.07
CA ILE B 609 -12.04 23.28 34.41
C ILE B 609 -13.35 22.77 33.80
N VAL B 610 -13.29 21.97 32.76
CA VAL B 610 -14.46 21.39 32.11
C VAL B 610 -14.17 19.88 32.02
N GLU B 611 -14.99 18.99 32.54
CA GLU B 611 -14.72 17.56 32.40
C GLU B 611 -15.61 16.92 31.34
N PHE B 612 -15.15 15.89 30.63
CA PHE B 612 -15.99 15.30 29.57
C PHE B 612 -16.49 13.92 29.94
N PRO B 613 -17.64 13.47 29.43
CA PRO B 613 -18.17 12.17 29.73
C PRO B 613 -17.54 11.01 28.97
N VAL B 614 -17.42 9.85 29.61
CA VAL B 614 -16.96 8.64 28.95
C VAL B 614 -18.18 7.88 28.39
N THR B 615 -18.19 7.59 27.10
CA THR B 615 -19.28 6.82 26.50
C THR B 615 -18.89 5.36 26.31
N ASP B 616 -18.17 5.00 25.26
CA ASP B 616 -17.76 3.61 25.08
C ASP B 616 -16.26 3.39 25.28
N GLY B 617 -15.54 4.42 25.73
CA GLY B 617 -14.11 4.35 25.95
C GLY B 617 -13.59 3.27 26.87
N ALA B 618 -14.30 2.85 27.89
CA ALA B 618 -13.90 1.79 28.79
C ALA B 618 -13.95 0.38 28.20
N ASP B 619 -14.45 0.19 26.99
CA ASP B 619 -14.55 -1.10 26.33
C ASP B 619 -13.57 -1.23 25.17
N PHE B 620 -12.64 -0.29 25.00
CA PHE B 620 -11.72 -0.29 23.87
C PHE B 620 -10.74 -1.45 23.91
N VAL B 621 -10.60 -2.16 22.79
CA VAL B 621 -9.68 -3.29 22.65
C VAL B 621 -8.80 -3.09 21.43
N ARG B 622 -7.47 -2.91 21.59
CA ARG B 622 -6.64 -2.67 20.42
C ARG B 622 -6.59 -3.89 19.51
N TYR B 623 -6.69 -3.68 18.21
CA TYR B 623 -6.61 -4.69 17.18
C TYR B 623 -7.83 -5.57 17.00
N ALA B 624 -8.93 -5.33 17.71
CA ALA B 624 -10.16 -6.09 17.54
C ALA B 624 -10.73 -6.03 16.14
N SER B 625 -10.77 -4.87 15.45
CA SER B 625 -11.39 -4.88 14.11
C SER B 625 -10.56 -5.65 13.12
N PHE B 626 -9.24 -5.52 13.21
CA PHE B 626 -8.29 -6.23 12.37
C PHE B 626 -8.46 -7.72 12.58
N ARG B 627 -8.71 -8.15 13.81
CA ARG B 627 -8.89 -9.58 14.09
C ARG B 627 -10.26 -10.11 13.67
N GLU B 628 -11.27 -9.25 13.62
CA GLU B 628 -12.61 -9.69 13.22
C GLU B 628 -12.61 -9.93 11.72
N ASP B 629 -12.08 -8.95 10.97
CA ASP B 629 -12.03 -9.04 9.52
C ASP B 629 -10.85 -8.29 8.90
N PRO B 630 -9.77 -9.02 8.65
CA PRO B 630 -8.56 -8.47 8.06
C PRO B 630 -8.73 -7.96 6.65
N LEU B 631 -9.54 -8.63 5.82
CA LEU B 631 -9.71 -8.11 4.46
C LEU B 631 -10.50 -6.80 4.50
N LEU B 632 -11.49 -6.62 5.37
CA LEU B 632 -12.20 -5.36 5.44
C LEU B 632 -11.47 -4.37 6.36
N ASN B 633 -10.60 -4.81 7.29
CA ASN B 633 -9.93 -3.84 8.16
C ASN B 633 -8.43 -4.08 8.22
N PRO B 634 -7.73 -3.86 7.11
CA PRO B 634 -6.33 -4.19 7.00
C PRO B 634 -5.38 -3.21 7.68
N LEU B 635 -4.16 -3.70 7.90
CA LEU B 635 -3.14 -2.82 8.49
C LEU B 635 -2.58 -1.92 7.40
N GLY B 636 -1.88 -0.87 7.81
CA GLY B 636 -1.27 0.09 6.91
C GLY B 636 0.05 -0.34 6.29
N THR B 637 0.35 -1.64 6.25
CA THR B 637 1.58 -2.14 5.65
C THR B 637 1.32 -2.48 4.18
N PRO B 638 2.38 -2.69 3.43
CA PRO B 638 2.29 -3.06 2.03
C PRO B 638 1.44 -4.29 1.77
N THR B 639 1.54 -5.34 2.60
CA THR B 639 0.73 -6.53 2.43
C THR B 639 -0.63 -6.41 3.11
N GLY B 640 -0.77 -5.49 4.08
CA GLY B 640 -2.00 -5.31 4.83
C GLY B 640 -2.03 -6.19 6.07
N LEU B 641 -0.93 -6.90 6.33
CA LEU B 641 -0.81 -7.83 7.42
C LEU B 641 0.40 -7.52 8.33
N ILE B 642 0.61 -8.27 9.38
CA ILE B 642 1.79 -8.08 10.25
C ILE B 642 3.04 -8.64 9.59
N GLU B 643 4.03 -7.76 9.34
CA GLU B 643 5.21 -8.18 8.58
C GLU B 643 6.39 -8.61 9.42
N ILE B 644 6.48 -9.94 9.54
CA ILE B 644 7.53 -10.62 10.27
C ILE B 644 8.82 -10.57 9.46
N TYR B 645 8.67 -10.53 8.13
CA TYR B 645 9.80 -10.36 7.21
C TYR B 645 9.45 -9.19 6.31
N SER B 646 10.30 -8.18 6.15
CA SER B 646 9.92 -6.99 5.39
C SER B 646 10.68 -6.86 4.07
N LYS B 647 9.92 -6.88 2.98
CA LYS B 647 10.51 -6.74 1.64
C LYS B 647 11.05 -5.33 1.48
N ASN B 648 10.32 -4.31 1.91
CA ASN B 648 10.78 -2.93 1.83
C ASN B 648 12.12 -2.73 2.55
N ILE B 649 12.33 -3.37 3.69
CA ILE B 649 13.57 -3.23 4.42
C ILE B 649 14.68 -4.03 3.73
N GLU B 650 14.32 -5.21 3.20
CA GLU B 650 15.27 -6.02 2.44
C GLU B 650 15.90 -5.18 1.34
N LYS B 651 15.13 -4.41 0.59
CA LYS B 651 15.62 -3.57 -0.47
C LYS B 651 16.55 -2.46 -0.02
N MET B 652 16.43 -1.95 1.21
CA MET B 652 17.36 -0.89 1.65
C MET B 652 18.79 -1.42 1.76
N GLY B 653 18.94 -2.70 2.08
CA GLY B 653 20.23 -3.35 2.17
C GLY B 653 21.16 -2.67 3.16
N TYR B 654 20.66 -2.51 4.38
CA TYR B 654 21.45 -1.90 5.44
C TYR B 654 22.05 -3.04 6.23
N ASP B 655 23.37 -3.10 6.38
CA ASP B 655 24.01 -4.16 7.15
C ASP B 655 23.64 -4.20 8.63
N ASP B 656 23.25 -3.10 9.27
CA ASP B 656 22.88 -3.11 10.68
C ASP B 656 21.37 -3.18 10.93
N CYS B 657 20.56 -3.44 9.91
CA CYS B 657 19.12 -3.66 10.12
C CYS B 657 18.57 -4.59 9.03
N PRO B 658 18.61 -5.89 9.28
CA PRO B 658 18.12 -6.90 8.35
C PRO B 658 16.59 -6.90 8.22
N ALA B 659 16.10 -7.65 7.24
CA ALA B 659 14.72 -7.81 6.86
C ALA B 659 13.80 -8.57 7.80
N HIS B 660 14.28 -9.18 8.86
CA HIS B 660 13.45 -9.87 9.85
C HIS B 660 14.19 -9.75 11.18
N PRO B 661 13.55 -9.91 12.32
CA PRO B 661 14.20 -9.82 13.61
C PRO B 661 15.41 -10.72 13.70
N THR B 662 16.53 -10.16 14.15
CA THR B 662 17.82 -10.82 14.22
C THR B 662 18.63 -10.37 15.43
N TRP B 663 19.27 -11.32 16.07
CA TRP B 663 20.17 -11.03 17.18
C TRP B 663 21.54 -10.64 16.64
N MET B 664 22.01 -9.45 16.94
CA MET B 664 23.30 -8.91 16.51
C MET B 664 24.06 -8.44 17.75
N GLU B 665 25.36 -8.63 17.81
CA GLU B 665 26.13 -8.17 18.96
C GLU B 665 26.24 -6.66 19.03
N PRO B 666 25.96 -6.04 20.18
CA PRO B 666 26.06 -4.62 20.35
C PRO B 666 27.48 -4.08 20.46
N LEU B 667 27.64 -2.76 20.32
CA LEU B 667 28.91 -2.06 20.44
C LEU B 667 29.75 -2.57 21.59
N GLU B 668 29.11 -2.70 22.74
CA GLU B 668 29.68 -3.15 24.01
C GLU B 668 28.54 -3.69 24.85
N ARG B 669 28.69 -4.77 25.60
CA ARG B 669 27.67 -5.31 26.48
C ARG B 669 28.26 -6.10 27.64
N LEU B 670 27.57 -6.16 28.77
CA LEU B 670 28.01 -6.90 29.95
C LEU B 670 28.38 -8.35 29.59
N ASP B 671 29.58 -8.77 29.95
CA ASP B 671 30.06 -10.11 29.61
C ASP B 671 30.10 -10.40 28.13
N GLY B 672 30.20 -9.38 27.29
CA GLY B 672 30.19 -9.58 25.85
C GLY B 672 31.58 -9.93 25.32
N PRO B 673 31.60 -10.48 24.11
CA PRO B 673 32.86 -10.87 23.48
C PRO B 673 33.75 -9.65 23.30
N GLY B 674 34.92 -9.71 23.92
CA GLY B 674 35.90 -8.65 23.90
C GLY B 674 35.47 -7.42 24.70
N ALA B 675 34.52 -7.50 25.63
CA ALA B 675 34.11 -6.33 26.39
C ALA B 675 35.29 -5.79 27.21
N LYS B 676 35.58 -4.50 27.10
CA LYS B 676 36.67 -3.90 27.86
C LYS B 676 36.33 -3.51 29.28
N TYR B 677 35.10 -3.13 29.61
CA TYR B 677 34.79 -2.72 31.00
C TYR B 677 33.81 -3.67 31.65
N PRO B 678 33.79 -3.77 32.97
CA PRO B 678 33.03 -4.77 33.68
C PRO B 678 31.59 -4.55 34.08
N LEU B 679 31.13 -3.31 34.25
CA LEU B 679 29.76 -3.10 34.75
C LEU B 679 28.85 -2.37 33.77
N HIS B 680 27.59 -2.78 33.64
CA HIS B 680 26.65 -2.07 32.75
C HIS B 680 25.99 -0.93 33.55
N ILE B 681 25.81 0.24 32.93
CA ILE B 681 25.13 1.32 33.64
C ILE B 681 23.67 1.43 33.18
N ALA B 682 22.73 1.08 34.06
CA ALA B 682 21.29 1.23 33.74
C ALA B 682 21.04 2.75 33.83
N ALA B 683 21.19 3.43 32.69
CA ALA B 683 21.09 4.89 32.71
C ALA B 683 19.65 5.30 32.43
N SER B 684 18.80 4.99 33.40
CA SER B 684 17.35 5.12 33.20
C SER B 684 16.70 6.37 33.78
N HIS B 685 15.38 6.53 33.59
CA HIS B 685 14.70 7.79 34.02
C HIS B 685 14.63 7.92 35.52
N PRO B 686 14.89 9.12 36.08
CA PRO B 686 14.94 9.37 37.49
C PRO B 686 13.60 9.32 38.22
N PHE B 687 13.58 8.83 39.45
CA PHE B 687 12.37 8.70 40.25
C PHE B 687 11.88 10.05 40.77
N ASN B 688 12.84 10.86 41.25
CA ASN B 688 12.53 12.15 41.83
C ASN B 688 12.94 13.40 41.05
N ARG B 689 12.98 13.29 39.74
CA ARG B 689 13.15 14.39 38.80
C ARG B 689 12.32 14.06 37.56
N LEU B 690 12.15 15.05 36.69
CA LEU B 690 11.65 14.85 35.33
C LEU B 690 12.90 15.18 34.49
N HIS B 691 13.69 14.17 34.13
CA HIS B 691 14.95 14.34 33.41
C HIS B 691 15.84 15.21 34.30
N SER B 692 16.24 16.40 33.86
CA SER B 692 17.05 17.30 34.66
C SER B 692 16.19 18.26 35.52
N GLN B 693 14.89 18.34 35.22
CA GLN B 693 14.08 19.31 35.97
C GLN B 693 14.07 18.96 37.44
N LEU B 694 14.14 20.00 38.27
CA LEU B 694 14.12 19.95 39.73
C LEU B 694 15.43 19.50 40.36
N ASN B 695 16.53 19.31 39.63
CA ASN B 695 17.82 18.97 40.29
C ASN B 695 18.30 20.11 41.19
N GLY B 696 18.06 21.35 40.79
CA GLY B 696 18.43 22.54 41.55
C GLY B 696 17.34 23.03 42.48
N THR B 697 16.76 22.15 43.29
CA THR B 697 15.73 22.46 44.26
C THR B 697 15.98 21.70 45.58
N VAL B 698 15.13 21.89 46.59
CA VAL B 698 15.22 21.16 47.84
C VAL B 698 15.03 19.65 47.75
N LEU B 699 14.47 19.09 46.69
CA LEU B 699 14.34 17.65 46.58
C LEU B 699 15.70 16.93 46.56
N ARG B 700 16.74 17.57 46.05
CA ARG B 700 18.06 16.98 45.88
C ARG B 700 18.65 16.42 47.16
N GLU B 701 18.42 17.10 48.28
CA GLU B 701 18.87 16.70 49.60
C GLU B 701 18.30 15.37 50.04
N GLY B 702 17.19 14.91 49.46
CA GLY B 702 16.62 13.62 49.79
C GLY B 702 17.32 12.46 49.11
N TYR B 703 18.01 12.65 47.98
CA TYR B 703 18.65 11.51 47.34
C TYR B 703 20.15 11.67 47.20
N ALA B 704 20.71 12.86 47.39
CA ALA B 704 22.15 13.04 47.21
C ALA B 704 23.01 12.27 48.20
N VAL B 705 24.18 11.76 47.77
CA VAL B 705 25.08 11.02 48.66
C VAL B 705 26.38 11.82 48.68
N GLN B 706 26.64 12.47 49.80
CA GLN B 706 27.75 13.40 50.00
C GLN B 706 27.70 14.53 48.98
N GLY B 707 26.49 14.98 48.58
CA GLY B 707 26.39 16.05 47.59
C GLY B 707 26.32 15.58 46.15
N HIS B 708 26.66 14.33 45.79
CA HIS B 708 26.66 13.86 44.43
C HIS B 708 25.41 13.09 44.02
N GLU B 709 25.27 12.84 42.71
CA GLU B 709 24.16 11.99 42.25
C GLU B 709 24.41 10.57 42.75
N PRO B 710 23.39 9.83 43.21
CA PRO B 710 23.55 8.49 43.67
C PRO B 710 23.86 7.42 42.64
N CYS B 711 24.58 6.39 43.11
CA CYS B 711 24.92 5.21 42.29
C CYS B 711 24.54 3.95 43.07
N LEU B 712 23.65 3.10 42.56
CA LEU B 712 23.27 1.87 43.25
C LEU B 712 24.25 0.77 42.83
N MET B 713 24.83 0.06 43.78
CA MET B 713 25.78 -1.02 43.47
C MET B 713 25.52 -2.25 44.30
N HIS B 714 25.70 -3.44 43.75
CA HIS B 714 25.48 -4.70 44.48
C HIS B 714 26.59 -4.93 45.50
N PRO B 715 26.28 -5.54 46.66
CA PRO B 715 27.25 -5.81 47.69
C PRO B 715 28.46 -6.62 47.22
N ASP B 716 28.36 -7.53 46.27
CA ASP B 716 29.54 -8.27 45.80
C ASP B 716 30.46 -7.42 44.95
N ASP B 717 29.87 -6.56 44.10
CA ASP B 717 30.65 -5.66 43.27
C ASP B 717 31.32 -4.59 44.14
N ALA B 718 30.66 -4.12 45.20
CA ALA B 718 31.25 -3.13 46.09
C ALA B 718 32.43 -3.68 46.87
N ALA B 719 32.27 -4.90 47.39
CA ALA B 719 33.31 -5.50 48.21
C ALA B 719 34.62 -5.71 47.45
N ALA B 720 34.56 -6.03 46.17
CA ALA B 720 35.79 -6.26 45.39
C ALA B 720 36.62 -4.99 45.20
N ARG B 721 36.01 -3.79 45.34
CA ARG B 721 36.69 -2.54 45.14
C ARG B 721 36.94 -1.77 46.44
N GLY B 722 36.59 -2.35 47.56
CA GLY B 722 36.78 -1.84 48.90
C GLY B 722 35.82 -0.68 49.21
N ILE B 723 34.64 -0.68 48.59
CA ILE B 723 33.68 0.40 48.76
C ILE B 723 32.66 0.11 49.83
N ALA B 724 32.31 1.12 50.63
CA ALA B 724 31.30 1.00 51.66
C ALA B 724 30.10 1.92 51.34
N ASP B 725 28.96 1.62 51.91
CA ASP B 725 27.73 2.39 51.73
C ASP B 725 27.99 3.85 52.08
N GLY B 726 27.73 4.77 51.16
CA GLY B 726 27.96 6.19 51.43
C GLY B 726 29.25 6.75 50.89
N ASP B 727 30.19 5.95 50.38
CA ASP B 727 31.44 6.47 49.86
C ASP B 727 31.33 7.21 48.52
N VAL B 728 32.23 8.14 48.26
CA VAL B 728 32.31 8.81 46.96
C VAL B 728 33.14 7.96 46.01
N VAL B 729 32.73 7.72 44.76
CA VAL B 729 33.44 6.88 43.80
C VAL B 729 33.68 7.56 42.45
N ARG B 730 34.68 7.11 41.68
CA ARG B 730 34.91 7.58 40.32
C ARG B 730 34.47 6.51 39.33
N VAL B 731 33.53 6.84 38.44
CA VAL B 731 33.00 5.93 37.41
C VAL B 731 33.62 6.36 36.08
N HIS B 732 34.29 5.49 35.33
CA HIS B 732 34.97 5.98 34.13
C HIS B 732 35.12 4.92 33.06
N ASN B 733 35.40 5.33 31.83
CA ASN B 733 35.63 4.40 30.72
C ASN B 733 36.55 5.13 29.74
N ASP B 734 36.62 4.72 28.49
CA ASP B 734 37.46 5.44 27.52
C ASP B 734 36.84 6.76 27.05
N ARG B 735 35.55 7.01 27.33
CA ARG B 735 34.96 8.26 26.89
C ARG B 735 34.97 9.33 27.95
N GLY B 736 35.02 8.94 29.22
CA GLY B 736 34.99 9.97 30.26
C GLY B 736 35.04 9.54 31.69
N GLN B 737 34.89 10.50 32.63
CA GLN B 737 34.94 10.19 34.05
C GLN B 737 34.07 11.15 34.86
N ILE B 738 33.36 10.62 35.88
CA ILE B 738 32.46 11.40 36.71
C ILE B 738 32.56 10.92 38.16
N LEU B 739 32.14 11.74 39.11
CA LEU B 739 32.06 11.29 40.48
C LEU B 739 30.61 10.99 40.89
N THR B 740 30.33 9.98 41.69
CA THR B 740 29.02 9.68 42.24
C THR B 740 29.16 9.21 43.69
N GLY B 741 28.03 9.07 44.40
CA GLY B 741 28.03 8.63 45.81
C GLY B 741 27.28 7.29 45.83
N VAL B 742 27.80 6.26 46.48
CA VAL B 742 27.16 4.96 46.44
C VAL B 742 26.20 4.57 47.53
N LYS B 743 25.15 3.86 47.15
CA LYS B 743 24.24 3.20 48.07
C LYS B 743 24.40 1.69 47.75
N VAL B 744 24.84 0.88 48.71
CA VAL B 744 24.96 -0.56 48.56
C VAL B 744 23.67 -1.32 48.79
N THR B 745 23.17 -2.06 47.80
CA THR B 745 21.91 -2.78 47.86
C THR B 745 21.90 -3.96 46.88
N ASP B 746 21.15 -5.01 47.19
CA ASP B 746 20.99 -6.10 46.22
C ASP B 746 19.77 -5.88 45.33
N ALA B 747 19.25 -4.65 45.26
CA ALA B 747 18.14 -4.37 44.31
C ALA B 747 18.65 -4.35 42.89
N VAL B 748 19.96 -4.10 42.71
CA VAL B 748 20.55 -4.14 41.37
C VAL B 748 21.24 -5.51 41.24
N MET B 749 21.08 -6.19 40.13
CA MET B 749 21.71 -7.50 39.92
C MET B 749 23.22 -7.30 39.83
N LYS B 750 23.95 -8.37 40.14
CA LYS B 750 25.40 -8.33 40.09
C LYS B 750 25.86 -7.97 38.68
N GLY B 751 26.86 -7.11 38.54
CA GLY B 751 27.36 -6.72 37.23
C GLY B 751 26.69 -5.46 36.67
N VAL B 752 25.69 -4.95 37.40
CA VAL B 752 24.93 -3.78 36.95
C VAL B 752 24.91 -2.68 38.01
N ILE B 753 25.14 -1.43 37.62
CA ILE B 753 25.01 -0.28 38.49
C ILE B 753 23.89 0.65 37.98
N GLN B 754 23.20 1.36 38.89
CA GLN B 754 22.13 2.27 38.47
C GLN B 754 22.53 3.72 38.68
N ILE B 755 22.66 4.51 37.61
CA ILE B 755 22.94 5.95 37.71
C ILE B 755 21.90 6.61 36.80
N TYR B 756 20.90 7.28 37.40
CA TYR B 756 19.84 7.84 36.53
C TYR B 756 20.29 8.98 35.62
N GLU B 757 19.70 9.14 34.44
CA GLU B 757 19.96 10.30 33.59
C GLU B 757 19.43 11.59 34.23
N GLY B 758 19.95 12.76 33.81
CA GLY B 758 19.43 14.03 34.28
C GLY B 758 20.24 14.81 35.29
N GLY B 759 21.39 14.32 35.70
CA GLY B 759 22.20 15.06 36.70
C GLY B 759 22.90 16.25 36.05
N TRP B 760 23.00 17.38 36.71
CA TRP B 760 23.61 18.59 36.18
C TRP B 760 25.14 18.56 36.13
N TYR B 761 25.66 18.24 34.93
CA TYR B 761 27.08 18.24 34.60
C TYR B 761 27.82 19.41 35.23
N ASP B 762 28.87 19.15 36.03
CA ASP B 762 29.61 20.25 36.69
C ASP B 762 31.11 20.04 36.47
N PRO B 763 31.63 20.42 35.31
CA PRO B 763 33.01 20.18 34.89
C PRO B 763 34.06 20.86 35.75
N SER B 764 35.16 20.18 36.05
CA SER B 764 36.16 20.82 36.93
C SER B 764 36.82 22.02 36.24
N ASP B 765 37.18 21.85 34.98
CA ASP B 765 37.79 22.90 34.18
C ASP B 765 37.40 22.81 32.72
N VAL B 766 36.55 23.70 32.20
CA VAL B 766 36.11 23.55 30.81
C VAL B 766 37.21 23.64 29.77
N THR B 767 38.37 24.24 30.06
CA THR B 767 39.48 24.30 29.11
C THR B 767 40.30 23.00 29.08
N GLU B 768 40.05 22.02 29.94
CA GLU B 768 40.79 20.77 29.97
C GLU B 768 40.00 19.62 29.35
N PRO B 769 40.49 19.06 28.25
CA PRO B 769 39.84 17.94 27.57
C PRO B 769 39.68 16.77 28.51
N GLY B 770 38.52 16.13 28.57
CA GLY B 770 38.30 15.00 29.46
C GLY B 770 38.16 15.33 30.92
N THR B 771 37.97 16.60 31.28
CA THR B 771 37.86 17.01 32.67
C THR B 771 36.82 16.22 33.45
N LEU B 772 37.10 15.97 34.73
CA LEU B 772 36.25 15.26 35.65
C LEU B 772 34.95 16.00 35.97
N ASP B 773 33.80 15.32 35.85
CA ASP B 773 32.53 15.93 36.23
C ASP B 773 32.36 15.71 37.73
N LYS B 774 32.24 16.79 38.50
CA LYS B 774 32.08 16.68 39.94
C LYS B 774 30.72 16.23 40.44
N TYR B 775 29.64 16.32 39.67
CA TYR B 775 28.34 15.97 40.26
C TYR B 775 27.77 14.62 39.88
N GLY B 776 27.72 14.31 38.59
CA GLY B 776 27.19 13.02 38.15
C GLY B 776 26.26 12.99 36.95
N ASP B 777 26.67 13.50 35.80
CA ASP B 777 25.90 13.43 34.56
C ASP B 777 26.29 12.11 33.86
N VAL B 778 25.40 11.12 33.85
CA VAL B 778 25.74 9.83 33.23
C VAL B 778 26.06 9.91 31.75
N ASN B 779 25.64 10.96 31.04
CA ASN B 779 25.93 11.11 29.62
C ASN B 779 27.36 11.55 29.31
N VAL B 780 28.19 11.71 30.33
CA VAL B 780 29.62 11.92 30.14
C VAL B 780 30.24 10.56 29.75
N LEU B 781 29.57 9.45 30.09
CA LEU B 781 30.01 8.09 29.84
C LEU B 781 29.39 7.37 28.67
N SER B 782 28.30 7.92 28.10
CA SER B 782 27.63 7.21 27.00
C SER B 782 28.31 7.45 25.66
N ALA B 783 28.07 6.63 24.63
CA ALA B 783 28.60 6.85 23.30
C ALA B 783 27.53 7.50 22.42
N ASP B 784 27.92 8.23 21.39
CA ASP B 784 27.02 8.91 20.50
C ASP B 784 27.00 8.30 19.10
N ILE B 785 26.17 7.28 18.93
CA ILE B 785 26.05 6.49 17.71
C ILE B 785 24.59 6.15 17.40
N GLY B 786 24.29 5.83 16.16
CA GLY B 786 22.92 5.54 15.77
C GLY B 786 22.52 4.12 16.09
N THR B 787 21.24 3.86 16.34
CA THR B 787 20.78 2.48 16.57
C THR B 787 21.13 1.59 15.36
N SER B 788 20.92 2.12 14.18
CA SER B 788 21.28 1.46 12.92
C SER B 788 21.04 2.48 11.83
N LYS B 789 21.20 2.13 10.56
CA LYS B 789 20.94 3.06 9.47
C LYS B 789 19.46 3.27 9.21
N LEU B 790 18.58 2.39 9.67
CA LEU B 790 17.14 2.56 9.51
C LEU B 790 16.59 3.77 10.28
N ALA B 791 16.78 3.84 11.59
CA ALA B 791 16.16 4.93 12.38
C ALA B 791 17.14 5.96 12.91
N GLN B 792 18.41 5.61 13.03
CA GLN B 792 19.39 6.58 13.54
C GLN B 792 18.97 7.08 14.93
N GLY B 793 18.46 6.21 15.79
CA GLY B 793 18.04 6.62 17.12
C GLY B 793 19.23 6.72 18.08
N ASN B 794 19.05 7.34 19.26
CA ASN B 794 20.14 7.39 20.23
C ASN B 794 20.28 6.08 20.98
N CYS B 795 21.49 5.76 21.45
CA CYS B 795 21.81 4.56 22.19
C CYS B 795 22.27 4.90 23.60
N GLY B 796 21.50 5.74 24.33
CA GLY B 796 21.87 6.17 25.67
C GLY B 796 21.92 5.18 26.79
N GLN B 797 21.48 3.94 26.61
CA GLN B 797 21.55 2.89 27.63
C GLN B 797 22.45 1.73 27.22
N THR B 798 23.29 1.92 26.23
CA THR B 798 24.32 0.91 25.86
C THR B 798 25.61 1.45 26.48
N VAL B 799 25.89 1.15 27.74
CA VAL B 799 27.01 1.81 28.42
C VAL B 799 27.71 0.89 29.41
N LEU B 800 29.00 0.61 29.28
CA LEU B 800 29.72 -0.15 30.28
C LEU B 800 30.81 0.76 30.91
N ALA B 801 31.16 0.50 32.16
CA ALA B 801 32.20 1.26 32.83
C ALA B 801 32.82 0.48 33.98
N GLU B 802 33.90 1.09 34.54
CA GLU B 802 34.59 0.62 35.71
C GLU B 802 34.34 1.59 36.87
N VAL B 803 34.36 1.13 38.11
CA VAL B 803 34.15 2.00 39.27
C VAL B 803 35.31 1.83 40.26
N GLU B 804 35.81 2.91 40.87
CA GLU B 804 36.84 2.76 41.89
C GLU B 804 36.61 3.74 43.04
N LYS B 805 36.95 3.31 44.25
CA LYS B 805 36.83 4.21 45.41
C LYS B 805 37.62 5.48 45.13
N TYR B 806 37.04 6.68 45.32
CA TYR B 806 37.72 7.92 45.07
C TYR B 806 38.49 8.35 46.33
N THR B 807 39.78 8.59 46.16
CA THR B 807 40.59 8.98 47.32
C THR B 807 41.34 10.27 46.99
N GLY B 808 40.86 10.98 45.97
CA GLY B 808 41.50 12.23 45.56
C GLY B 808 41.15 13.36 46.50
N PRO B 809 41.57 14.56 46.09
CA PRO B 809 41.26 15.76 46.84
C PRO B 809 39.76 16.03 46.80
N ALA B 810 39.25 16.58 47.88
CA ALA B 810 37.87 16.95 48.05
C ALA B 810 37.53 18.03 47.01
N VAL B 811 36.37 17.92 46.39
CA VAL B 811 35.96 18.81 45.31
C VAL B 811 34.91 19.79 45.77
N THR B 812 34.78 20.95 45.14
CA THR B 812 33.71 21.87 45.57
C THR B 812 32.60 21.87 44.53
N LEU B 813 31.37 21.56 44.89
CA LEU B 813 30.26 21.57 43.92
C LEU B 813 29.89 22.97 43.48
N THR B 814 29.94 23.28 42.20
CA THR B 814 29.60 24.62 41.72
C THR B 814 28.34 24.71 40.86
N GLY B 815 27.60 23.64 40.62
CA GLY B 815 26.45 23.72 39.72
C GLY B 815 25.15 24.16 40.32
N PHE B 816 25.05 24.29 41.64
CA PHE B 816 23.78 24.66 42.27
C PHE B 816 23.73 26.08 42.81
N VAL B 817 24.64 26.95 42.38
CA VAL B 817 24.53 28.38 42.73
C VAL B 817 24.61 29.17 41.44
N ALA B 818 24.12 30.40 41.30
CA ALA B 818 24.24 31.07 39.99
C ALA B 818 25.67 31.60 39.81
N PRO B 819 26.06 31.90 38.59
CA PRO B 819 27.31 32.58 38.32
C PRO B 819 27.24 33.93 39.03
N LYS B 820 28.34 34.34 39.64
CA LYS B 820 28.41 35.54 40.44
C LYS B 820 27.88 36.82 39.83
N ALA B 821 28.18 37.09 38.57
CA ALA B 821 27.67 38.30 37.91
C ALA B 821 26.16 38.25 37.71
N ALA B 822 25.53 37.09 37.84
CA ALA B 822 24.07 36.94 37.70
C ALA B 822 23.31 36.85 38.99
N GLU B 823 23.99 36.97 40.13
CA GLU B 823 23.41 36.85 41.45
C GLU B 823 22.68 38.08 41.97
#